data_2HUG
#
_entry.id   2HUG
#
loop_
_entity.id
_entity.type
_entity.pdbx_description
1 polymer 'Signal recognition particle 43 kDa protein, chloroplast'
2 polymer 'Signal recognition particle 54 kDa protein, chloroplast'
#
loop_
_entity_poly.entity_id
_entity_poly.type
_entity_poly.pdbx_seq_one_letter_code
_entity_poly.pdbx_strand_id
1 'polypeptide(L)' GSQVFEYAEVDEIVEKRGKGKDVEYLVRWKDGGDCEWVKGVHVAEDVAKDYEDGLEY A
2 'polypeptide(L)' APPGTARRKRKADS B
#
# COMPACT_ATOMS: atom_id res chain seq x y z
N GLY A 1 -1.57 11.62 -2.54
CA GLY A 1 -2.20 12.70 -3.35
C GLY A 1 -1.49 12.95 -4.66
N SER A 2 -0.92 11.89 -5.24
CA SER A 2 -0.20 12.00 -6.51
C SER A 2 0.41 10.67 -6.92
N GLN A 3 0.80 9.88 -5.92
CA GLN A 3 1.38 8.57 -6.17
C GLN A 3 0.27 7.53 -6.29
N VAL A 4 0.39 6.65 -7.27
CA VAL A 4 -0.61 5.62 -7.49
C VAL A 4 -0.29 4.35 -6.72
N PHE A 5 0.03 4.50 -5.43
CA PHE A 5 0.33 3.35 -4.59
C PHE A 5 0.88 3.76 -3.23
N GLU A 6 0.70 2.89 -2.23
CA GLU A 6 1.18 3.14 -0.88
C GLU A 6 1.86 1.92 -0.29
N TYR A 7 2.93 2.15 0.46
CA TYR A 7 3.68 1.08 1.09
C TYR A 7 3.13 0.76 2.47
N ALA A 8 2.74 -0.50 2.66
CA ALA A 8 2.22 -0.93 3.94
C ALA A 8 3.23 -1.82 4.66
N GLU A 9 4.45 -1.32 4.81
CA GLU A 9 5.49 -2.10 5.47
C GLU A 9 5.81 -1.61 6.85
N VAL A 10 6.69 -2.32 7.50
CA VAL A 10 7.10 -2.01 8.84
C VAL A 10 8.47 -1.36 8.86
N ASP A 11 9.26 -1.64 7.83
CA ASP A 11 10.61 -1.07 7.72
C ASP A 11 11.01 -0.90 6.25
N GLU A 12 10.66 -1.88 5.42
CA GLU A 12 11.03 -1.84 4.00
C GLU A 12 10.04 -2.60 3.12
N ILE A 13 10.08 -2.33 1.82
CA ILE A 13 9.20 -2.99 0.86
C ILE A 13 10.03 -3.48 -0.33
N VAL A 14 9.36 -3.90 -1.41
CA VAL A 14 10.06 -4.36 -2.60
C VAL A 14 9.23 -4.09 -3.86
N GLU A 15 7.97 -4.46 -3.81
CA GLU A 15 7.07 -4.24 -4.94
C GLU A 15 6.22 -3.00 -4.72
N LYS A 16 5.91 -2.29 -5.80
CA LYS A 16 5.10 -1.08 -5.70
C LYS A 16 4.32 -0.80 -6.98
N ARG A 17 3.11 -1.33 -7.09
CA ARG A 17 2.29 -1.12 -8.29
C ARG A 17 0.80 -1.25 -7.97
N GLY A 18 0.15 -0.16 -7.56
CA GLY A 18 -1.25 -0.26 -7.23
C GLY A 18 -2.06 1.01 -7.42
N LYS A 19 -2.92 1.26 -6.43
CA LYS A 19 -3.80 2.42 -6.44
C LYS A 19 -3.45 3.35 -5.26
N GLY A 20 -4.41 3.64 -4.38
CA GLY A 20 -4.11 4.47 -3.25
C GLY A 20 -3.68 3.58 -2.13
N LYS A 21 -4.41 2.50 -2.03
CA LYS A 21 -4.14 1.46 -1.05
C LYS A 21 -4.36 0.07 -1.66
N ASP A 22 -4.59 0.01 -2.98
CA ASP A 22 -4.81 -1.25 -3.67
C ASP A 22 -3.51 -1.85 -4.15
N VAL A 23 -2.41 -1.27 -3.70
CA VAL A 23 -1.11 -1.72 -4.09
C VAL A 23 -0.62 -2.82 -3.17
N GLU A 24 0.20 -3.69 -3.71
CA GLU A 24 0.73 -4.79 -2.93
C GLU A 24 2.24 -4.62 -2.75
N TYR A 25 2.63 -3.99 -1.65
CA TYR A 25 4.02 -3.76 -1.35
C TYR A 25 4.57 -4.96 -0.59
N LEU A 26 5.75 -4.82 -0.02
CA LEU A 26 6.36 -5.87 0.77
C LEU A 26 6.72 -5.29 2.11
N VAL A 27 6.92 -6.13 3.11
CA VAL A 27 7.27 -5.60 4.41
C VAL A 27 8.34 -6.41 5.12
N ARG A 28 9.51 -5.81 5.24
CA ARG A 28 10.58 -6.42 5.99
C ARG A 28 10.34 -6.04 7.42
N TRP A 29 9.34 -6.70 7.99
CA TRP A 29 8.89 -6.47 9.36
C TRP A 29 10.01 -5.95 10.23
N LYS A 30 10.11 -4.62 10.28
CA LYS A 30 11.11 -3.90 11.08
C LYS A 30 11.56 -4.71 12.31
N ASP A 31 10.60 -5.42 12.92
CA ASP A 31 10.89 -6.26 14.08
C ASP A 31 10.53 -7.70 13.77
N GLY A 32 11.14 -8.23 12.71
CA GLY A 32 10.87 -9.60 12.29
C GLY A 32 12.07 -10.26 11.65
N GLY A 33 11.90 -11.50 11.20
CA GLY A 33 12.98 -12.22 10.57
C GLY A 33 12.69 -12.53 9.10
N ASP A 34 11.43 -12.35 8.70
CA ASP A 34 11.04 -12.61 7.31
C ASP A 34 10.33 -11.39 6.71
N CYS A 35 10.25 -11.36 5.39
CA CYS A 35 9.60 -10.26 4.69
C CYS A 35 8.36 -10.75 3.94
N GLU A 36 7.20 -10.22 4.31
CA GLU A 36 5.96 -10.63 3.66
C GLU A 36 5.40 -9.52 2.78
N TRP A 37 4.48 -9.90 1.91
CA TRP A 37 3.85 -8.97 0.97
C TRP A 37 2.63 -8.30 1.58
N VAL A 38 2.40 -7.06 1.14
CA VAL A 38 1.26 -6.27 1.59
C VAL A 38 0.05 -6.57 0.70
N LYS A 39 -1.13 -6.23 1.19
CA LYS A 39 -2.35 -6.48 0.46
C LYS A 39 -2.62 -5.42 -0.61
N GLY A 40 -2.41 -5.82 -1.86
CA GLY A 40 -2.66 -4.93 -2.97
C GLY A 40 -3.99 -5.17 -3.63
N VAL A 41 -4.99 -5.44 -2.80
CA VAL A 41 -6.34 -5.64 -3.28
C VAL A 41 -7.25 -4.52 -2.79
N HIS A 42 -6.67 -3.58 -2.04
CA HIS A 42 -7.45 -2.47 -1.51
C HIS A 42 -7.74 -1.46 -2.58
N VAL A 43 -8.70 -1.82 -3.40
CA VAL A 43 -9.14 -0.99 -4.52
C VAL A 43 -9.60 0.39 -4.10
N ALA A 44 -8.62 1.23 -3.81
CA ALA A 44 -8.88 2.61 -3.45
C ALA A 44 -8.85 3.47 -4.69
N GLU A 45 -9.59 3.03 -5.70
CA GLU A 45 -9.65 3.73 -6.98
C GLU A 45 -9.93 5.21 -6.73
N ASP A 46 -10.60 5.50 -5.63
CA ASP A 46 -10.91 6.86 -5.26
C ASP A 46 -9.67 7.56 -4.75
N VAL A 47 -8.90 6.86 -3.92
CA VAL A 47 -7.67 7.42 -3.39
C VAL A 47 -6.70 7.68 -4.53
N ALA A 48 -6.57 6.67 -5.39
CA ALA A 48 -5.70 6.67 -6.59
C ALA A 48 -6.19 7.67 -7.62
N LYS A 49 -7.46 7.55 -8.01
CA LYS A 49 -8.04 8.46 -8.99
C LYS A 49 -7.97 9.89 -8.46
N ASP A 50 -8.11 10.00 -7.15
CA ASP A 50 -8.05 11.30 -6.48
C ASP A 50 -6.62 11.61 -6.04
N TYR A 51 -5.74 10.61 -6.12
CA TYR A 51 -4.35 10.79 -5.72
C TYR A 51 -3.56 11.37 -6.87
N GLU A 52 -3.48 10.60 -7.95
CA GLU A 52 -2.73 11.01 -9.13
C GLU A 52 -3.62 11.83 -10.07
N ASP A 53 -4.82 11.33 -10.31
CA ASP A 53 -5.77 11.99 -11.18
C ASP A 53 -6.50 13.12 -10.47
N GLY A 54 -6.55 13.05 -9.14
CA GLY A 54 -7.22 14.07 -8.37
C GLY A 54 -6.51 15.41 -8.45
N LEU A 55 -5.18 15.38 -8.34
CA LEU A 55 -4.38 16.60 -8.41
C LEU A 55 -4.19 17.04 -9.86
N GLU A 56 -3.61 16.16 -10.67
CA GLU A 56 -3.37 16.47 -12.07
C GLU A 56 -4.57 16.06 -12.92
N TYR A 57 -5.70 16.71 -12.68
CA TYR A 57 -6.92 16.41 -13.42
C TYR A 57 -7.02 17.29 -14.66
N ALA B 1 -1.04 -6.15 15.14
CA ALA B 1 -2.15 -7.11 14.95
C ALA B 1 -1.76 -8.23 13.97
N PRO B 2 -1.68 -7.94 12.65
CA PRO B 2 -1.32 -8.95 11.66
C PRO B 2 0.19 -9.24 11.64
N PRO B 3 0.61 -10.42 12.09
CA PRO B 3 2.02 -10.81 12.11
C PRO B 3 2.57 -11.05 10.71
N GLY B 4 3.38 -10.11 10.23
CA GLY B 4 3.97 -10.23 8.91
C GLY B 4 3.85 -8.94 8.12
N THR B 5 2.77 -8.81 7.37
CA THR B 5 2.53 -7.61 6.57
C THR B 5 1.79 -6.54 7.36
N ALA B 6 1.73 -5.34 6.80
CA ALA B 6 1.06 -4.22 7.44
C ALA B 6 0.12 -3.51 6.47
N ARG B 7 -0.63 -2.53 6.98
CA ARG B 7 -1.57 -1.78 6.15
C ARG B 7 -1.28 -0.28 6.24
N ARG B 8 -1.08 0.38 5.09
CA ARG B 8 -0.80 1.81 5.07
C ARG B 8 -1.70 2.57 6.03
N LYS B 9 -3.01 2.45 5.83
CA LYS B 9 -4.00 3.11 6.67
C LYS B 9 -5.31 2.33 6.62
N ARG B 10 -6.44 2.97 6.92
CA ARG B 10 -7.72 2.30 6.85
C ARG B 10 -7.90 1.64 5.49
N LYS B 11 -7.19 2.20 4.50
CA LYS B 11 -7.25 1.68 3.13
C LYS B 11 -8.69 1.64 2.63
N ALA B 12 -9.05 2.63 1.83
CA ALA B 12 -10.39 2.71 1.27
C ALA B 12 -10.51 1.81 0.04
N ASP B 13 -11.37 0.81 0.12
CA ASP B 13 -11.56 -0.11 -1.01
C ASP B 13 -13.04 -0.25 -1.34
N SER B 14 -13.70 0.89 -1.58
CA SER B 14 -15.11 0.89 -1.92
C SER B 14 -15.94 0.25 -0.81
N GLY A 1 -1.06 11.36 -1.78
CA GLY A 1 -1.63 12.62 -2.31
C GLY A 1 -1.10 12.98 -3.69
N SER A 2 -0.67 11.97 -4.44
CA SER A 2 -0.13 12.18 -5.78
C SER A 2 0.38 10.87 -6.39
N GLN A 3 0.85 9.97 -5.55
CA GLN A 3 1.35 8.69 -6.02
C GLN A 3 0.22 7.68 -6.08
N VAL A 4 0.24 6.84 -7.09
CA VAL A 4 -0.78 5.83 -7.27
C VAL A 4 -0.34 4.53 -6.62
N PHE A 5 0.18 4.63 -5.40
CA PHE A 5 0.64 3.48 -4.66
C PHE A 5 1.13 3.89 -3.28
N GLU A 6 0.86 3.07 -2.28
CA GLU A 6 1.28 3.35 -0.91
C GLU A 6 2.00 2.15 -0.29
N TYR A 7 3.02 2.41 0.51
CA TYR A 7 3.77 1.33 1.12
C TYR A 7 3.18 0.91 2.45
N ALA A 8 2.60 -0.29 2.43
CA ALA A 8 2.00 -0.87 3.62
C ALA A 8 3.00 -1.78 4.31
N GLU A 9 4.20 -1.26 4.55
CA GLU A 9 5.27 -2.01 5.16
C GLU A 9 5.66 -1.47 6.51
N VAL A 10 6.46 -2.25 7.19
CA VAL A 10 6.91 -1.90 8.50
C VAL A 10 8.31 -1.27 8.48
N ASP A 11 9.16 -1.73 7.57
CA ASP A 11 10.50 -1.17 7.44
C ASP A 11 10.99 -1.13 5.98
N GLU A 12 10.60 -2.10 5.17
CA GLU A 12 11.05 -2.14 3.77
C GLU A 12 10.08 -2.87 2.86
N ILE A 13 10.17 -2.63 1.56
CA ILE A 13 9.29 -3.27 0.60
C ILE A 13 10.09 -3.74 -0.62
N VAL A 14 9.37 -4.15 -1.67
CA VAL A 14 10.00 -4.60 -2.91
C VAL A 14 9.09 -4.30 -4.10
N GLU A 15 7.87 -4.79 -4.02
CA GLU A 15 6.88 -4.55 -5.08
C GLU A 15 6.08 -3.30 -4.75
N LYS A 16 5.82 -2.45 -5.74
CA LYS A 16 5.05 -1.23 -5.49
C LYS A 16 4.29 -0.77 -6.73
N ARG A 17 3.07 -1.26 -6.93
CA ARG A 17 2.26 -0.86 -8.09
C ARG A 17 0.77 -1.02 -7.81
N GLY A 18 0.11 0.05 -7.34
CA GLY A 18 -1.30 -0.06 -7.06
C GLY A 18 -2.07 1.23 -7.17
N LYS A 19 -2.82 1.52 -6.10
CA LYS A 19 -3.65 2.70 -5.99
C LYS A 19 -3.22 3.51 -4.77
N GLY A 20 -4.12 3.78 -3.83
CA GLY A 20 -3.76 4.49 -2.64
C GLY A 20 -3.40 3.49 -1.59
N LYS A 21 -4.20 2.44 -1.58
CA LYS A 21 -4.01 1.32 -0.68
C LYS A 21 -4.22 -0.02 -1.42
N ASP A 22 -4.48 0.04 -2.74
CA ASP A 22 -4.71 -1.17 -3.53
C ASP A 22 -3.41 -1.74 -4.06
N VAL A 23 -2.32 -1.19 -3.58
CA VAL A 23 -1.02 -1.63 -4.01
C VAL A 23 -0.50 -2.76 -3.15
N GLU A 24 0.37 -3.57 -3.73
CA GLU A 24 0.95 -4.69 -3.03
C GLU A 24 2.40 -4.41 -2.71
N TYR A 25 2.67 -4.03 -1.48
CA TYR A 25 4.01 -3.71 -1.03
C TYR A 25 4.54 -4.82 -0.13
N LEU A 26 5.84 -5.01 -0.15
CA LEU A 26 6.47 -6.02 0.69
C LEU A 26 6.81 -5.39 2.02
N VAL A 27 6.94 -6.22 3.05
CA VAL A 27 7.26 -5.66 4.34
C VAL A 27 8.23 -6.49 5.15
N ARG A 28 9.41 -5.92 5.34
CA ARG A 28 10.42 -6.53 6.17
C ARG A 28 10.14 -6.04 7.55
N TRP A 29 9.14 -6.67 8.17
CA TRP A 29 8.67 -6.33 9.51
C TRP A 29 9.76 -5.69 10.35
N LYS A 30 9.80 -4.35 10.28
CA LYS A 30 10.76 -3.54 11.04
C LYS A 30 11.20 -4.22 12.34
N ASP A 31 10.26 -4.91 12.98
CA ASP A 31 10.53 -5.63 14.22
C ASP A 31 10.26 -7.13 14.02
N GLY A 32 10.93 -7.71 13.03
CA GLY A 32 10.74 -9.12 12.73
C GLY A 32 11.99 -9.79 12.21
N GLY A 33 11.82 -10.73 11.30
CA GLY A 33 12.96 -11.44 10.72
C GLY A 33 12.74 -11.78 9.26
N ASP A 34 11.56 -12.30 8.94
CA ASP A 34 11.22 -12.67 7.58
C ASP A 34 10.54 -11.51 6.86
N CYS A 35 10.13 -11.74 5.62
CA CYS A 35 9.47 -10.70 4.83
C CYS A 35 8.40 -11.30 3.91
N GLU A 36 7.26 -10.62 3.81
CA GLU A 36 6.17 -11.08 2.96
C GLU A 36 5.61 -9.92 2.13
N TRP A 37 4.57 -10.22 1.36
CA TRP A 37 3.94 -9.21 0.51
C TRP A 37 2.62 -8.73 1.10
N VAL A 38 2.30 -7.46 0.89
CA VAL A 38 1.06 -6.88 1.38
C VAL A 38 -0.03 -7.07 0.34
N LYS A 39 -1.28 -6.97 0.78
CA LYS A 39 -2.41 -7.15 -0.12
C LYS A 39 -2.63 -5.94 -1.01
N GLY A 40 -2.29 -6.11 -2.29
CA GLY A 40 -2.47 -5.06 -3.26
C GLY A 40 -3.81 -5.16 -3.97
N VAL A 41 -4.84 -5.49 -3.21
CA VAL A 41 -6.19 -5.59 -3.76
C VAL A 41 -7.10 -4.56 -3.10
N HIS A 42 -6.50 -3.72 -2.23
CA HIS A 42 -7.27 -2.70 -1.53
C HIS A 42 -7.59 -1.55 -2.46
N VAL A 43 -8.57 -1.83 -3.30
CA VAL A 43 -9.05 -0.88 -4.31
C VAL A 43 -9.54 0.42 -3.72
N ALA A 44 -8.59 1.25 -3.30
CA ALA A 44 -8.90 2.56 -2.77
C ALA A 44 -8.86 3.56 -3.92
N GLU A 45 -9.58 3.23 -4.99
CA GLU A 45 -9.63 4.06 -6.19
C GLU A 45 -9.84 5.51 -5.83
N ASP A 46 -10.49 5.74 -4.69
CA ASP A 46 -10.74 7.09 -4.22
C ASP A 46 -9.43 7.73 -3.78
N VAL A 47 -8.66 6.99 -3.00
CA VAL A 47 -7.39 7.48 -2.52
C VAL A 47 -6.50 7.83 -3.71
N ALA A 48 -6.44 6.90 -4.65
CA ALA A 48 -5.67 7.02 -5.90
C ALA A 48 -6.25 8.11 -6.79
N LYS A 49 -7.54 7.98 -7.12
CA LYS A 49 -8.20 8.96 -7.96
C LYS A 49 -8.07 10.34 -7.35
N ASP A 50 -8.10 10.38 -6.03
CA ASP A 50 -7.97 11.64 -5.31
C ASP A 50 -6.51 11.93 -4.96
N TYR A 51 -5.66 10.90 -5.07
CA TYR A 51 -4.24 11.05 -4.76
C TYR A 51 -3.53 11.77 -5.88
N GLU A 52 -3.59 11.14 -7.05
CA GLU A 52 -2.92 11.66 -8.23
C GLU A 52 -3.83 12.59 -9.02
N ASP A 53 -5.09 12.20 -9.15
CA ASP A 53 -6.08 12.98 -9.88
C ASP A 53 -6.75 14.02 -9.00
N GLY A 54 -6.88 13.72 -7.72
CA GLY A 54 -7.50 14.65 -6.79
C GLY A 54 -6.70 15.93 -6.64
N LEU A 55 -5.40 15.78 -6.40
CA LEU A 55 -4.53 16.93 -6.22
C LEU A 55 -4.43 17.74 -7.51
N GLU A 56 -3.75 17.18 -8.51
CA GLU A 56 -3.59 17.86 -9.79
C GLU A 56 -4.72 17.49 -10.75
N TYR A 57 -5.94 17.86 -10.38
CA TYR A 57 -7.10 17.58 -11.20
C TYR A 57 -7.16 18.52 -12.41
N ALA B 1 -1.15 -17.35 6.85
CA ALA B 1 -1.19 -15.89 6.57
C ALA B 1 0.22 -15.29 6.60
N PRO B 2 0.52 -14.39 5.66
CA PRO B 2 1.83 -13.74 5.58
C PRO B 2 1.98 -12.60 6.60
N PRO B 3 2.84 -12.76 7.60
CA PRO B 3 3.05 -11.74 8.64
C PRO B 3 3.66 -10.46 8.06
N GLY B 4 4.43 -10.60 6.99
CA GLY B 4 5.04 -9.45 6.36
C GLY B 4 4.02 -8.52 5.73
N THR B 5 3.35 -7.73 6.56
CA THR B 5 2.34 -6.80 6.09
C THR B 5 2.22 -5.59 7.00
N ALA B 6 1.64 -4.51 6.47
CA ALA B 6 1.44 -3.29 7.25
C ALA B 6 0.55 -2.31 6.48
N ARG B 7 -0.71 -2.68 6.29
CA ARG B 7 -1.67 -1.84 5.56
C ARG B 7 -1.57 -0.38 5.99
N ARG B 8 -1.48 0.52 5.01
CA ARG B 8 -1.36 1.95 5.30
C ARG B 8 -2.38 2.42 6.34
N LYS B 9 -3.66 2.46 5.95
CA LYS B 9 -4.70 2.92 6.86
C LYS B 9 -5.88 1.96 6.93
N ARG B 10 -7.01 2.46 7.42
CA ARG B 10 -8.23 1.67 7.54
C ARG B 10 -8.67 1.10 6.19
N LYS B 11 -8.14 1.65 5.11
CA LYS B 11 -8.47 1.22 3.76
C LYS B 11 -9.81 1.79 3.32
N ALA B 12 -9.76 2.97 2.69
CA ALA B 12 -10.96 3.64 2.22
C ALA B 12 -11.91 2.69 1.50
N ASP B 13 -11.37 1.60 0.96
CA ASP B 13 -12.17 0.62 0.24
C ASP B 13 -12.29 -0.67 1.04
N SER B 14 -11.32 -0.93 1.91
CA SER B 14 -11.31 -2.12 2.74
C SER B 14 -11.62 -3.36 1.91
N GLY A 1 -1.48 11.56 -2.31
CA GLY A 1 -2.17 12.66 -3.04
C GLY A 1 -1.55 12.96 -4.39
N SER A 2 -1.03 11.91 -5.04
CA SER A 2 -0.40 12.07 -6.34
C SER A 2 0.17 10.74 -6.85
N GLN A 3 0.63 9.91 -5.92
CA GLN A 3 1.18 8.62 -6.27
C GLN A 3 0.08 7.57 -6.30
N VAL A 4 0.12 6.71 -7.30
CA VAL A 4 -0.88 5.67 -7.46
C VAL A 4 -0.43 4.40 -6.75
N PHE A 5 0.01 4.56 -5.52
CA PHE A 5 0.47 3.43 -4.72
C PHE A 5 1.04 3.89 -3.38
N GLU A 6 0.81 3.10 -2.34
CA GLU A 6 1.32 3.42 -1.01
C GLU A 6 2.04 2.23 -0.38
N TYR A 7 3.01 2.51 0.47
CA TYR A 7 3.78 1.46 1.10
C TYR A 7 3.21 1.04 2.44
N ALA A 8 2.73 -0.20 2.49
CA ALA A 8 2.17 -0.76 3.70
C ALA A 8 3.22 -1.66 4.34
N GLU A 9 4.39 -1.11 4.58
CA GLU A 9 5.48 -1.86 5.17
C GLU A 9 5.89 -1.32 6.51
N VAL A 10 6.63 -2.14 7.22
CA VAL A 10 7.08 -1.79 8.53
C VAL A 10 8.50 -1.27 8.53
N ASP A 11 9.26 -1.61 7.50
CA ASP A 11 10.64 -1.14 7.40
C ASP A 11 11.10 -0.97 5.95
N GLU A 12 10.72 -1.92 5.09
CA GLU A 12 11.15 -1.88 3.69
C GLU A 12 10.17 -2.61 2.77
N ILE A 13 10.25 -2.35 1.47
CA ILE A 13 9.37 -3.01 0.51
C ILE A 13 10.16 -3.47 -0.72
N VAL A 14 9.44 -3.88 -1.77
CA VAL A 14 10.07 -4.33 -3.01
C VAL A 14 9.16 -4.05 -4.19
N GLU A 15 7.97 -4.62 -4.15
CA GLU A 15 6.99 -4.42 -5.21
C GLU A 15 6.10 -3.23 -4.88
N LYS A 16 5.80 -2.40 -5.87
CA LYS A 16 4.95 -1.23 -5.64
C LYS A 16 4.18 -0.85 -6.90
N ARG A 17 2.95 -1.36 -7.04
CA ARG A 17 2.13 -1.06 -8.23
C ARG A 17 0.64 -1.19 -7.91
N GLY A 18 0.00 -0.10 -7.48
CA GLY A 18 -1.39 -0.20 -7.13
C GLY A 18 -2.19 1.08 -7.30
N LYS A 19 -2.98 1.36 -6.26
CA LYS A 19 -3.84 2.51 -6.21
C LYS A 19 -3.42 3.41 -5.05
N GLY A 20 -4.35 3.75 -4.16
CA GLY A 20 -4.00 4.56 -3.02
C GLY A 20 -3.59 3.66 -1.91
N LYS A 21 -4.31 2.56 -1.83
CA LYS A 21 -4.05 1.52 -0.85
C LYS A 21 -4.23 0.12 -1.47
N ASP A 22 -4.53 0.05 -2.79
CA ASP A 22 -4.74 -1.22 -3.46
C ASP A 22 -3.45 -1.79 -3.99
N VAL A 23 -2.36 -1.21 -3.58
CA VAL A 23 -1.06 -1.63 -4.02
C VAL A 23 -0.48 -2.72 -3.14
N GLU A 24 0.39 -3.52 -3.71
CA GLU A 24 1.03 -4.60 -2.98
C GLU A 24 2.48 -4.26 -2.70
N TYR A 25 2.77 -3.93 -1.46
CA TYR A 25 4.10 -3.58 -1.05
C TYR A 25 4.68 -4.65 -0.15
N LEU A 26 5.99 -4.81 -0.17
CA LEU A 26 6.65 -5.80 0.65
C LEU A 26 6.99 -5.18 2.00
N VAL A 27 7.16 -6.01 3.01
CA VAL A 27 7.47 -5.47 4.30
C VAL A 27 8.44 -6.30 5.11
N ARG A 28 9.63 -5.75 5.28
CA ARG A 28 10.63 -6.37 6.11
C ARG A 28 10.29 -5.95 7.51
N TRP A 29 9.22 -6.55 8.01
CA TRP A 29 8.66 -6.28 9.32
C TRP A 29 9.72 -5.78 10.29
N LYS A 30 9.87 -4.45 10.30
CA LYS A 30 10.84 -3.75 11.19
C LYS A 30 11.07 -4.53 12.49
N ASP A 31 10.00 -5.14 13.00
CA ASP A 31 10.08 -5.94 14.22
C ASP A 31 9.72 -7.39 13.91
N GLY A 32 10.46 -7.98 12.97
CA GLY A 32 10.19 -9.36 12.58
C GLY A 32 11.46 -10.11 12.21
N GLY A 33 11.29 -11.23 11.52
CA GLY A 33 12.43 -12.03 11.11
C GLY A 33 12.39 -12.35 9.64
N ASP A 34 11.21 -12.72 9.14
CA ASP A 34 11.03 -13.05 7.73
C ASP A 34 10.48 -11.85 6.97
N CYS A 35 10.14 -12.06 5.70
CA CYS A 35 9.60 -10.99 4.87
C CYS A 35 8.53 -11.52 3.93
N GLU A 36 7.50 -10.70 3.69
CA GLU A 36 6.41 -11.08 2.80
C GLU A 36 5.85 -9.86 2.07
N TRP A 37 4.79 -10.08 1.30
CA TRP A 37 4.17 -9.01 0.54
C TRP A 37 2.85 -8.57 1.18
N VAL A 38 2.49 -7.30 0.96
CA VAL A 38 1.24 -6.76 1.49
C VAL A 38 0.12 -6.99 0.50
N LYS A 39 -1.11 -6.91 0.98
CA LYS A 39 -2.26 -7.13 0.12
C LYS A 39 -2.53 -5.94 -0.79
N GLY A 40 -2.17 -6.11 -2.05
CA GLY A 40 -2.40 -5.06 -3.04
C GLY A 40 -3.74 -5.20 -3.73
N VAL A 41 -4.77 -5.48 -2.93
CA VAL A 41 -6.13 -5.59 -3.45
C VAL A 41 -7.02 -4.55 -2.78
N HIS A 42 -6.41 -3.64 -2.01
CA HIS A 42 -7.16 -2.62 -1.31
C HIS A 42 -7.59 -1.54 -2.28
N VAL A 43 -8.62 -1.89 -3.05
CA VAL A 43 -9.18 -1.04 -4.09
C VAL A 43 -9.67 0.30 -3.56
N ALA A 44 -8.72 1.17 -3.23
CA ALA A 44 -9.04 2.50 -2.78
C ALA A 44 -9.04 3.43 -3.98
N GLU A 45 -9.76 3.01 -5.02
CA GLU A 45 -9.86 3.78 -6.27
C GLU A 45 -10.09 5.25 -5.99
N ASP A 46 -10.73 5.52 -4.85
CA ASP A 46 -11.00 6.90 -4.44
C ASP A 46 -9.72 7.57 -4.03
N VAL A 47 -8.90 6.87 -3.27
CA VAL A 47 -7.63 7.42 -2.83
C VAL A 47 -6.75 7.70 -4.03
N ALA A 48 -6.68 6.71 -4.91
CA ALA A 48 -5.90 6.74 -6.15
C ALA A 48 -6.47 7.76 -7.12
N LYS A 49 -7.76 7.64 -7.41
CA LYS A 49 -8.42 8.57 -8.33
C LYS A 49 -8.32 9.99 -7.78
N ASP A 50 -8.34 10.08 -6.46
CA ASP A 50 -8.23 11.36 -5.77
C ASP A 50 -6.78 11.66 -5.43
N TYR A 51 -5.90 10.68 -5.62
CA TYR A 51 -4.49 10.85 -5.31
C TYR A 51 -3.75 11.45 -6.50
N GLU A 52 -3.74 10.69 -7.58
CA GLU A 52 -3.06 11.10 -8.81
C GLU A 52 -3.98 11.97 -9.67
N ASP A 53 -5.23 11.55 -9.77
CA ASP A 53 -6.22 12.26 -10.56
C ASP A 53 -6.91 13.34 -9.74
N GLY A 54 -6.83 13.23 -8.42
CA GLY A 54 -7.45 14.22 -7.54
C GLY A 54 -6.62 15.47 -7.40
N LEU A 55 -5.30 15.33 -7.53
CA LEU A 55 -4.39 16.46 -7.42
C LEU A 55 -4.22 17.14 -8.77
N GLU A 56 -3.66 16.42 -9.73
CA GLU A 56 -3.46 16.97 -11.07
C GLU A 56 -4.68 16.72 -11.95
N TYR A 57 -5.82 17.22 -11.49
CA TYR A 57 -7.08 17.06 -12.23
C TYR A 57 -7.21 18.13 -13.30
N ALA B 1 -1.32 -16.79 7.91
CA ALA B 1 -1.04 -15.39 7.51
C ALA B 1 0.44 -15.21 7.15
N PRO B 2 0.73 -14.45 6.08
CA PRO B 2 2.09 -14.21 5.63
C PRO B 2 2.81 -13.15 6.49
N PRO B 3 3.91 -13.54 7.16
CA PRO B 3 4.67 -12.62 8.02
C PRO B 3 5.43 -11.56 7.21
N GLY B 4 4.75 -10.46 6.91
CA GLY B 4 5.37 -9.39 6.15
C GLY B 4 4.36 -8.47 5.49
N THR B 5 3.59 -7.76 6.31
CA THR B 5 2.58 -6.85 5.80
C THR B 5 2.31 -5.71 6.79
N ALA B 6 1.52 -4.73 6.35
CA ALA B 6 1.18 -3.58 7.19
C ALA B 6 0.10 -2.74 6.52
N ARG B 7 -0.04 -1.49 6.95
CA ARG B 7 -1.04 -0.59 6.40
C ARG B 7 -0.49 0.83 6.23
N ARG B 8 -0.73 1.42 5.07
CA ARG B 8 -0.25 2.77 4.79
C ARG B 8 -1.13 3.83 5.45
N LYS B 9 -2.43 3.55 5.54
CA LYS B 9 -3.36 4.49 6.15
C LYS B 9 -4.62 3.77 6.65
N ARG B 10 -5.62 4.55 7.07
CA ARG B 10 -6.86 3.98 7.58
C ARG B 10 -7.46 2.99 6.58
N LYS B 11 -7.09 3.12 5.31
CA LYS B 11 -7.59 2.24 4.25
C LYS B 11 -8.97 2.71 3.80
N ALA B 12 -9.00 3.59 2.81
CA ALA B 12 -10.24 4.14 2.28
C ALA B 12 -11.15 3.07 1.71
N ASP B 13 -10.61 1.87 1.48
CA ASP B 13 -11.40 0.78 0.92
C ASP B 13 -11.64 -0.31 1.95
N SER B 14 -10.76 -0.39 2.94
CA SER B 14 -10.89 -1.41 4.00
C SER B 14 -11.16 -2.79 3.41
N GLY A 1 -1.93 11.33 -1.32
CA GLY A 1 -2.53 12.54 -1.96
C GLY A 1 -1.76 12.99 -3.19
N SER A 2 -1.20 12.03 -3.92
CA SER A 2 -0.43 12.33 -5.13
C SER A 2 0.21 11.07 -5.70
N GLN A 3 0.58 10.15 -4.82
CA GLN A 3 1.20 8.90 -5.25
C GLN A 3 0.12 7.85 -5.50
N VAL A 4 0.29 7.08 -6.56
CA VAL A 4 -0.68 6.06 -6.92
C VAL A 4 -0.32 4.74 -6.24
N PHE A 5 -0.09 4.82 -4.94
CA PHE A 5 0.25 3.63 -4.16
C PHE A 5 0.45 3.98 -2.68
N GLU A 6 0.71 2.95 -1.88
CA GLU A 6 0.90 3.10 -0.45
C GLU A 6 1.78 1.96 0.07
N TYR A 7 2.88 2.30 0.74
CA TYR A 7 3.78 1.29 1.26
C TYR A 7 3.40 0.86 2.67
N ALA A 8 2.82 -0.33 2.79
CA ALA A 8 2.44 -0.86 4.09
C ALA A 8 3.59 -1.65 4.68
N GLU A 9 4.74 -0.99 4.80
CA GLU A 9 5.96 -1.63 5.29
C GLU A 9 6.40 -1.09 6.63
N VAL A 10 7.04 -1.97 7.38
CA VAL A 10 7.55 -1.62 8.68
C VAL A 10 8.98 -1.11 8.57
N ASP A 11 9.71 -1.65 7.60
CA ASP A 11 11.09 -1.24 7.38
C ASP A 11 11.41 -1.12 5.89
N GLU A 12 10.95 -2.08 5.10
CA GLU A 12 11.26 -2.08 3.66
C GLU A 12 10.21 -2.85 2.83
N ILE A 13 10.14 -2.52 1.55
CA ILE A 13 9.21 -3.18 0.63
C ILE A 13 9.98 -3.70 -0.58
N VAL A 14 9.26 -4.07 -1.64
CA VAL A 14 9.91 -4.56 -2.87
C VAL A 14 9.08 -4.23 -4.09
N GLU A 15 7.81 -4.57 -4.05
CA GLU A 15 6.90 -4.29 -5.16
C GLU A 15 5.99 -3.13 -4.79
N LYS A 16 5.82 -2.18 -5.69
CA LYS A 16 4.97 -1.03 -5.39
C LYS A 16 4.29 -0.44 -6.64
N ARG A 17 3.11 -0.94 -6.99
CA ARG A 17 2.41 -0.43 -8.17
C ARG A 17 0.90 -0.62 -8.04
N GLY A 18 0.19 0.36 -7.49
CA GLY A 18 -1.24 0.19 -7.35
C GLY A 18 -2.03 1.48 -7.36
N LYS A 19 -2.98 1.56 -6.41
CA LYS A 19 -3.86 2.70 -6.26
C LYS A 19 -3.52 3.45 -4.97
N GLY A 20 -4.47 3.56 -4.04
CA GLY A 20 -4.20 4.20 -2.78
C GLY A 20 -3.87 3.13 -1.78
N LYS A 21 -4.64 2.07 -1.88
CA LYS A 21 -4.48 0.89 -1.05
C LYS A 21 -4.57 -0.40 -1.89
N ASP A 22 -4.75 -0.25 -3.22
CA ASP A 22 -4.85 -1.41 -4.11
C ASP A 22 -3.48 -1.83 -4.62
N VAL A 23 -2.46 -1.25 -4.04
CA VAL A 23 -1.09 -1.52 -4.37
C VAL A 23 -0.53 -2.59 -3.45
N GLU A 24 0.31 -3.45 -3.99
CA GLU A 24 0.89 -4.50 -3.21
C GLU A 24 2.34 -4.19 -2.89
N TYR A 25 2.64 -4.10 -1.60
CA TYR A 25 3.97 -3.82 -1.15
C TYR A 25 4.53 -5.02 -0.40
N LEU A 26 5.70 -4.83 0.15
CA LEU A 26 6.37 -5.85 0.93
C LEU A 26 6.80 -5.25 2.24
N VAL A 27 7.01 -6.05 3.26
CA VAL A 27 7.43 -5.49 4.52
C VAL A 27 8.47 -6.34 5.24
N ARG A 28 9.66 -5.78 5.34
CA ARG A 28 10.73 -6.41 6.06
C ARG A 28 10.56 -5.95 7.47
N TRP A 29 9.47 -6.42 8.04
CA TRP A 29 9.04 -6.08 9.38
C TRP A 29 10.21 -5.68 10.28
N LYS A 30 10.49 -4.38 10.25
CA LYS A 30 11.58 -3.77 11.06
C LYS A 30 11.86 -4.55 12.34
N ASP A 31 10.81 -5.08 12.95
CA ASP A 31 10.95 -5.88 14.17
C ASP A 31 10.41 -7.29 13.93
N GLY A 32 10.98 -7.97 12.94
CA GLY A 32 10.54 -9.31 12.60
C GLY A 32 11.69 -10.23 12.23
N GLY A 33 11.43 -11.16 11.32
CA GLY A 33 12.44 -12.09 10.89
C GLY A 33 12.28 -12.50 9.44
N ASP A 34 11.03 -12.80 9.05
CA ASP A 34 10.74 -13.20 7.68
C ASP A 34 10.17 -12.02 6.89
N CYS A 35 10.01 -12.21 5.59
CA CYS A 35 9.47 -11.16 4.73
C CYS A 35 8.18 -11.60 4.06
N GLU A 36 7.20 -10.68 3.99
CA GLU A 36 5.92 -10.98 3.38
C GLU A 36 5.45 -9.81 2.52
N TRP A 37 4.28 -9.95 1.89
CA TRP A 37 3.73 -8.91 1.04
C TRP A 37 2.46 -8.31 1.61
N VAL A 38 2.18 -7.06 1.25
CA VAL A 38 0.98 -6.38 1.71
C VAL A 38 -0.17 -6.65 0.76
N LYS A 39 -1.39 -6.62 1.28
CA LYS A 39 -2.57 -6.87 0.46
C LYS A 39 -2.80 -5.73 -0.53
N GLY A 40 -2.23 -5.87 -1.71
CA GLY A 40 -2.39 -4.86 -2.74
C GLY A 40 -3.59 -5.10 -3.63
N VAL A 41 -4.70 -5.48 -3.03
CA VAL A 41 -5.94 -5.70 -3.76
C VAL A 41 -7.00 -4.72 -3.27
N HIS A 42 -6.59 -3.73 -2.49
CA HIS A 42 -7.51 -2.75 -1.96
C HIS A 42 -7.81 -1.67 -2.96
N VAL A 43 -8.73 -2.03 -3.84
CA VAL A 43 -9.20 -1.15 -4.91
C VAL A 43 -9.77 0.14 -4.36
N ALA A 44 -8.88 0.99 -3.88
CA ALA A 44 -9.27 2.28 -3.37
C ALA A 44 -9.17 3.31 -4.49
N GLU A 45 -9.81 2.98 -5.61
CA GLU A 45 -9.80 3.85 -6.78
C GLU A 45 -10.04 5.29 -6.38
N ASP A 46 -10.75 5.46 -5.28
CA ASP A 46 -11.04 6.79 -4.75
C ASP A 46 -9.78 7.41 -4.19
N VAL A 47 -9.06 6.64 -3.37
CA VAL A 47 -7.83 7.14 -2.78
C VAL A 47 -6.84 7.52 -3.86
N ALA A 48 -6.75 6.67 -4.87
CA ALA A 48 -5.88 6.84 -6.04
C ALA A 48 -6.34 8.01 -6.90
N LYS A 49 -7.59 7.94 -7.36
CA LYS A 49 -8.15 9.00 -8.18
C LYS A 49 -8.10 10.31 -7.41
N ASP A 50 -8.21 10.19 -6.09
CA ASP A 50 -8.16 11.34 -5.21
C ASP A 50 -6.73 11.61 -4.75
N TYR A 51 -5.85 10.62 -4.93
CA TYR A 51 -4.46 10.73 -4.53
C TYR A 51 -3.68 11.50 -5.59
N GLU A 52 -3.54 10.86 -6.74
CA GLU A 52 -2.80 11.44 -7.86
C GLU A 52 -3.69 12.34 -8.70
N ASP A 53 -4.90 11.86 -8.99
CA ASP A 53 -5.85 12.60 -9.80
C ASP A 53 -6.69 13.57 -8.94
N GLY A 54 -6.57 13.45 -7.62
CA GLY A 54 -7.32 14.33 -6.74
C GLY A 54 -6.62 15.65 -6.51
N LEU A 55 -5.29 15.61 -6.48
CA LEU A 55 -4.49 16.80 -6.26
C LEU A 55 -4.28 17.56 -7.57
N GLU A 56 -3.54 16.95 -8.48
CA GLU A 56 -3.26 17.56 -9.78
C GLU A 56 -4.35 17.22 -10.79
N TYR A 57 -5.58 17.62 -10.47
CA TYR A 57 -6.72 17.36 -11.33
C TYR A 57 -6.85 18.44 -12.41
N ALA B 1 -0.93 -12.43 12.26
CA ALA B 1 -0.64 -11.30 11.34
C ALA B 1 0.82 -11.36 10.85
N PRO B 2 1.07 -12.12 9.77
CA PRO B 2 2.41 -12.26 9.21
C PRO B 2 3.04 -10.90 8.88
N PRO B 3 4.38 -10.81 8.97
CA PRO B 3 5.10 -9.56 8.70
C PRO B 3 5.07 -9.18 7.22
N GLY B 4 3.93 -8.66 6.78
CA GLY B 4 3.78 -8.25 5.40
C GLY B 4 2.95 -6.99 5.24
N THR B 5 2.70 -6.30 6.35
CA THR B 5 1.91 -5.08 6.34
C THR B 5 2.30 -4.14 7.48
N ALA B 6 2.19 -2.84 7.23
CA ALA B 6 2.52 -1.85 8.26
C ALA B 6 1.69 -0.57 8.14
N ARG B 7 2.03 0.28 7.18
CA ARG B 7 1.33 1.56 7.01
C ARG B 7 -0.16 1.34 6.73
N ARG B 8 -0.59 1.45 5.47
CA ARG B 8 -1.99 1.27 5.14
C ARG B 8 -2.86 2.21 5.98
N LYS B 9 -4.13 2.33 5.64
CA LYS B 9 -5.04 3.20 6.37
C LYS B 9 -6.44 2.60 6.45
N ARG B 10 -7.41 3.42 6.90
CA ARG B 10 -8.80 2.98 7.02
C ARG B 10 -9.24 2.23 5.78
N LYS B 11 -8.65 2.57 4.64
CA LYS B 11 -8.99 1.93 3.37
C LYS B 11 -10.32 2.44 2.86
N ALA B 12 -10.28 3.37 1.92
CA ALA B 12 -11.49 3.95 1.34
C ALA B 12 -12.35 2.88 0.69
N ASP B 13 -11.72 1.79 0.24
CA ASP B 13 -12.43 0.70 -0.41
C ASP B 13 -12.39 -0.56 0.45
N SER B 14 -13.23 -0.60 1.48
CA SER B 14 -13.28 -1.75 2.38
C SER B 14 -14.60 -2.50 2.23
N GLY A 1 -0.44 12.74 -3.23
CA GLY A 1 -1.23 13.43 -4.29
C GLY A 1 -0.60 13.32 -5.66
N SER A 2 -0.20 12.10 -6.06
CA SER A 2 0.44 11.91 -7.36
C SER A 2 0.94 10.47 -7.56
N GLN A 3 1.22 9.77 -6.45
CA GLN A 3 1.70 8.40 -6.53
C GLN A 3 0.51 7.44 -6.59
N VAL A 4 0.58 6.47 -7.49
CA VAL A 4 -0.50 5.51 -7.66
C VAL A 4 -0.29 4.24 -6.83
N PHE A 5 -0.07 4.41 -5.51
CA PHE A 5 0.13 3.27 -4.61
C PHE A 5 0.74 3.72 -3.28
N GLU A 6 0.64 2.86 -2.26
CA GLU A 6 1.18 3.15 -0.94
C GLU A 6 1.82 1.92 -0.32
N TYR A 7 2.89 2.12 0.43
CA TYR A 7 3.61 1.02 1.07
C TYR A 7 3.02 0.71 2.44
N ALA A 8 2.64 -0.54 2.62
CA ALA A 8 2.07 -0.98 3.87
C ALA A 8 3.07 -1.85 4.63
N GLU A 9 4.31 -1.35 4.75
CA GLU A 9 5.36 -2.10 5.42
C GLU A 9 5.67 -1.56 6.79
N VAL A 10 6.57 -2.25 7.45
CA VAL A 10 6.96 -1.87 8.77
C VAL A 10 8.40 -1.37 8.83
N ASP A 11 9.16 -1.63 7.78
CA ASP A 11 10.55 -1.21 7.71
C ASP A 11 10.98 -0.94 6.27
N GLU A 12 10.61 -1.84 5.37
CA GLU A 12 10.97 -1.72 3.96
C GLU A 12 9.96 -2.43 3.06
N ILE A 13 10.13 -2.28 1.75
CA ILE A 13 9.24 -2.91 0.78
C ILE A 13 10.06 -3.36 -0.44
N VAL A 14 9.38 -3.80 -1.49
CA VAL A 14 10.06 -4.24 -2.71
C VAL A 14 9.16 -4.01 -3.93
N GLU A 15 7.92 -4.44 -3.83
CA GLU A 15 6.97 -4.28 -4.92
C GLU A 15 6.17 -2.99 -4.75
N LYS A 16 5.82 -2.34 -5.85
CA LYS A 16 5.04 -1.11 -5.77
C LYS A 16 4.21 -0.89 -7.04
N ARG A 17 3.01 -1.47 -7.09
CA ARG A 17 2.15 -1.34 -8.27
C ARG A 17 0.68 -1.49 -7.90
N GLY A 18 0.01 -0.38 -7.60
CA GLY A 18 -1.38 -0.45 -7.24
C GLY A 18 -2.21 0.77 -7.57
N LYS A 19 -2.95 1.22 -6.57
CA LYS A 19 -3.84 2.37 -6.69
C LYS A 19 -3.40 3.49 -5.76
N GLY A 20 -3.65 3.25 -4.49
CA GLY A 20 -3.30 4.14 -3.44
C GLY A 20 -3.09 3.31 -2.22
N LYS A 21 -4.05 2.43 -2.02
CA LYS A 21 -4.05 1.46 -0.95
C LYS A 21 -4.21 0.04 -1.53
N ASP A 22 -4.55 -0.06 -2.84
CA ASP A 22 -4.76 -1.33 -3.50
C ASP A 22 -3.48 -1.91 -4.05
N VAL A 23 -2.38 -1.32 -3.65
CA VAL A 23 -1.09 -1.77 -4.09
C VAL A 23 -0.57 -2.87 -3.19
N GLU A 24 0.24 -3.73 -3.75
CA GLU A 24 0.80 -4.83 -3.00
C GLU A 24 2.30 -4.65 -2.82
N TYR A 25 2.69 -4.02 -1.73
CA TYR A 25 4.08 -3.78 -1.43
C TYR A 25 4.66 -4.95 -0.65
N LEU A 26 5.83 -4.77 -0.06
CA LEU A 26 6.47 -5.79 0.73
C LEU A 26 6.83 -5.21 2.09
N VAL A 27 7.03 -6.05 3.09
CA VAL A 27 7.37 -5.54 4.39
C VAL A 27 8.41 -6.37 5.12
N ARG A 28 9.54 -5.75 5.37
CA ARG A 28 10.58 -6.37 6.15
C ARG A 28 10.26 -6.00 7.56
N TRP A 29 9.12 -6.52 8.01
CA TRP A 29 8.57 -6.26 9.31
C TRP A 29 9.63 -5.86 10.31
N LYS A 30 9.85 -4.55 10.40
CA LYS A 30 10.84 -3.96 11.32
C LYS A 30 11.07 -4.82 12.57
N ASP A 31 10.00 -5.44 13.07
CA ASP A 31 10.11 -6.30 14.25
C ASP A 31 9.96 -7.77 13.87
N GLY A 32 10.71 -8.19 12.86
CA GLY A 32 10.64 -9.57 12.39
C GLY A 32 11.96 -10.04 11.81
N GLY A 33 11.90 -11.12 11.04
CA GLY A 33 13.10 -11.67 10.42
C GLY A 33 12.81 -12.37 9.12
N ASP A 34 11.74 -11.96 8.44
CA ASP A 34 11.37 -12.57 7.16
C ASP A 34 10.77 -11.52 6.21
N CYS A 35 10.40 -11.98 5.02
CA CYS A 35 9.82 -11.09 4.01
C CYS A 35 8.33 -11.37 3.84
N GLU A 36 7.52 -10.32 3.89
CA GLU A 36 6.08 -10.45 3.74
C GLU A 36 5.52 -9.42 2.78
N TRP A 37 4.60 -9.84 1.93
CA TRP A 37 3.99 -8.94 0.96
C TRP A 37 2.76 -8.26 1.53
N VAL A 38 2.52 -7.04 1.06
CA VAL A 38 1.37 -6.25 1.47
C VAL A 38 0.17 -6.59 0.59
N LYS A 39 -1.02 -6.30 1.09
CA LYS A 39 -2.24 -6.59 0.35
C LYS A 39 -2.55 -5.54 -0.70
N GLY A 40 -2.43 -5.94 -1.96
CA GLY A 40 -2.71 -5.04 -3.06
C GLY A 40 -4.11 -5.19 -3.60
N VAL A 41 -5.06 -5.40 -2.70
CA VAL A 41 -6.46 -5.52 -3.07
C VAL A 41 -7.26 -4.35 -2.50
N HIS A 42 -6.58 -3.46 -1.76
CA HIS A 42 -7.26 -2.32 -1.17
C HIS A 42 -7.59 -1.29 -2.23
N VAL A 43 -8.64 -1.64 -2.97
CA VAL A 43 -9.13 -0.83 -4.10
C VAL A 43 -9.47 0.60 -3.74
N ALA A 44 -8.42 1.37 -3.44
CA ALA A 44 -8.56 2.78 -3.13
C ALA A 44 -8.47 3.59 -4.41
N GLU A 45 -9.26 3.18 -5.40
CA GLU A 45 -9.28 3.84 -6.70
C GLU A 45 -9.39 5.35 -6.53
N ASP A 46 -9.99 5.75 -5.42
CA ASP A 46 -10.15 7.17 -5.12
C ASP A 46 -8.80 7.79 -4.79
N VAL A 47 -8.04 7.13 -3.93
CA VAL A 47 -6.73 7.62 -3.55
C VAL A 47 -5.83 7.74 -4.78
N ALA A 48 -6.07 6.85 -5.73
CA ALA A 48 -5.35 6.78 -7.01
C ALA A 48 -5.86 7.84 -7.95
N LYS A 49 -7.16 7.78 -8.26
CA LYS A 49 -7.77 8.76 -9.13
C LYS A 49 -7.56 10.14 -8.54
N ASP A 50 -7.43 10.18 -7.22
CA ASP A 50 -7.18 11.42 -6.50
C ASP A 50 -5.69 11.65 -6.32
N TYR A 51 -4.91 10.57 -6.39
CA TYR A 51 -3.46 10.67 -6.24
C TYR A 51 -2.85 11.29 -7.47
N GLU A 52 -2.87 10.51 -8.54
CA GLU A 52 -2.28 10.91 -9.81
C GLU A 52 -3.25 11.74 -10.63
N ASP A 53 -4.46 11.23 -10.81
CA ASP A 53 -5.47 11.92 -11.58
C ASP A 53 -6.03 13.13 -10.82
N GLY A 54 -5.94 13.08 -9.49
CA GLY A 54 -6.42 14.19 -8.69
C GLY A 54 -5.73 15.49 -9.05
N LEU A 55 -4.42 15.41 -9.29
CA LEU A 55 -3.64 16.58 -9.65
C LEU A 55 -3.69 16.80 -11.16
N GLU A 56 -3.33 15.77 -11.90
CA GLU A 56 -3.34 15.84 -13.37
C GLU A 56 -4.69 15.41 -13.92
N TYR A 57 -5.73 16.14 -13.53
CA TYR A 57 -7.08 15.86 -13.97
C TYR A 57 -7.40 16.60 -15.27
N ALA B 1 -1.97 -15.80 12.91
CA ALA B 1 -1.44 -14.98 14.02
C ALA B 1 -0.08 -14.36 13.68
N PRO B 2 0.85 -15.16 13.13
CA PRO B 2 2.19 -14.66 12.76
C PRO B 2 2.14 -13.33 12.01
N PRO B 3 2.44 -12.22 12.71
CA PRO B 3 2.44 -10.88 12.10
C PRO B 3 3.36 -10.79 10.90
N GLY B 4 2.77 -10.88 9.70
CA GLY B 4 3.55 -10.80 8.48
C GLY B 4 3.62 -9.40 7.92
N THR B 5 2.73 -9.09 6.99
CA THR B 5 2.70 -7.76 6.38
C THR B 5 1.79 -6.82 7.16
N ALA B 6 1.88 -5.53 6.85
CA ALA B 6 1.08 -4.52 7.52
C ALA B 6 0.23 -3.74 6.52
N ARG B 7 -0.52 -4.48 5.69
CA ARG B 7 -1.39 -3.87 4.68
C ARG B 7 -2.15 -2.67 5.25
N ARG B 8 -2.24 -1.59 4.48
CA ARG B 8 -2.95 -0.41 4.93
C ARG B 8 -4.35 -0.81 5.39
N LYS B 9 -4.83 -0.18 6.45
CA LYS B 9 -6.15 -0.50 7.00
C LYS B 9 -7.04 0.72 7.10
N ARG B 10 -7.05 1.54 6.06
CA ARG B 10 -7.89 2.74 6.03
C ARG B 10 -8.98 2.60 4.97
N LYS B 11 -8.66 1.83 3.93
CA LYS B 11 -9.61 1.59 2.83
C LYS B 11 -10.34 2.87 2.44
N ALA B 12 -9.59 3.81 1.89
CA ALA B 12 -10.15 5.10 1.46
C ALA B 12 -11.35 4.92 0.54
N ASP B 13 -11.42 3.76 -0.11
CA ASP B 13 -12.50 3.46 -1.03
C ASP B 13 -13.46 2.43 -0.45
N SER B 14 -13.00 1.19 -0.36
CA SER B 14 -13.83 0.11 0.18
C SER B 14 -14.96 -0.24 -0.79
N GLY A 1 1.17 13.57 -8.18
CA GLY A 1 -0.28 13.84 -8.21
C GLY A 1 -1.06 12.83 -9.03
N SER A 2 -0.48 11.65 -9.23
CA SER A 2 -1.13 10.59 -9.99
C SER A 2 -0.72 9.22 -9.48
N GLN A 3 0.58 8.97 -9.45
CA GLN A 3 1.11 7.69 -8.97
C GLN A 3 1.66 7.84 -7.56
N VAL A 4 1.05 7.12 -6.61
CA VAL A 4 1.49 7.18 -5.23
C VAL A 4 1.41 5.83 -4.55
N PHE A 5 0.25 5.19 -4.61
CA PHE A 5 0.07 3.89 -3.98
C PHE A 5 0.37 4.00 -2.49
N GLU A 6 0.38 2.87 -1.79
CA GLU A 6 0.64 2.88 -0.36
C GLU A 6 1.50 1.69 0.06
N TYR A 7 2.56 1.97 0.78
CA TYR A 7 3.47 0.95 1.26
C TYR A 7 3.12 0.53 2.68
N ALA A 8 2.48 -0.63 2.83
CA ALA A 8 2.12 -1.12 4.15
C ALA A 8 3.29 -1.89 4.74
N GLU A 9 4.41 -1.20 4.84
CA GLU A 9 5.66 -1.77 5.32
C GLU A 9 6.03 -1.32 6.71
N VAL A 10 6.73 -2.22 7.39
CA VAL A 10 7.20 -1.98 8.73
C VAL A 10 8.59 -1.37 8.69
N ASP A 11 9.38 -1.82 7.72
CA ASP A 11 10.74 -1.32 7.53
C ASP A 11 11.10 -1.15 6.05
N GLU A 12 10.63 -2.08 5.21
CA GLU A 12 10.96 -2.03 3.79
C GLU A 12 9.89 -2.70 2.93
N ILE A 13 10.00 -2.52 1.62
CA ILE A 13 9.04 -3.09 0.68
C ILE A 13 9.79 -3.63 -0.54
N VAL A 14 9.05 -4.01 -1.59
CA VAL A 14 9.67 -4.53 -2.80
C VAL A 14 8.81 -4.27 -4.03
N GLU A 15 7.60 -4.81 -4.02
CA GLU A 15 6.69 -4.66 -5.15
C GLU A 15 5.77 -3.45 -4.98
N LYS A 16 6.19 -2.31 -5.54
CA LYS A 16 5.40 -1.08 -5.44
C LYS A 16 4.71 -0.76 -6.76
N ARG A 17 3.49 -1.25 -6.93
CA ARG A 17 2.75 -1.03 -8.17
C ARG A 17 1.24 -1.14 -7.96
N GLY A 18 0.59 -0.05 -7.59
CA GLY A 18 -0.85 -0.14 -7.37
C GLY A 18 -1.60 1.15 -7.63
N LYS A 19 -2.56 1.42 -6.75
CA LYS A 19 -3.42 2.59 -6.85
C LYS A 19 -3.02 3.64 -5.80
N GLY A 20 -3.89 3.88 -4.82
CA GLY A 20 -3.56 4.80 -3.75
C GLY A 20 -3.18 3.97 -2.56
N LYS A 21 -3.96 2.92 -2.38
CA LYS A 21 -3.76 1.94 -1.32
C LYS A 21 -4.11 0.53 -1.80
N ASP A 22 -4.39 0.38 -3.11
CA ASP A 22 -4.73 -0.91 -3.69
C ASP A 22 -3.49 -1.64 -4.18
N VAL A 23 -2.34 -1.14 -3.77
CA VAL A 23 -1.09 -1.71 -4.16
C VAL A 23 -0.64 -2.81 -3.23
N GLU A 24 0.20 -3.68 -3.75
CA GLU A 24 0.72 -4.79 -2.97
C GLU A 24 2.22 -4.65 -2.78
N TYR A 25 2.60 -4.02 -1.68
CA TYR A 25 4.02 -3.81 -1.37
C TYR A 25 4.55 -5.00 -0.57
N LEU A 26 5.74 -4.85 -0.01
CA LEU A 26 6.35 -5.89 0.81
C LEU A 26 6.65 -5.30 2.17
N VAL A 27 6.85 -6.14 3.17
CA VAL A 27 7.17 -5.61 4.47
C VAL A 27 8.21 -6.43 5.23
N ARG A 28 9.39 -5.84 5.38
CA ARG A 28 10.44 -6.47 6.15
C ARG A 28 10.25 -6.05 7.57
N TRP A 29 9.28 -6.69 8.21
CA TRP A 29 8.90 -6.43 9.59
C TRP A 29 10.06 -5.89 10.40
N LYS A 30 10.16 -4.56 10.42
CA LYS A 30 11.19 -3.83 11.19
C LYS A 30 11.64 -4.61 12.43
N ASP A 31 10.69 -5.30 13.06
CA ASP A 31 10.98 -6.10 14.25
C ASP A 31 10.62 -7.56 13.99
N GLY A 32 11.21 -8.12 12.92
CA GLY A 32 10.93 -9.50 12.56
C GLY A 32 12.16 -10.22 12.02
N GLY A 33 11.92 -11.23 11.20
CA GLY A 33 13.03 -11.98 10.62
C GLY A 33 12.69 -12.53 9.25
N ASP A 34 11.71 -11.92 8.59
CA ASP A 34 11.29 -12.34 7.26
C ASP A 34 10.75 -11.16 6.46
N CYS A 35 10.19 -11.45 5.28
CA CYS A 35 9.65 -10.41 4.43
C CYS A 35 8.46 -10.92 3.62
N GLU A 36 7.27 -10.51 3.99
CA GLU A 36 6.04 -10.92 3.30
C GLU A 36 5.54 -9.80 2.40
N TRP A 37 4.33 -9.96 1.87
CA TRP A 37 3.76 -8.96 0.97
C TRP A 37 2.53 -8.27 1.57
N VAL A 38 2.30 -7.04 1.13
CA VAL A 38 1.17 -6.25 1.57
C VAL A 38 -0.03 -6.53 0.68
N LYS A 39 -1.22 -6.16 1.15
CA LYS A 39 -2.44 -6.42 0.40
C LYS A 39 -2.72 -5.37 -0.66
N GLY A 40 -2.51 -5.77 -1.91
CA GLY A 40 -2.78 -4.88 -3.04
C GLY A 40 -4.15 -5.10 -3.63
N VAL A 41 -5.06 -5.53 -2.77
CA VAL A 41 -6.45 -5.74 -3.17
C VAL A 41 -7.31 -4.59 -2.67
N HIS A 42 -6.69 -3.67 -1.93
CA HIS A 42 -7.42 -2.52 -1.39
C HIS A 42 -7.83 -1.61 -2.51
N VAL A 43 -8.86 -2.04 -3.22
CA VAL A 43 -9.41 -1.31 -4.36
C VAL A 43 -9.88 0.09 -4.01
N ALA A 44 -8.93 0.96 -3.74
CA ALA A 44 -9.22 2.35 -3.46
C ALA A 44 -9.14 3.14 -4.76
N GLU A 45 -9.83 2.62 -5.78
CA GLU A 45 -9.85 3.22 -7.09
C GLU A 45 -10.14 4.71 -7.01
N ASP A 46 -10.80 5.11 -5.91
CA ASP A 46 -11.10 6.52 -5.70
C ASP A 46 -9.82 7.31 -5.49
N VAL A 47 -8.96 6.81 -4.62
CA VAL A 47 -7.69 7.47 -4.33
C VAL A 47 -6.84 7.62 -5.58
N ALA A 48 -7.04 6.69 -6.51
CA ALA A 48 -6.34 6.63 -7.80
C ALA A 48 -7.07 7.49 -8.82
N LYS A 49 -8.33 7.16 -9.06
CA LYS A 49 -9.14 7.91 -10.00
C LYS A 49 -9.17 9.38 -9.58
N ASP A 50 -9.02 9.59 -8.27
CA ASP A 50 -8.98 10.93 -7.72
C ASP A 50 -7.55 11.43 -7.68
N TYR A 51 -6.59 10.50 -7.62
CA TYR A 51 -5.20 10.87 -7.58
C TYR A 51 -4.75 11.42 -8.92
N GLU A 52 -4.67 10.52 -9.89
CA GLU A 52 -4.23 10.85 -11.22
C GLU A 52 -5.35 11.45 -12.06
N ASP A 53 -6.52 10.84 -11.99
CA ASP A 53 -7.67 11.30 -12.75
C ASP A 53 -8.38 12.45 -12.05
N GLY A 54 -8.23 12.53 -10.74
CA GLY A 54 -8.86 13.60 -9.99
C GLY A 54 -8.11 14.91 -10.09
N LEU A 55 -6.82 14.87 -9.77
CA LEU A 55 -5.98 16.06 -9.84
C LEU A 55 -5.78 16.50 -11.29
N GLU A 56 -5.27 15.58 -12.11
CA GLU A 56 -5.03 15.86 -13.51
C GLU A 56 -6.25 15.50 -14.34
N TYR A 57 -7.39 16.04 -13.95
CA TYR A 57 -8.65 15.78 -14.64
C TYR A 57 -8.76 16.61 -15.92
N ALA B 1 -3.69 -14.66 3.17
CA ALA B 1 -3.67 -13.27 3.70
C ALA B 1 -2.23 -12.82 3.97
N PRO B 2 -1.58 -12.17 3.00
CA PRO B 2 -0.21 -11.69 3.15
C PRO B 2 0.00 -10.94 4.47
N PRO B 3 0.63 -11.58 5.46
CA PRO B 3 0.89 -10.98 6.76
C PRO B 3 1.74 -9.72 6.68
N GLY B 4 2.61 -9.66 5.67
CA GLY B 4 3.47 -8.50 5.50
C GLY B 4 2.69 -7.22 5.30
N THR B 5 2.41 -6.52 6.39
CA THR B 5 1.65 -5.27 6.33
C THR B 5 2.01 -4.35 7.48
N ALA B 6 1.89 -3.04 7.28
CA ALA B 6 2.20 -2.08 8.33
C ALA B 6 1.46 -0.73 8.18
N ARG B 7 1.98 0.13 7.31
CA ARG B 7 1.37 1.46 7.12
C ARG B 7 -0.14 1.39 6.91
N ARG B 8 -0.59 1.39 5.66
CA ARG B 8 -2.02 1.34 5.40
C ARG B 8 -2.71 2.54 6.03
N LYS B 9 -3.92 2.86 5.56
CA LYS B 9 -4.67 4.00 6.09
C LYS B 9 -6.14 3.62 6.31
N ARG B 10 -6.98 4.64 6.44
CA ARG B 10 -8.42 4.43 6.65
C ARG B 10 -8.97 3.40 5.67
N LYS B 11 -8.31 3.27 4.53
CA LYS B 11 -8.72 2.32 3.49
C LYS B 11 -9.88 2.87 2.68
N ALA B 12 -9.57 3.42 1.52
CA ALA B 12 -10.57 4.00 0.65
C ALA B 12 -10.99 3.00 -0.42
N ASP B 13 -10.90 1.72 -0.09
CA ASP B 13 -11.26 0.67 -1.04
C ASP B 13 -12.57 0.00 -0.62
N SER B 14 -13.54 0.82 -0.26
CA SER B 14 -14.84 0.33 0.14
C SER B 14 -14.74 -0.47 1.43
N GLY A 1 -1.38 11.84 -2.40
CA GLY A 1 -2.08 12.91 -3.16
C GLY A 1 -1.47 13.14 -4.53
N SER A 2 -0.99 12.07 -5.17
CA SER A 2 -0.38 12.17 -6.49
C SER A 2 0.20 10.83 -6.95
N GLN A 3 0.66 10.03 -5.99
CA GLN A 3 1.22 8.72 -6.30
C GLN A 3 0.12 7.67 -6.32
N VAL A 4 0.16 6.79 -7.30
CA VAL A 4 -0.84 5.76 -7.43
C VAL A 4 -0.40 4.49 -6.71
N PHE A 5 0.04 4.64 -5.48
CA PHE A 5 0.48 3.51 -4.67
C PHE A 5 0.97 3.95 -3.30
N GLU A 6 0.79 3.10 -2.30
CA GLU A 6 1.22 3.39 -0.94
C GLU A 6 2.00 2.21 -0.37
N TYR A 7 3.03 2.51 0.41
CA TYR A 7 3.86 1.46 0.99
C TYR A 7 3.33 0.98 2.33
N ALA A 8 2.77 -0.23 2.33
CA ALA A 8 2.25 -0.85 3.53
C ALA A 8 3.35 -1.65 4.19
N GLU A 9 4.49 -1.01 4.42
CA GLU A 9 5.64 -1.66 4.99
C GLU A 9 5.97 -1.19 6.39
N VAL A 10 6.59 -2.11 7.12
CA VAL A 10 7.00 -1.84 8.46
C VAL A 10 8.42 -1.27 8.49
N ASP A 11 9.25 -1.72 7.56
CA ASP A 11 10.61 -1.22 7.45
C ASP A 11 11.06 -1.10 5.99
N GLU A 12 10.68 -2.06 5.15
CA GLU A 12 11.12 -2.06 3.74
C GLU A 12 10.17 -2.81 2.81
N ILE A 13 10.19 -2.46 1.53
CA ILE A 13 9.33 -3.12 0.54
C ILE A 13 10.14 -3.58 -0.67
N VAL A 14 9.44 -3.97 -1.72
CA VAL A 14 10.09 -4.42 -2.96
C VAL A 14 9.19 -4.13 -4.16
N GLU A 15 7.97 -4.65 -4.09
CA GLU A 15 6.99 -4.44 -5.15
C GLU A 15 6.15 -3.21 -4.82
N LYS A 16 5.85 -2.39 -5.83
CA LYS A 16 5.06 -1.19 -5.60
C LYS A 16 4.27 -0.76 -6.85
N ARG A 17 3.04 -1.26 -7.00
CA ARG A 17 2.23 -0.91 -8.17
C ARG A 17 0.74 -1.08 -7.86
N GLY A 18 0.08 -0.01 -7.41
CA GLY A 18 -1.32 -0.14 -7.09
C GLY A 18 -2.13 1.14 -7.21
N LYS A 19 -2.91 1.39 -6.16
CA LYS A 19 -3.77 2.55 -6.08
C LYS A 19 -3.34 3.42 -4.90
N GLY A 20 -4.23 3.67 -3.95
CA GLY A 20 -3.87 4.42 -2.79
C GLY A 20 -3.44 3.46 -1.73
N LYS A 21 -4.22 2.40 -1.65
CA LYS A 21 -3.97 1.30 -0.74
C LYS A 21 -4.20 -0.05 -1.43
N ASP A 22 -4.50 -0.04 -2.74
CA ASP A 22 -4.73 -1.25 -3.49
C ASP A 22 -3.44 -1.81 -4.03
N VAL A 23 -2.33 -1.26 -3.59
CA VAL A 23 -1.04 -1.69 -4.02
C VAL A 23 -0.51 -2.80 -3.15
N GLU A 24 0.37 -3.60 -3.72
CA GLU A 24 0.95 -4.71 -3.00
C GLU A 24 2.43 -4.44 -2.73
N TYR A 25 2.72 -3.99 -1.52
CA TYR A 25 4.07 -3.67 -1.13
C TYR A 25 4.64 -4.76 -0.22
N LEU A 26 5.94 -4.91 -0.22
CA LEU A 26 6.60 -5.90 0.61
C LEU A 26 6.90 -5.27 1.95
N VAL A 27 7.06 -6.07 2.98
CA VAL A 27 7.33 -5.50 4.28
C VAL A 27 8.30 -6.31 5.11
N ARG A 28 9.51 -5.77 5.25
CA ARG A 28 10.50 -6.36 6.10
C ARG A 28 10.19 -5.94 7.50
N TRP A 29 9.16 -6.58 8.04
CA TRP A 29 8.65 -6.30 9.37
C TRP A 29 9.72 -5.74 10.29
N LYS A 30 9.82 -4.41 10.28
CA LYS A 30 10.78 -3.68 11.14
C LYS A 30 11.08 -4.43 12.43
N ASP A 31 10.07 -5.09 12.98
CA ASP A 31 10.22 -5.88 14.19
C ASP A 31 9.87 -7.34 13.92
N GLY A 32 10.56 -7.94 12.96
CA GLY A 32 10.31 -9.31 12.59
C GLY A 32 11.56 -10.05 12.15
N GLY A 33 11.37 -11.22 11.56
CA GLY A 33 12.50 -12.01 11.09
C GLY A 33 12.45 -12.27 9.60
N ASP A 34 11.24 -12.52 9.09
CA ASP A 34 11.05 -12.78 7.67
C ASP A 34 10.26 -11.65 7.02
N CYS A 35 10.29 -11.59 5.69
CA CYS A 35 9.56 -10.56 4.96
C CYS A 35 8.52 -11.16 4.02
N GLU A 36 7.38 -10.49 3.90
CA GLU A 36 6.30 -10.95 3.04
C GLU A 36 5.71 -9.80 2.23
N TRP A 37 4.74 -10.11 1.39
CA TRP A 37 4.10 -9.10 0.55
C TRP A 37 2.77 -8.64 1.13
N VAL A 38 2.42 -7.38 0.89
CA VAL A 38 1.16 -6.83 1.37
C VAL A 38 0.07 -7.07 0.35
N LYS A 39 -1.18 -6.99 0.77
CA LYS A 39 -2.30 -7.21 -0.12
C LYS A 39 -2.58 -6.01 -1.00
N GLY A 40 -2.26 -6.15 -2.28
CA GLY A 40 -2.51 -5.10 -3.24
C GLY A 40 -3.87 -5.21 -3.88
N VAL A 41 -4.87 -5.52 -3.06
CA VAL A 41 -6.24 -5.61 -3.55
C VAL A 41 -7.11 -4.53 -2.90
N HIS A 42 -6.49 -3.72 -2.03
CA HIS A 42 -7.20 -2.66 -1.34
C HIS A 42 -7.58 -1.56 -2.30
N VAL A 43 -8.59 -1.87 -3.10
CA VAL A 43 -9.11 -0.97 -4.11
C VAL A 43 -9.63 0.34 -3.54
N ALA A 44 -8.69 1.17 -3.11
CA ALA A 44 -9.01 2.49 -2.62
C ALA A 44 -8.97 3.47 -3.79
N GLU A 45 -9.68 3.11 -4.86
CA GLU A 45 -9.73 3.91 -6.08
C GLU A 45 -9.98 5.38 -5.75
N ASP A 46 -10.62 5.60 -4.61
CA ASP A 46 -10.90 6.97 -4.17
C ASP A 46 -9.60 7.66 -3.78
N VAL A 47 -8.72 6.93 -3.12
CA VAL A 47 -7.44 7.49 -2.72
C VAL A 47 -6.60 7.79 -3.96
N ALA A 48 -6.57 6.81 -4.86
CA ALA A 48 -5.85 6.84 -6.14
C ALA A 48 -6.45 7.88 -7.08
N LYS A 49 -7.75 7.76 -7.35
CA LYS A 49 -8.42 8.69 -8.24
C LYS A 49 -8.32 10.10 -7.68
N ASP A 50 -8.30 10.19 -6.35
CA ASP A 50 -8.18 11.46 -5.67
C ASP A 50 -6.71 11.77 -5.39
N TYR A 51 -5.83 10.78 -5.57
CA TYR A 51 -4.42 10.96 -5.32
C TYR A 51 -3.74 11.57 -6.54
N GLU A 52 -3.77 10.81 -7.64
CA GLU A 52 -3.14 11.24 -8.88
C GLU A 52 -4.12 12.06 -9.71
N ASP A 53 -5.34 11.56 -9.83
CA ASP A 53 -6.39 12.23 -10.60
C ASP A 53 -7.06 13.32 -9.78
N GLY A 54 -6.94 13.24 -8.46
CA GLY A 54 -7.54 14.25 -7.60
C GLY A 54 -6.82 15.58 -7.68
N LEU A 55 -5.49 15.53 -7.71
CA LEU A 55 -4.68 16.73 -7.79
C LEU A 55 -4.69 17.29 -9.20
N GLU A 56 -4.16 16.52 -10.15
CA GLU A 56 -4.11 16.94 -11.53
C GLU A 56 -5.39 16.53 -12.26
N TYR A 57 -6.52 17.04 -11.79
CA TYR A 57 -7.81 16.75 -12.39
C TYR A 57 -8.08 17.65 -13.59
N ALA B 1 -1.09 -12.34 9.94
CA ALA B 1 -1.28 -11.19 9.02
C ALA B 1 -0.25 -10.07 9.28
N PRO B 2 -0.04 -9.70 10.55
CA PRO B 2 0.92 -8.64 10.90
C PRO B 2 2.24 -8.74 10.14
N PRO B 3 2.80 -9.95 10.02
CA PRO B 3 4.08 -10.17 9.32
C PRO B 3 3.91 -10.13 7.81
N GLY B 4 4.55 -9.16 7.17
CA GLY B 4 4.45 -9.03 5.73
C GLY B 4 3.46 -7.97 5.30
N THR B 5 3.03 -7.13 6.24
CA THR B 5 2.06 -6.08 5.95
C THR B 5 2.21 -4.88 6.88
N ALA B 6 1.77 -3.72 6.40
CA ALA B 6 1.85 -2.49 7.19
C ALA B 6 1.10 -1.34 6.51
N ARG B 7 -0.13 -1.61 6.08
CA ARG B 7 -0.95 -0.58 5.43
C ARG B 7 -0.94 0.71 6.25
N ARG B 8 -0.70 1.84 5.59
CA ARG B 8 -0.65 3.10 6.32
C ARG B 8 -1.45 4.22 5.65
N LYS B 9 -2.75 4.00 5.49
CA LYS B 9 -3.63 5.00 4.90
C LYS B 9 -5.01 4.91 5.52
N ARG B 10 -5.93 5.75 5.08
CA ARG B 10 -7.28 5.73 5.60
C ARG B 10 -7.95 4.40 5.24
N LYS B 11 -7.51 3.82 4.13
CA LYS B 11 -8.05 2.56 3.64
C LYS B 11 -9.45 2.77 3.10
N ALA B 12 -9.59 3.82 2.28
CA ALA B 12 -10.87 4.18 1.67
C ALA B 12 -11.72 2.95 1.33
N ASP B 13 -11.06 1.86 0.96
CA ASP B 13 -11.75 0.62 0.62
C ASP B 13 -11.41 -0.48 1.60
N SER B 14 -12.02 -0.42 2.79
CA SER B 14 -11.77 -1.42 3.82
C SER B 14 -12.56 -2.70 3.54
N GLY A 1 -2.05 11.03 -1.12
CA GLY A 1 -2.87 12.07 -1.79
C GLY A 1 -2.25 12.57 -3.08
N SER A 2 -1.61 11.66 -3.82
CA SER A 2 -0.97 12.01 -5.08
C SER A 2 -0.26 10.81 -5.70
N GLN A 3 0.25 9.94 -4.85
CA GLN A 3 0.93 8.75 -5.31
C GLN A 3 -0.06 7.59 -5.51
N VAL A 4 0.11 6.86 -6.60
CA VAL A 4 -0.77 5.75 -6.90
C VAL A 4 -0.16 4.45 -6.42
N PHE A 5 0.34 4.48 -5.18
CA PHE A 5 0.96 3.32 -4.57
C PHE A 5 1.42 3.63 -3.15
N GLU A 6 0.84 2.94 -2.17
CA GLU A 6 1.19 3.16 -0.76
C GLU A 6 1.93 1.95 -0.18
N TYR A 7 3.05 2.22 0.50
CA TYR A 7 3.85 1.16 1.08
C TYR A 7 3.41 0.83 2.51
N ALA A 8 2.81 -0.35 2.68
CA ALA A 8 2.39 -0.79 4.01
C ALA A 8 3.51 -1.61 4.63
N GLU A 9 4.69 -1.00 4.72
CA GLU A 9 5.88 -1.66 5.23
C GLU A 9 6.30 -1.17 6.59
N VAL A 10 6.94 -2.07 7.31
CA VAL A 10 7.42 -1.78 8.64
C VAL A 10 8.83 -1.22 8.58
N ASP A 11 9.62 -1.71 7.63
CA ASP A 11 10.99 -1.25 7.44
C ASP A 11 11.35 -1.14 5.96
N GLU A 12 10.90 -2.11 5.16
CA GLU A 12 11.25 -2.12 3.73
C GLU A 12 10.21 -2.85 2.88
N ILE A 13 10.20 -2.53 1.59
CA ILE A 13 9.26 -3.14 0.66
C ILE A 13 10.02 -3.70 -0.54
N VAL A 14 9.31 -4.08 -1.59
CA VAL A 14 9.93 -4.60 -2.80
C VAL A 14 9.06 -4.28 -4.01
N GLU A 15 7.77 -4.53 -3.86
CA GLU A 15 6.82 -4.25 -4.92
C GLU A 15 6.10 -2.93 -4.67
N LYS A 16 5.81 -2.19 -5.73
CA LYS A 16 5.12 -0.91 -5.57
C LYS A 16 4.34 -0.53 -6.84
N ARG A 17 3.12 -1.05 -6.99
CA ARG A 17 2.31 -0.74 -8.18
C ARG A 17 0.82 -0.86 -7.88
N GLY A 18 0.21 0.20 -7.39
CA GLY A 18 -1.20 0.11 -7.08
C GLY A 18 -1.95 1.42 -7.18
N LYS A 19 -2.71 1.70 -6.12
CA LYS A 19 -3.52 2.89 -6.02
C LYS A 19 -3.17 3.65 -4.73
N GLY A 20 -4.12 3.86 -3.84
CA GLY A 20 -3.84 4.53 -2.60
C GLY A 20 -3.54 3.50 -1.56
N LYS A 21 -4.32 2.45 -1.61
CA LYS A 21 -4.19 1.32 -0.72
C LYS A 21 -4.35 -0.01 -1.48
N ASP A 22 -4.56 0.07 -2.81
CA ASP A 22 -4.73 -1.11 -3.62
C ASP A 22 -3.40 -1.64 -4.13
N VAL A 23 -2.34 -1.08 -3.63
CA VAL A 23 -1.03 -1.51 -4.03
C VAL A 23 -0.54 -2.65 -3.15
N GLU A 24 0.23 -3.52 -3.74
CA GLU A 24 0.75 -4.67 -3.03
C GLU A 24 2.26 -4.52 -2.82
N TYR A 25 2.64 -3.92 -1.72
CA TYR A 25 4.02 -3.72 -1.40
C TYR A 25 4.55 -4.92 -0.62
N LEU A 26 5.74 -4.77 -0.06
CA LEU A 26 6.34 -5.81 0.77
C LEU A 26 6.71 -5.19 2.08
N VAL A 27 6.88 -6.00 3.11
CA VAL A 27 7.25 -5.43 4.37
C VAL A 27 8.30 -6.25 5.12
N ARG A 28 9.48 -5.67 5.28
CA ARG A 28 10.53 -6.31 6.03
C ARG A 28 10.34 -5.91 7.47
N TRP A 29 9.35 -6.53 8.09
CA TRP A 29 8.96 -6.25 9.48
C TRP A 29 10.13 -5.76 10.31
N LYS A 30 10.29 -4.44 10.31
CA LYS A 30 11.35 -3.77 11.10
C LYS A 30 11.70 -4.56 12.36
N ASP A 31 10.69 -5.18 12.97
CA ASP A 31 10.88 -5.99 14.17
C ASP A 31 10.30 -7.39 13.94
N GLY A 32 10.71 -8.01 12.85
CA GLY A 32 10.23 -9.34 12.51
C GLY A 32 11.36 -10.28 12.15
N GLY A 33 11.14 -11.10 11.12
CA GLY A 33 12.16 -12.05 10.69
C GLY A 33 12.09 -12.34 9.21
N ASP A 34 10.89 -12.63 8.71
CA ASP A 34 10.70 -12.94 7.30
C ASP A 34 10.21 -11.71 6.53
N CYS A 35 10.01 -11.88 5.22
CA CYS A 35 9.54 -10.79 4.37
C CYS A 35 8.27 -11.17 3.64
N GLU A 36 7.14 -10.61 4.07
CA GLU A 36 5.86 -10.89 3.45
C GLU A 36 5.43 -9.76 2.52
N TRP A 37 4.23 -9.86 1.96
CA TRP A 37 3.72 -8.85 1.05
C TRP A 37 2.51 -8.12 1.63
N VAL A 38 2.31 -6.89 1.16
CA VAL A 38 1.19 -6.07 1.60
C VAL A 38 -0.03 -6.35 0.73
N LYS A 39 -1.21 -5.98 1.21
CA LYS A 39 -2.43 -6.23 0.48
C LYS A 39 -2.67 -5.21 -0.63
N GLY A 40 -2.34 -5.60 -1.85
CA GLY A 40 -2.56 -4.74 -3.00
C GLY A 40 -3.84 -5.08 -3.73
N VAL A 41 -4.78 -5.67 -3.01
CA VAL A 41 -6.06 -6.02 -3.58
C VAL A 41 -7.12 -5.02 -3.09
N HIS A 42 -6.71 -4.10 -2.21
CA HIS A 42 -7.64 -3.11 -1.69
C HIS A 42 -7.95 -2.09 -2.74
N VAL A 43 -8.84 -2.49 -3.63
CA VAL A 43 -9.29 -1.67 -4.74
C VAL A 43 -9.91 -0.35 -4.30
N ALA A 44 -9.07 0.52 -3.79
CA ALA A 44 -9.48 1.84 -3.38
C ALA A 44 -9.27 2.80 -4.53
N GLU A 45 -9.78 2.41 -5.69
CA GLU A 45 -9.65 3.22 -6.91
C GLU A 45 -9.98 4.67 -6.63
N ASP A 46 -10.82 4.88 -5.63
CA ASP A 46 -11.22 6.23 -5.23
C ASP A 46 -10.03 6.96 -4.62
N VAL A 47 -9.34 6.30 -3.70
CA VAL A 47 -8.19 6.90 -3.05
C VAL A 47 -7.18 7.38 -4.08
N ALA A 48 -6.99 6.58 -5.12
CA ALA A 48 -6.07 6.85 -6.24
C ALA A 48 -6.64 7.95 -7.12
N LYS A 49 -7.82 7.69 -7.68
CA LYS A 49 -8.47 8.67 -8.54
C LYS A 49 -8.63 9.99 -7.79
N ASP A 50 -8.74 9.86 -6.46
CA ASP A 50 -8.88 11.02 -5.59
C ASP A 50 -7.51 11.47 -5.08
N TYR A 51 -6.53 10.56 -5.10
CA TYR A 51 -5.20 10.87 -4.63
C TYR A 51 -4.47 11.75 -5.63
N GLU A 52 -4.18 11.15 -6.79
CA GLU A 52 -3.47 11.84 -7.85
C GLU A 52 -4.42 12.67 -8.70
N ASP A 53 -5.53 12.06 -9.12
CA ASP A 53 -6.50 12.73 -9.96
C ASP A 53 -7.36 13.69 -9.15
N GLY A 54 -7.68 13.32 -7.92
CA GLY A 54 -8.50 14.18 -7.08
C GLY A 54 -7.95 15.59 -7.00
N LEU A 55 -6.64 15.69 -6.85
CA LEU A 55 -5.98 16.99 -6.77
C LEU A 55 -5.70 17.54 -8.16
N GLU A 56 -4.97 16.78 -8.96
CA GLU A 56 -4.64 17.17 -10.32
C GLU A 56 -5.69 16.66 -11.30
N TYR A 57 -6.92 17.15 -11.14
CA TYR A 57 -8.02 16.74 -12.00
C TYR A 57 -8.12 17.65 -13.23
N ALA B 1 -2.11 -16.33 3.22
CA ALA B 1 -1.56 -14.99 2.87
C ALA B 1 -0.31 -14.66 3.69
N PRO B 2 0.68 -14.03 3.06
CA PRO B 2 1.93 -13.66 3.72
C PRO B 2 1.79 -12.40 4.58
N PRO B 3 1.89 -12.54 5.91
CA PRO B 3 1.77 -11.41 6.84
C PRO B 3 2.83 -10.34 6.61
N GLY B 4 2.50 -9.34 5.81
CA GLY B 4 3.44 -8.26 5.54
C GLY B 4 2.73 -6.94 5.32
N THR B 5 2.47 -6.22 6.40
CA THR B 5 1.76 -4.94 6.32
C THR B 5 2.14 -4.01 7.46
N ALA B 6 2.05 -2.71 7.21
CA ALA B 6 2.38 -1.70 8.22
C ALA B 6 1.52 -0.45 8.10
N ARG B 7 1.85 0.40 7.13
CA ARG B 7 1.11 1.66 6.94
C ARG B 7 -0.38 1.39 6.68
N ARG B 8 -0.83 1.50 5.43
CA ARG B 8 -2.24 1.28 5.12
C ARG B 8 -3.12 2.13 6.04
N LYS B 9 -4.42 2.06 5.83
CA LYS B 9 -5.37 2.83 6.65
C LYS B 9 -6.72 2.14 6.73
N ARG B 10 -7.76 2.90 7.06
CA ARG B 10 -9.12 2.36 7.18
C ARG B 10 -9.44 1.43 6.02
N LYS B 11 -8.80 1.68 4.87
CA LYS B 11 -9.00 0.87 3.67
C LYS B 11 -10.26 1.30 2.93
N ALA B 12 -10.06 2.11 1.90
CA ALA B 12 -11.17 2.59 1.09
C ALA B 12 -11.41 1.70 -0.11
N ASP B 13 -11.54 0.40 0.14
CA ASP B 13 -11.76 -0.56 -0.92
C ASP B 13 -13.19 -1.09 -0.89
N SER B 14 -14.11 -0.23 -0.45
CA SER B 14 -15.51 -0.59 -0.36
C SER B 14 -16.35 0.56 0.15
N GLY A 1 -1.95 10.99 -1.02
CA GLY A 1 -2.66 12.19 -1.57
C GLY A 1 -1.96 12.75 -2.80
N SER A 2 -1.35 11.87 -3.59
CA SER A 2 -0.63 12.30 -4.80
C SER A 2 0.03 11.12 -5.48
N GLN A 3 0.48 10.16 -4.69
CA GLN A 3 1.12 8.99 -5.25
C GLN A 3 0.07 7.92 -5.54
N VAL A 4 0.30 7.16 -6.59
CA VAL A 4 -0.62 6.11 -6.98
C VAL A 4 -0.26 4.80 -6.28
N PHE A 5 0.00 4.90 -4.99
CA PHE A 5 0.36 3.73 -4.18
C PHE A 5 0.51 4.10 -2.71
N GLU A 6 0.74 3.08 -1.88
CA GLU A 6 0.89 3.25 -0.43
C GLU A 6 1.75 2.12 0.11
N TYR A 7 2.84 2.47 0.80
CA TYR A 7 3.75 1.45 1.32
C TYR A 7 3.33 0.95 2.69
N ALA A 8 2.77 -0.25 2.72
CA ALA A 8 2.35 -0.88 3.97
C ALA A 8 3.52 -1.68 4.52
N GLU A 9 4.63 -0.99 4.75
CA GLU A 9 5.86 -1.62 5.21
C GLU A 9 6.31 -1.13 6.57
N VAL A 10 6.93 -2.05 7.27
CA VAL A 10 7.44 -1.81 8.59
C VAL A 10 8.84 -1.25 8.51
N ASP A 11 9.59 -1.71 7.52
CA ASP A 11 10.95 -1.25 7.30
C ASP A 11 11.29 -1.18 5.81
N GLU A 12 10.80 -2.14 5.04
CA GLU A 12 11.12 -2.20 3.60
C GLU A 12 10.05 -2.93 2.80
N ILE A 13 10.05 -2.72 1.49
CA ILE A 13 9.10 -3.36 0.60
C ILE A 13 9.82 -3.96 -0.61
N VAL A 14 9.07 -4.29 -1.64
CA VAL A 14 9.64 -4.87 -2.86
C VAL A 14 8.78 -4.47 -4.05
N GLU A 15 7.52 -4.88 -4.01
CA GLU A 15 6.58 -4.54 -5.06
C GLU A 15 5.84 -3.27 -4.66
N LYS A 16 5.72 -2.32 -5.57
CA LYS A 16 5.04 -1.06 -5.23
C LYS A 16 4.36 -0.41 -6.43
N ARG A 17 3.18 -0.90 -6.83
CA ARG A 17 2.49 -0.31 -7.97
C ARG A 17 0.98 -0.53 -7.88
N GLY A 18 0.25 0.44 -7.35
CA GLY A 18 -1.18 0.26 -7.23
C GLY A 18 -1.98 1.55 -7.26
N LYS A 19 -2.87 1.67 -6.28
CA LYS A 19 -3.73 2.83 -6.14
C LYS A 19 -3.40 3.56 -4.83
N GLY A 20 -4.37 3.70 -3.94
CA GLY A 20 -4.12 4.32 -2.68
C GLY A 20 -3.83 3.24 -1.68
N LYS A 21 -4.62 2.19 -1.82
CA LYS A 21 -4.50 1.00 -1.00
C LYS A 21 -4.60 -0.28 -1.86
N ASP A 22 -4.72 -0.11 -3.19
CA ASP A 22 -4.82 -1.25 -4.11
C ASP A 22 -3.44 -1.71 -4.57
N VAL A 23 -2.42 -1.17 -3.94
CA VAL A 23 -1.06 -1.48 -4.25
C VAL A 23 -0.52 -2.56 -3.33
N GLU A 24 0.34 -3.40 -3.86
CA GLU A 24 0.91 -4.48 -3.07
C GLU A 24 2.34 -4.17 -2.69
N TYR A 25 2.55 -3.95 -1.40
CA TYR A 25 3.87 -3.64 -0.90
C TYR A 25 4.36 -4.76 0.01
N LEU A 26 5.66 -4.98 0.01
CA LEU A 26 6.26 -5.99 0.84
C LEU A 26 6.62 -5.36 2.16
N VAL A 27 6.79 -6.16 3.20
CA VAL A 27 7.15 -5.58 4.47
C VAL A 27 8.18 -6.40 5.24
N ARG A 28 9.38 -5.84 5.36
CA ARG A 28 10.43 -6.47 6.13
C ARG A 28 10.29 -5.97 7.53
N TRP A 29 9.33 -6.58 8.24
CA TRP A 29 9.01 -6.24 9.63
C TRP A 29 10.21 -5.70 10.37
N LYS A 30 10.36 -4.38 10.31
CA LYS A 30 11.46 -3.66 10.99
C LYS A 30 11.92 -4.40 12.26
N ASP A 31 10.97 -5.01 12.97
CA ASP A 31 11.27 -5.76 14.18
C ASP A 31 10.88 -7.23 13.99
N GLY A 32 11.41 -7.84 12.94
CA GLY A 32 11.10 -9.23 12.64
C GLY A 32 12.27 -9.99 12.04
N GLY A 33 11.95 -11.03 11.28
CA GLY A 33 12.99 -11.83 10.64
C GLY A 33 12.62 -12.23 9.23
N ASP A 34 11.38 -12.69 9.04
CA ASP A 34 10.91 -13.11 7.73
C ASP A 34 10.25 -11.94 7.00
N CYS A 35 10.10 -12.08 5.68
CA CYS A 35 9.49 -11.04 4.87
C CYS A 35 8.18 -11.52 4.25
N GLU A 36 7.18 -10.66 4.28
CA GLU A 36 5.86 -10.98 3.74
C GLU A 36 5.37 -9.88 2.81
N TRP A 37 4.33 -10.17 2.04
CA TRP A 37 3.76 -9.20 1.10
C TRP A 37 2.44 -8.65 1.58
N VAL A 38 2.17 -7.39 1.26
CA VAL A 38 0.93 -6.74 1.66
C VAL A 38 -0.16 -6.98 0.61
N LYS A 39 -1.41 -6.82 1.00
CA LYS A 39 -2.52 -7.04 0.09
C LYS A 39 -2.75 -5.84 -0.82
N GLY A 40 -2.18 -5.92 -2.02
CA GLY A 40 -2.34 -4.86 -2.99
C GLY A 40 -3.53 -5.06 -3.90
N VAL A 41 -4.66 -5.45 -3.33
CA VAL A 41 -5.88 -5.64 -4.09
C VAL A 41 -6.97 -4.71 -3.57
N HIS A 42 -6.56 -3.73 -2.76
CA HIS A 42 -7.50 -2.79 -2.18
C HIS A 42 -7.79 -1.67 -3.14
N VAL A 43 -8.68 -1.99 -4.08
CA VAL A 43 -9.12 -1.06 -5.10
C VAL A 43 -9.75 0.19 -4.52
N ALA A 44 -8.91 1.03 -3.95
CA ALA A 44 -9.34 2.29 -3.40
C ALA A 44 -9.21 3.35 -4.47
N GLU A 45 -9.78 3.07 -5.64
CA GLU A 45 -9.74 3.99 -6.77
C GLU A 45 -10.04 5.40 -6.33
N ASP A 46 -10.82 5.51 -5.26
CA ASP A 46 -11.16 6.81 -4.70
C ASP A 46 -9.92 7.45 -4.11
N VAL A 47 -9.22 6.69 -3.26
CA VAL A 47 -8.01 7.18 -2.63
C VAL A 47 -7.01 7.61 -3.67
N ALA A 48 -6.83 6.76 -4.68
CA ALA A 48 -5.93 6.98 -5.82
C ALA A 48 -6.43 8.12 -6.70
N LYS A 49 -7.65 7.96 -7.22
CA LYS A 49 -8.22 8.99 -8.09
C LYS A 49 -8.22 10.32 -7.36
N ASP A 50 -8.39 10.27 -6.05
CA ASP A 50 -8.40 11.47 -5.24
C ASP A 50 -6.99 11.78 -4.73
N TYR A 51 -6.12 10.77 -4.74
CA TYR A 51 -4.76 10.95 -4.26
C TYR A 51 -3.97 11.74 -5.27
N GLU A 52 -3.85 11.14 -6.45
CA GLU A 52 -3.09 11.75 -7.54
C GLU A 52 -4.00 12.60 -8.43
N ASP A 53 -5.12 12.02 -8.86
CA ASP A 53 -6.05 12.71 -9.72
C ASP A 53 -6.87 13.75 -8.95
N GLY A 54 -6.93 13.59 -7.63
CA GLY A 54 -7.67 14.53 -6.81
C GLY A 54 -7.01 15.91 -6.79
N LEU A 55 -5.69 15.93 -6.65
CA LEU A 55 -4.95 17.17 -6.62
C LEU A 55 -4.71 17.69 -8.05
N GLU A 56 -3.95 16.93 -8.82
CA GLU A 56 -3.66 17.30 -10.20
C GLU A 56 -4.78 16.87 -11.13
N TYR A 57 -5.97 17.42 -10.89
CA TYR A 57 -7.14 17.09 -11.71
C TYR A 57 -7.19 17.95 -12.97
N ALA B 1 -0.25 -14.63 12.49
CA ALA B 1 0.70 -13.57 12.09
C ALA B 1 0.21 -12.82 10.84
N PRO B 2 0.37 -11.49 10.81
CA PRO B 2 -0.06 -10.68 9.67
C PRO B 2 0.86 -10.85 8.46
N PRO B 3 0.28 -10.91 7.25
CA PRO B 3 1.06 -11.09 6.02
C PRO B 3 1.80 -9.82 5.62
N GLY B 4 2.84 -9.48 6.38
CA GLY B 4 3.62 -8.29 6.10
C GLY B 4 2.74 -7.07 5.84
N THR B 5 2.56 -6.26 6.87
CA THR B 5 1.74 -5.05 6.76
C THR B 5 2.15 -4.00 7.79
N ALA B 6 2.06 -2.72 7.41
CA ALA B 6 2.41 -1.63 8.32
C ALA B 6 1.52 -0.40 8.14
N ARG B 7 1.88 0.48 7.20
CA ARG B 7 1.13 1.69 6.96
C ARG B 7 -0.35 1.41 6.74
N ARG B 8 -0.83 1.42 5.49
CA ARG B 8 -2.24 1.18 5.23
C ARG B 8 -3.10 2.13 6.05
N LYS B 9 -4.41 2.09 5.82
CA LYS B 9 -5.32 2.96 6.56
C LYS B 9 -6.69 2.29 6.73
N ARG B 10 -7.69 3.07 7.13
CA ARG B 10 -9.04 2.54 7.33
C ARG B 10 -9.49 1.70 6.14
N LYS B 11 -8.90 1.95 4.97
CA LYS B 11 -9.23 1.23 3.76
C LYS B 11 -10.49 1.81 3.10
N ALA B 12 -10.29 2.87 2.31
CA ALA B 12 -11.39 3.53 1.63
C ALA B 12 -12.28 2.52 0.91
N ASP B 13 -11.67 1.43 0.46
CA ASP B 13 -12.40 0.38 -0.26
C ASP B 13 -12.52 -0.87 0.60
N SER B 14 -13.19 -0.74 1.74
CA SER B 14 -13.38 -1.87 2.64
C SER B 14 -14.43 -2.83 2.11
N GLY A 1 -1.19 11.26 -2.28
CA GLY A 1 -1.82 12.47 -2.89
C GLY A 1 -1.20 12.82 -4.24
N SER A 2 -0.70 11.82 -4.94
CA SER A 2 -0.08 12.02 -6.25
C SER A 2 0.46 10.72 -6.82
N GLN A 3 0.95 9.86 -5.94
CA GLN A 3 1.48 8.57 -6.36
C GLN A 3 0.36 7.55 -6.37
N VAL A 4 0.35 6.68 -7.37
CA VAL A 4 -0.69 5.68 -7.49
C VAL A 4 -0.27 4.41 -6.76
N PHE A 5 0.15 4.56 -5.51
CA PHE A 5 0.56 3.43 -4.71
C PHE A 5 1.05 3.89 -3.34
N GLU A 6 0.77 3.09 -2.31
CA GLU A 6 1.18 3.40 -0.94
C GLU A 6 1.93 2.21 -0.32
N TYR A 7 2.97 2.50 0.47
CA TYR A 7 3.76 1.45 1.09
C TYR A 7 3.20 1.04 2.44
N ALA A 8 2.75 -0.19 2.50
CA ALA A 8 2.20 -0.77 3.71
C ALA A 8 3.23 -1.67 4.36
N GLU A 9 4.41 -1.12 4.63
CA GLU A 9 5.48 -1.87 5.23
C GLU A 9 5.91 -1.32 6.56
N VAL A 10 6.63 -2.14 7.29
CA VAL A 10 7.09 -1.77 8.59
C VAL A 10 8.53 -1.28 8.59
N ASP A 11 9.28 -1.62 7.54
CA ASP A 11 10.66 -1.19 7.43
C ASP A 11 11.11 -1.01 5.99
N GLU A 12 10.72 -1.97 5.13
CA GLU A 12 11.12 -1.93 3.73
C GLU A 12 10.14 -2.67 2.83
N ILE A 13 10.26 -2.48 1.52
CA ILE A 13 9.36 -3.16 0.57
C ILE A 13 10.15 -3.64 -0.65
N VAL A 14 9.44 -4.11 -1.66
CA VAL A 14 10.08 -4.59 -2.90
C VAL A 14 9.19 -4.29 -4.09
N GLU A 15 7.99 -4.84 -4.08
CA GLU A 15 7.04 -4.61 -5.16
C GLU A 15 6.11 -3.45 -4.79
N LYS A 16 5.86 -2.57 -5.75
CA LYS A 16 5.01 -1.40 -5.48
C LYS A 16 4.27 -0.93 -6.75
N ARG A 17 3.05 -1.40 -6.94
CA ARG A 17 2.27 -1.02 -8.12
C ARG A 17 0.77 -1.16 -7.87
N GLY A 18 0.12 -0.09 -7.44
CA GLY A 18 -1.30 -0.19 -7.15
C GLY A 18 -2.07 1.10 -7.30
N LYS A 19 -2.88 1.36 -6.28
CA LYS A 19 -3.72 2.54 -6.22
C LYS A 19 -3.28 3.41 -5.04
N GLY A 20 -4.19 3.72 -4.12
CA GLY A 20 -3.81 4.48 -2.97
C GLY A 20 -3.47 3.53 -1.87
N LYS A 21 -4.31 2.51 -1.78
CA LYS A 21 -4.17 1.44 -0.82
C LYS A 21 -4.31 0.06 -1.49
N ASP A 22 -4.57 0.06 -2.82
CA ASP A 22 -4.76 -1.19 -3.56
C ASP A 22 -3.45 -1.76 -4.06
N VAL A 23 -2.37 -1.19 -3.60
CA VAL A 23 -1.06 -1.63 -4.00
C VAL A 23 -0.50 -2.73 -3.11
N GLU A 24 0.36 -3.52 -3.69
CA GLU A 24 0.99 -4.60 -2.96
C GLU A 24 2.44 -4.22 -2.64
N TYR A 25 2.74 -4.05 -1.37
CA TYR A 25 4.08 -3.68 -0.95
C TYR A 25 4.64 -4.75 -0.03
N LEU A 26 5.95 -4.94 -0.06
CA LEU A 26 6.60 -5.91 0.79
C LEU A 26 6.94 -5.28 2.11
N VAL A 27 7.10 -6.08 3.14
CA VAL A 27 7.43 -5.53 4.43
C VAL A 27 8.42 -6.37 5.22
N ARG A 28 9.62 -5.82 5.35
CA ARG A 28 10.62 -6.45 6.16
C ARG A 28 10.30 -6.01 7.56
N TRP A 29 9.19 -6.55 8.05
CA TRP A 29 8.64 -6.23 9.36
C TRP A 29 9.70 -5.77 10.33
N LYS A 30 9.89 -4.44 10.34
CA LYS A 30 10.87 -3.78 11.24
C LYS A 30 11.09 -4.57 12.53
N ASP A 31 10.02 -5.18 13.03
CA ASP A 31 10.10 -5.99 14.24
C ASP A 31 9.73 -7.43 13.93
N GLY A 32 10.45 -8.03 12.99
CA GLY A 32 10.18 -9.39 12.58
C GLY A 32 11.44 -10.12 12.14
N GLY A 33 11.31 -10.94 11.10
CA GLY A 33 12.43 -11.69 10.58
C GLY A 33 12.33 -11.95 9.09
N ASP A 34 11.18 -12.42 8.65
CA ASP A 34 10.96 -12.71 7.23
C ASP A 34 10.34 -11.51 6.52
N CYS A 35 10.40 -11.53 5.19
CA CYS A 35 9.85 -10.44 4.39
C CYS A 35 8.76 -10.95 3.47
N GLU A 36 7.51 -10.58 3.75
CA GLU A 36 6.37 -11.01 2.95
C GLU A 36 5.75 -9.81 2.22
N TRP A 37 4.72 -10.08 1.43
CA TRP A 37 4.05 -9.03 0.67
C TRP A 37 2.73 -8.60 1.31
N VAL A 38 2.38 -7.33 1.13
CA VAL A 38 1.15 -6.80 1.67
C VAL A 38 0.01 -6.99 0.67
N LYS A 39 -1.23 -6.91 1.15
CA LYS A 39 -2.38 -7.12 0.28
C LYS A 39 -2.61 -5.95 -0.67
N GLY A 40 -2.23 -6.14 -1.92
CA GLY A 40 -2.41 -5.11 -2.92
C GLY A 40 -3.72 -5.22 -3.66
N VAL A 41 -4.78 -5.51 -2.90
CA VAL A 41 -6.12 -5.61 -3.49
C VAL A 41 -7.03 -4.56 -2.87
N HIS A 42 -6.46 -3.62 -2.11
CA HIS A 42 -7.25 -2.59 -1.46
C HIS A 42 -7.64 -1.52 -2.43
N VAL A 43 -8.66 -1.87 -3.22
CA VAL A 43 -9.21 -1.00 -4.24
C VAL A 43 -9.70 0.33 -3.70
N ALA A 44 -8.75 1.17 -3.33
CA ALA A 44 -9.06 2.51 -2.87
C ALA A 44 -9.02 3.46 -4.04
N GLU A 45 -9.72 3.08 -5.10
CA GLU A 45 -9.78 3.87 -6.34
C GLU A 45 -9.93 5.35 -6.02
N ASP A 46 -10.58 5.63 -4.92
CA ASP A 46 -10.80 7.00 -4.48
C ASP A 46 -9.49 7.64 -4.08
N VAL A 47 -8.70 6.91 -3.29
CA VAL A 47 -7.41 7.41 -2.85
C VAL A 47 -6.53 7.68 -4.06
N ALA A 48 -6.60 6.77 -5.03
CA ALA A 48 -5.85 6.82 -6.29
C ALA A 48 -6.35 7.96 -7.18
N LYS A 49 -7.64 7.94 -7.50
CA LYS A 49 -8.23 8.99 -8.31
C LYS A 49 -8.06 10.34 -7.62
N ASP A 50 -8.02 10.28 -6.29
CA ASP A 50 -7.85 11.47 -5.48
C ASP A 50 -6.36 11.69 -5.18
N TYR A 51 -5.54 10.66 -5.43
CA TYR A 51 -4.12 10.74 -5.19
C TYR A 51 -3.42 11.40 -6.36
N GLU A 52 -3.41 10.67 -7.47
CA GLU A 52 -2.76 11.14 -8.69
C GLU A 52 -3.68 12.05 -9.49
N ASP A 53 -4.92 11.61 -9.65
CA ASP A 53 -5.92 12.38 -10.39
C ASP A 53 -6.55 13.46 -9.51
N GLY A 54 -6.38 13.34 -8.21
CA GLY A 54 -6.93 14.33 -7.29
C GLY A 54 -6.09 15.58 -7.24
N LEU A 55 -4.78 15.42 -7.33
CA LEU A 55 -3.86 16.55 -7.30
C LEU A 55 -3.70 17.14 -8.71
N GLU A 56 -3.24 16.31 -9.64
CA GLU A 56 -3.05 16.74 -11.01
C GLU A 56 -4.32 16.52 -11.82
N TYR A 57 -5.40 17.19 -11.43
CA TYR A 57 -6.68 17.06 -12.11
C TYR A 57 -6.80 18.08 -13.23
N ALA B 1 0.06 -17.03 5.84
CA ALA B 1 0.58 -15.65 5.69
C ALA B 1 1.78 -15.42 6.61
N PRO B 2 2.98 -15.84 6.17
CA PRO B 2 4.21 -15.68 6.96
C PRO B 2 4.41 -14.25 7.43
N PRO B 3 5.05 -14.07 8.62
CA PRO B 3 5.31 -12.74 9.18
C PRO B 3 6.00 -11.81 8.19
N GLY B 4 5.37 -10.67 7.92
CA GLY B 4 5.94 -9.72 6.99
C GLY B 4 4.87 -8.93 6.24
N THR B 5 4.10 -8.14 6.97
CA THR B 5 3.04 -7.34 6.38
C THR B 5 2.77 -6.07 7.17
N ALA B 6 1.89 -5.24 6.61
CA ALA B 6 1.52 -3.97 7.24
C ALA B 6 0.34 -3.34 6.50
N ARG B 7 -0.03 -2.14 6.90
CA ARG B 7 -1.15 -1.44 6.29
C ARG B 7 -0.77 -0.02 5.85
N ARG B 8 -0.98 0.29 4.58
CA ARG B 8 -0.66 1.62 4.05
C ARG B 8 -1.19 2.71 4.97
N LYS B 9 -2.52 2.80 5.09
CA LYS B 9 -3.15 3.80 5.92
C LYS B 9 -4.55 3.36 6.34
N ARG B 10 -5.35 4.29 6.86
CA ARG B 10 -6.71 3.98 7.30
C ARG B 10 -7.45 3.13 6.27
N LYS B 11 -7.07 3.29 5.01
CA LYS B 11 -7.69 2.55 3.92
C LYS B 11 -9.07 3.11 3.58
N ALA B 12 -9.14 3.88 2.51
CA ALA B 12 -10.39 4.49 2.07
C ALA B 12 -11.41 3.42 1.68
N ASP B 13 -10.92 2.25 1.32
CA ASP B 13 -11.78 1.14 0.92
C ASP B 13 -11.78 0.03 1.96
N SER B 14 -12.13 0.39 3.19
CA SER B 14 -12.16 -0.57 4.29
C SER B 14 -13.40 -1.46 4.19
N GLY A 1 -1.81 11.25 -1.34
CA GLY A 1 -2.50 12.42 -1.96
C GLY A 1 -1.81 12.88 -3.24
N SER A 2 -1.26 11.93 -3.99
CA SER A 2 -0.58 12.25 -5.24
C SER A 2 0.07 11.02 -5.86
N GLN A 3 0.48 10.09 -5.02
CA GLN A 3 1.09 8.86 -5.49
C GLN A 3 0.04 7.79 -5.74
N VAL A 4 0.23 7.03 -6.81
CA VAL A 4 -0.70 5.97 -7.16
C VAL A 4 -0.29 4.67 -6.48
N PHE A 5 -0.01 4.75 -5.19
CA PHE A 5 0.40 3.59 -4.43
C PHE A 5 0.67 3.98 -2.97
N GLU A 6 0.88 2.98 -2.12
CA GLU A 6 1.14 3.18 -0.71
C GLU A 6 1.96 2.01 -0.17
N TYR A 7 3.07 2.31 0.50
CA TYR A 7 3.93 1.27 1.02
C TYR A 7 3.51 0.84 2.42
N ALA A 8 2.84 -0.30 2.52
CA ALA A 8 2.41 -0.82 3.82
C ALA A 8 3.52 -1.63 4.43
N GLU A 9 4.66 -0.97 4.62
CA GLU A 9 5.87 -1.59 5.14
C GLU A 9 6.25 -1.10 6.51
N VAL A 10 6.87 -2.02 7.24
CA VAL A 10 7.34 -1.77 8.57
C VAL A 10 8.76 -1.22 8.53
N ASP A 11 9.53 -1.74 7.59
CA ASP A 11 10.91 -1.30 7.40
C ASP A 11 11.29 -1.22 5.92
N GLU A 12 10.81 -2.18 5.13
CA GLU A 12 11.17 -2.24 3.70
C GLU A 12 10.11 -2.93 2.86
N ILE A 13 10.10 -2.63 1.57
CA ILE A 13 9.16 -3.23 0.63
C ILE A 13 9.92 -3.83 -0.55
N VAL A 14 9.20 -4.16 -1.62
CA VAL A 14 9.82 -4.72 -2.82
C VAL A 14 8.98 -4.35 -4.03
N GLU A 15 7.68 -4.57 -3.92
CA GLU A 15 6.74 -4.24 -4.98
C GLU A 15 6.05 -2.91 -4.66
N LYS A 16 5.77 -2.12 -5.68
CA LYS A 16 5.10 -0.83 -5.46
C LYS A 16 4.32 -0.37 -6.69
N ARG A 17 3.12 -0.92 -6.94
CA ARG A 17 2.34 -0.52 -8.11
C ARG A 17 0.85 -0.72 -7.89
N GLY A 18 0.15 0.30 -7.38
CA GLY A 18 -1.27 0.14 -7.17
C GLY A 18 -2.07 1.42 -7.21
N LYS A 19 -2.92 1.57 -6.19
CA LYS A 19 -3.79 2.71 -6.04
C LYS A 19 -3.42 3.47 -4.76
N GLY A 20 -4.35 3.61 -3.83
CA GLY A 20 -4.05 4.25 -2.58
C GLY A 20 -3.69 3.21 -1.59
N LYS A 21 -4.45 2.13 -1.66
CA LYS A 21 -4.25 0.97 -0.82
C LYS A 21 -4.37 -0.34 -1.64
N ASP A 22 -4.65 -0.24 -2.95
CA ASP A 22 -4.78 -1.42 -3.81
C ASP A 22 -3.44 -1.87 -4.34
N VAL A 23 -2.40 -1.28 -3.82
CA VAL A 23 -1.06 -1.60 -4.20
C VAL A 23 -0.50 -2.72 -3.35
N GLU A 24 0.28 -3.59 -3.95
CA GLU A 24 0.85 -4.71 -3.22
C GLU A 24 2.32 -4.51 -2.96
N TYR A 25 2.64 -4.02 -1.77
CA TYR A 25 4.00 -3.79 -1.38
C TYR A 25 4.53 -5.00 -0.61
N LEU A 26 5.68 -4.84 0.00
CA LEU A 26 6.31 -5.87 0.80
C LEU A 26 6.65 -5.28 2.15
N VAL A 27 6.82 -6.10 3.17
CA VAL A 27 7.18 -5.53 4.45
C VAL A 27 8.20 -6.36 5.23
N ARG A 28 9.37 -5.80 5.39
CA ARG A 28 10.41 -6.42 6.17
C ARG A 28 10.22 -5.95 7.59
N TRP A 29 9.22 -6.55 8.23
CA TRP A 29 8.84 -6.23 9.61
C TRP A 29 10.01 -5.71 10.41
N LYS A 30 10.18 -4.38 10.37
CA LYS A 30 11.25 -3.69 11.14
C LYS A 30 11.62 -4.44 12.42
N ASP A 31 10.62 -5.04 13.06
CA ASP A 31 10.84 -5.81 14.27
C ASP A 31 10.45 -7.27 14.03
N GLY A 32 11.05 -7.88 13.02
CA GLY A 32 10.76 -9.25 12.67
C GLY A 32 11.96 -9.98 12.09
N GLY A 33 11.70 -11.12 11.45
CA GLY A 33 12.77 -11.89 10.86
C GLY A 33 12.31 -12.67 9.64
N ASP A 34 11.40 -12.08 8.88
CA ASP A 34 10.87 -12.73 7.69
C ASP A 34 10.57 -11.71 6.59
N CYS A 35 9.87 -12.16 5.55
CA CYS A 35 9.52 -11.28 4.43
C CYS A 35 8.14 -11.64 3.88
N GLU A 36 7.19 -10.73 4.04
CA GLU A 36 5.82 -10.95 3.54
C GLU A 36 5.42 -9.85 2.57
N TRP A 37 4.23 -9.99 1.99
CA TRP A 37 3.74 -9.00 1.03
C TRP A 37 2.48 -8.31 1.54
N VAL A 38 2.28 -7.07 1.09
CA VAL A 38 1.11 -6.30 1.48
C VAL A 38 -0.04 -6.56 0.53
N LYS A 39 -1.26 -6.41 1.02
CA LYS A 39 -2.45 -6.66 0.23
C LYS A 39 -2.67 -5.58 -0.83
N GLY A 40 -2.23 -5.87 -2.04
CA GLY A 40 -2.40 -4.92 -3.13
C GLY A 40 -3.65 -5.19 -3.94
N VAL A 41 -4.72 -5.53 -3.25
CA VAL A 41 -6.00 -5.76 -3.90
C VAL A 41 -7.04 -4.79 -3.34
N HIS A 42 -6.60 -3.89 -2.46
CA HIS A 42 -7.51 -2.94 -1.85
C HIS A 42 -7.78 -1.79 -2.77
N VAL A 43 -8.71 -2.07 -3.68
CA VAL A 43 -9.14 -1.13 -4.70
C VAL A 43 -9.65 0.17 -4.12
N ALA A 44 -8.71 0.99 -3.65
CA ALA A 44 -9.04 2.28 -3.10
C ALA A 44 -9.00 3.32 -4.20
N GLU A 45 -9.70 3.02 -5.29
CA GLU A 45 -9.76 3.91 -6.44
C GLU A 45 -10.06 5.33 -5.99
N ASP A 46 -10.74 5.44 -4.85
CA ASP A 46 -11.07 6.73 -4.29
C ASP A 46 -9.81 7.41 -3.76
N VAL A 47 -9.01 6.66 -3.03
CA VAL A 47 -7.76 7.18 -2.48
C VAL A 47 -6.85 7.60 -3.62
N ALA A 48 -6.75 6.72 -4.60
CA ALA A 48 -5.93 6.89 -5.81
C ALA A 48 -6.48 7.99 -6.70
N LYS A 49 -7.74 7.84 -7.11
CA LYS A 49 -8.37 8.84 -7.96
C LYS A 49 -8.34 10.20 -7.28
N ASP A 50 -8.41 10.17 -5.95
CA ASP A 50 -8.37 11.38 -5.16
C ASP A 50 -6.94 11.71 -4.76
N TYR A 51 -6.04 10.72 -4.87
CA TYR A 51 -4.64 10.91 -4.51
C TYR A 51 -3.90 11.65 -5.60
N GLU A 52 -3.79 10.99 -6.76
CA GLU A 52 -3.09 11.54 -7.89
C GLU A 52 -4.02 12.39 -8.76
N ASP A 53 -5.19 11.86 -9.03
CA ASP A 53 -6.18 12.56 -9.84
C ASP A 53 -6.97 13.57 -9.02
N GLY A 54 -6.96 13.41 -7.70
CA GLY A 54 -7.68 14.32 -6.84
C GLY A 54 -6.96 15.65 -6.66
N LEU A 55 -5.63 15.60 -6.65
CA LEU A 55 -4.82 16.79 -6.50
C LEU A 55 -4.70 17.55 -7.83
N GLU A 56 -3.96 16.97 -8.76
CA GLU A 56 -3.78 17.57 -10.07
C GLU A 56 -4.86 17.12 -11.05
N TYR A 57 -6.10 17.49 -10.76
CA TYR A 57 -7.23 17.12 -11.61
C TYR A 57 -7.35 18.08 -12.79
N ALA B 1 -1.51 -14.27 11.37
CA ALA B 1 -1.69 -13.03 10.57
C ALA B 1 -0.43 -12.72 9.76
N PRO B 2 -0.46 -13.00 8.45
CA PRO B 2 0.69 -12.73 7.56
C PRO B 2 1.32 -11.36 7.81
N PRO B 3 2.49 -11.32 8.45
CA PRO B 3 3.19 -10.07 8.74
C PRO B 3 3.74 -9.40 7.48
N GLY B 4 2.83 -8.93 6.63
CA GLY B 4 3.24 -8.28 5.39
C GLY B 4 2.56 -6.93 5.20
N THR B 5 2.35 -6.20 6.29
CA THR B 5 1.69 -4.91 6.23
C THR B 5 2.12 -3.98 7.36
N ALA B 6 2.04 -2.67 7.14
CA ALA B 6 2.42 -1.71 8.16
C ALA B 6 1.81 -0.32 7.97
N ARG B 7 2.42 0.48 7.09
CA ARG B 7 1.96 1.85 6.85
C ARG B 7 0.44 1.97 6.77
N ARG B 8 -0.14 1.92 5.56
CA ARG B 8 -1.58 2.07 5.42
C ARG B 8 -2.27 0.72 5.27
N LYS B 9 -3.15 0.41 6.22
CA LYS B 9 -3.91 -0.83 6.20
C LYS B 9 -5.30 -0.63 6.80
N ARG B 10 -6.02 0.39 6.33
CA ARG B 10 -7.36 0.68 6.84
C ARG B 10 -8.42 0.38 5.78
N LYS B 11 -7.99 0.31 4.53
CA LYS B 11 -8.91 0.01 3.42
C LYS B 11 -9.92 1.13 3.24
N ALA B 12 -9.63 2.06 2.33
CA ALA B 12 -10.52 3.17 2.05
C ALA B 12 -11.73 2.70 1.24
N ASP B 13 -11.53 1.62 0.49
CA ASP B 13 -12.58 1.06 -0.34
C ASP B 13 -13.05 -0.28 0.20
N SER B 14 -12.12 -1.03 0.80
CA SER B 14 -12.43 -2.34 1.36
C SER B 14 -12.99 -3.27 0.29
N GLY A 1 -0.46 12.00 -1.46
CA GLY A 1 -1.16 13.18 -2.04
C GLY A 1 -0.83 13.40 -3.51
N SER A 2 -0.63 12.30 -4.25
CA SER A 2 -0.29 12.38 -5.68
C SER A 2 0.28 11.06 -6.21
N GLN A 3 0.72 10.19 -5.33
CA GLN A 3 1.29 8.92 -5.74
C GLN A 3 0.19 7.87 -5.88
N VAL A 4 0.33 7.02 -6.88
CA VAL A 4 -0.64 5.98 -7.15
C VAL A 4 -0.30 4.71 -6.38
N PHE A 5 -0.01 4.86 -5.09
CA PHE A 5 0.33 3.72 -4.25
C PHE A 5 0.56 4.15 -2.80
N GLU A 6 0.75 3.16 -1.94
CA GLU A 6 0.97 3.39 -0.51
C GLU A 6 1.79 2.23 0.07
N TYR A 7 2.87 2.53 0.77
CA TYR A 7 3.73 1.49 1.31
C TYR A 7 3.27 1.00 2.68
N ALA A 8 2.77 -0.23 2.71
CA ALA A 8 2.32 -0.85 3.96
C ALA A 8 3.48 -1.63 4.57
N GLU A 9 4.62 -0.97 4.67
CA GLU A 9 5.84 -1.58 5.17
C GLU A 9 6.24 -1.08 6.55
N VAL A 10 6.88 -1.99 7.26
CA VAL A 10 7.36 -1.72 8.59
C VAL A 10 8.76 -1.16 8.54
N ASP A 11 9.54 -1.65 7.58
CA ASP A 11 10.90 -1.17 7.38
C ASP A 11 11.26 -1.09 5.90
N GLU A 12 10.81 -2.06 5.11
CA GLU A 12 11.13 -2.09 3.68
C GLU A 12 10.10 -2.86 2.86
N ILE A 13 10.06 -2.56 1.56
CA ILE A 13 9.14 -3.22 0.64
C ILE A 13 9.91 -3.80 -0.55
N VAL A 14 9.19 -4.16 -1.60
CA VAL A 14 9.81 -4.71 -2.80
C VAL A 14 8.97 -4.37 -4.02
N GLU A 15 7.73 -4.82 -3.99
CA GLU A 15 6.78 -4.55 -5.08
C GLU A 15 5.92 -3.35 -4.71
N LYS A 16 5.75 -2.41 -5.63
CA LYS A 16 4.96 -1.22 -5.33
C LYS A 16 4.28 -0.64 -6.58
N ARG A 17 3.07 -1.11 -6.90
CA ARG A 17 2.35 -0.61 -8.07
C ARG A 17 0.84 -0.77 -7.89
N GLY A 18 0.16 0.25 -7.39
CA GLY A 18 -1.26 0.11 -7.20
C GLY A 18 -2.05 1.41 -7.28
N LYS A 19 -2.94 1.57 -6.31
CA LYS A 19 -3.80 2.73 -6.21
C LYS A 19 -3.44 3.53 -4.95
N GLY A 20 -4.37 3.68 -4.02
CA GLY A 20 -4.06 4.35 -2.79
C GLY A 20 -3.75 3.32 -1.76
N LYS A 21 -4.58 2.27 -1.81
CA LYS A 21 -4.44 1.12 -0.93
C LYS A 21 -4.55 -0.20 -1.73
N ASP A 22 -4.74 -0.10 -3.06
CA ASP A 22 -4.85 -1.29 -3.91
C ASP A 22 -3.48 -1.77 -4.36
N VAL A 23 -2.46 -1.16 -3.83
CA VAL A 23 -1.10 -1.49 -4.15
C VAL A 23 -0.55 -2.56 -3.22
N GLU A 24 0.29 -3.41 -3.76
CA GLU A 24 0.87 -4.49 -2.99
C GLU A 24 2.32 -4.17 -2.64
N TYR A 25 2.57 -3.95 -1.36
CA TYR A 25 3.89 -3.63 -0.88
C TYR A 25 4.41 -4.74 0.01
N LEU A 26 5.72 -4.93 0.01
CA LEU A 26 6.34 -5.93 0.84
C LEU A 26 6.68 -5.28 2.16
N VAL A 27 6.87 -6.07 3.20
CA VAL A 27 7.22 -5.48 4.47
C VAL A 27 8.26 -6.28 5.24
N ARG A 28 9.46 -5.72 5.30
CA ARG A 28 10.53 -6.31 6.08
C ARG A 28 10.33 -5.87 7.49
N TRP A 29 9.33 -6.49 8.12
CA TRP A 29 8.95 -6.20 9.51
C TRP A 29 10.11 -5.68 10.32
N LYS A 30 10.28 -4.35 10.30
CA LYS A 30 11.33 -3.66 11.05
C LYS A 30 11.72 -4.42 12.33
N ASP A 31 10.73 -5.04 12.96
CA ASP A 31 10.96 -5.82 14.17
C ASP A 31 10.54 -7.28 13.93
N GLY A 32 11.13 -7.89 12.91
CA GLY A 32 10.80 -9.25 12.55
C GLY A 32 11.99 -10.04 12.03
N GLY A 33 11.71 -11.16 11.38
CA GLY A 33 12.77 -11.99 10.83
C GLY A 33 12.33 -12.75 9.61
N ASP A 34 11.36 -12.19 8.88
CA ASP A 34 10.84 -12.83 7.67
C ASP A 34 10.54 -11.80 6.59
N CYS A 35 10.03 -12.29 5.45
CA CYS A 35 9.69 -11.41 4.34
C CYS A 35 8.34 -11.79 3.74
N GLU A 36 7.35 -10.91 3.92
CA GLU A 36 6.01 -11.16 3.42
C GLU A 36 5.54 -10.00 2.54
N TRP A 37 4.39 -10.18 1.89
CA TRP A 37 3.83 -9.18 1.01
C TRP A 37 2.52 -8.63 1.55
N VAL A 38 2.22 -7.37 1.23
CA VAL A 38 0.99 -6.74 1.66
C VAL A 38 -0.11 -6.97 0.64
N LYS A 39 -1.36 -6.81 1.07
CA LYS A 39 -2.49 -7.02 0.17
C LYS A 39 -2.71 -5.84 -0.77
N GLY A 40 -2.19 -5.97 -1.98
CA GLY A 40 -2.35 -4.93 -2.97
C GLY A 40 -3.58 -5.14 -3.83
N VAL A 41 -4.69 -5.43 -3.18
CA VAL A 41 -5.96 -5.62 -3.88
C VAL A 41 -7.00 -4.62 -3.38
N HIS A 42 -6.58 -3.73 -2.48
CA HIS A 42 -7.47 -2.74 -1.91
C HIS A 42 -7.75 -1.65 -2.91
N VAL A 43 -8.66 -1.99 -3.82
CA VAL A 43 -9.09 -1.12 -4.90
C VAL A 43 -9.66 0.21 -4.42
N ALA A 44 -8.80 1.02 -3.83
CA ALA A 44 -9.18 2.33 -3.36
C ALA A 44 -8.94 3.33 -4.49
N GLU A 45 -9.52 3.03 -5.65
CA GLU A 45 -9.39 3.88 -6.83
C GLU A 45 -9.68 5.32 -6.48
N ASP A 46 -10.46 5.52 -5.42
CA ASP A 46 -10.80 6.86 -4.97
C ASP A 46 -9.56 7.55 -4.42
N VAL A 47 -8.86 6.87 -3.54
CA VAL A 47 -7.65 7.44 -2.94
C VAL A 47 -6.62 7.77 -4.01
N ALA A 48 -6.64 6.97 -5.08
CA ALA A 48 -5.75 7.11 -6.23
C ALA A 48 -6.27 8.19 -7.16
N LYS A 49 -7.51 8.02 -7.60
CA LYS A 49 -8.14 9.00 -8.46
C LYS A 49 -8.14 10.35 -7.75
N ASP A 50 -8.18 10.29 -6.43
CA ASP A 50 -8.17 11.47 -5.60
C ASP A 50 -6.73 11.83 -5.21
N TYR A 51 -5.84 10.84 -5.23
CA TYR A 51 -4.45 11.08 -4.89
C TYR A 51 -3.77 11.89 -5.98
N GLU A 52 -3.61 11.23 -7.13
CA GLU A 52 -2.95 11.82 -8.27
C GLU A 52 -3.93 12.64 -9.11
N ASP A 53 -5.05 12.03 -9.46
CA ASP A 53 -6.05 12.70 -10.28
C ASP A 53 -6.83 13.74 -9.48
N GLY A 54 -6.85 13.59 -8.15
CA GLY A 54 -7.55 14.53 -7.31
C GLY A 54 -6.92 15.91 -7.35
N LEU A 55 -5.60 15.97 -7.22
CA LEU A 55 -4.88 17.23 -7.24
C LEU A 55 -4.72 17.71 -8.69
N GLU A 56 -4.00 16.94 -9.48
CA GLU A 56 -3.77 17.29 -10.88
C GLU A 56 -4.96 16.86 -11.74
N TYR A 57 -6.13 17.41 -11.42
CA TYR A 57 -7.35 17.08 -12.14
C TYR A 57 -7.54 17.99 -13.35
N ALA B 1 1.29 -16.91 11.25
CA ALA B 1 2.12 -16.40 10.14
C ALA B 1 2.05 -14.87 10.05
N PRO B 2 2.97 -14.17 10.72
CA PRO B 2 3.02 -12.71 10.71
C PRO B 2 2.93 -12.12 9.30
N PRO B 3 1.76 -11.58 8.93
CA PRO B 3 1.55 -10.99 7.61
C PRO B 3 2.31 -9.68 7.43
N GLY B 4 3.10 -9.59 6.36
CA GLY B 4 3.86 -8.38 6.11
C GLY B 4 2.97 -7.19 5.85
N THR B 5 2.73 -6.39 6.88
CA THR B 5 1.86 -5.22 6.75
C THR B 5 2.21 -4.13 7.76
N ALA B 6 2.01 -2.88 7.36
CA ALA B 6 2.27 -1.73 8.22
C ALA B 6 1.30 -0.59 7.89
N ARG B 7 1.67 0.25 6.92
CA ARG B 7 0.83 1.37 6.52
C ARG B 7 -0.32 0.88 5.64
N ARG B 8 -0.84 1.75 4.78
CA ARG B 8 -1.95 1.38 3.89
C ARG B 8 -3.00 0.53 4.62
N LYS B 9 -3.75 1.16 5.50
CA LYS B 9 -4.78 0.44 6.26
C LYS B 9 -5.99 1.32 6.58
N ARG B 10 -6.51 2.02 5.56
CA ARG B 10 -7.69 2.87 5.76
C ARG B 10 -8.87 2.33 4.95
N LYS B 11 -8.57 1.60 3.88
CA LYS B 11 -9.59 1.02 3.03
C LYS B 11 -10.66 2.04 2.65
N ALA B 12 -10.32 2.88 1.68
CA ALA B 12 -11.26 3.89 1.21
C ALA B 12 -12.35 3.25 0.37
N ASP B 13 -11.99 2.14 -0.28
CA ASP B 13 -12.92 1.40 -1.11
C ASP B 13 -13.28 0.06 -0.47
N SER B 14 -13.50 0.08 0.84
CA SER B 14 -13.85 -1.12 1.58
C SER B 14 -15.08 -1.79 0.98
N GLY A 1 -1.15 11.49 -2.21
CA GLY A 1 -1.90 12.55 -2.93
C GLY A 1 -1.31 12.89 -4.28
N SER A 2 -0.75 11.89 -4.96
CA SER A 2 -0.14 12.09 -6.26
C SER A 2 0.42 10.79 -6.81
N GLN A 3 0.92 9.95 -5.92
CA GLN A 3 1.47 8.67 -6.33
C GLN A 3 0.36 7.63 -6.33
N VAL A 4 0.39 6.75 -7.32
CA VAL A 4 -0.63 5.72 -7.45
C VAL A 4 -0.24 4.49 -6.66
N PHE A 5 0.02 4.68 -5.37
CA PHE A 5 0.38 3.57 -4.49
C PHE A 5 0.77 4.07 -3.09
N GLU A 6 0.92 3.13 -2.17
CA GLU A 6 1.29 3.43 -0.79
C GLU A 6 2.08 2.26 -0.20
N TYR A 7 3.04 2.55 0.66
CA TYR A 7 3.85 1.49 1.24
C TYR A 7 3.27 0.97 2.54
N ALA A 8 2.78 -0.26 2.49
CA ALA A 8 2.23 -0.94 3.66
C ALA A 8 3.33 -1.76 4.31
N GLU A 9 4.46 -1.11 4.59
CA GLU A 9 5.60 -1.78 5.16
C GLU A 9 5.94 -1.29 6.56
N VAL A 10 6.65 -2.16 7.25
CA VAL A 10 7.09 -1.89 8.58
C VAL A 10 8.49 -1.30 8.58
N ASP A 11 9.32 -1.79 7.67
CA ASP A 11 10.68 -1.27 7.53
C ASP A 11 11.11 -1.15 6.06
N GLU A 12 10.71 -2.12 5.23
CA GLU A 12 11.14 -2.12 3.82
C GLU A 12 10.19 -2.89 2.90
N ILE A 13 10.16 -2.53 1.62
CA ILE A 13 9.30 -3.19 0.66
C ILE A 13 10.11 -3.65 -0.57
N VAL A 14 9.41 -4.05 -1.62
CA VAL A 14 10.05 -4.50 -2.85
C VAL A 14 9.15 -4.20 -4.05
N GLU A 15 7.95 -4.75 -4.02
CA GLU A 15 6.98 -4.53 -5.10
C GLU A 15 6.07 -3.37 -4.73
N LYS A 16 5.82 -2.46 -5.67
CA LYS A 16 4.98 -1.31 -5.40
C LYS A 16 4.25 -0.82 -6.66
N ARG A 17 3.05 -1.33 -6.93
CA ARG A 17 2.30 -0.91 -8.11
C ARG A 17 0.81 -1.07 -7.92
N GLY A 18 0.13 -0.02 -7.46
CA GLY A 18 -1.31 -0.14 -7.24
C GLY A 18 -2.07 1.15 -7.37
N LYS A 19 -2.96 1.35 -6.40
CA LYS A 19 -3.82 2.52 -6.34
C LYS A 19 -3.41 3.41 -5.16
N GLY A 20 -4.31 3.68 -4.22
CA GLY A 20 -3.96 4.46 -3.08
C GLY A 20 -3.56 3.52 -1.99
N LYS A 21 -4.34 2.47 -1.91
CA LYS A 21 -4.12 1.39 -0.96
C LYS A 21 -4.32 0.02 -1.64
N ASP A 22 -4.61 0.01 -2.95
CA ASP A 22 -4.83 -1.23 -3.69
C ASP A 22 -3.52 -1.80 -4.21
N VAL A 23 -2.44 -1.24 -3.76
CA VAL A 23 -1.12 -1.65 -4.16
C VAL A 23 -0.57 -2.72 -3.23
N GLU A 24 0.33 -3.52 -3.76
CA GLU A 24 0.96 -4.58 -2.98
C GLU A 24 2.40 -4.20 -2.64
N TYR A 25 2.68 -4.05 -1.36
CA TYR A 25 4.01 -3.70 -0.91
C TYR A 25 4.57 -4.79 -0.01
N LEU A 26 5.88 -4.96 -0.05
CA LEU A 26 6.54 -5.96 0.77
C LEU A 26 6.90 -5.33 2.10
N VAL A 27 7.06 -6.13 3.12
CA VAL A 27 7.40 -5.57 4.41
C VAL A 27 8.41 -6.39 5.20
N ARG A 28 9.58 -5.81 5.37
CA ARG A 28 10.59 -6.43 6.19
C ARG A 28 10.30 -6.00 7.59
N TRP A 29 9.27 -6.62 8.15
CA TRP A 29 8.78 -6.34 9.49
C TRP A 29 9.85 -5.76 10.39
N LYS A 30 9.94 -4.43 10.37
CA LYS A 30 10.90 -3.69 11.22
C LYS A 30 11.22 -4.43 12.52
N ASP A 31 10.21 -5.11 13.07
CA ASP A 31 10.39 -5.88 14.30
C ASP A 31 10.11 -7.36 14.02
N GLY A 32 10.81 -7.90 13.02
CA GLY A 32 10.62 -9.29 12.65
C GLY A 32 11.88 -9.92 12.08
N GLY A 33 11.70 -11.02 11.36
CA GLY A 33 12.82 -11.71 10.76
C GLY A 33 12.43 -12.43 9.48
N ASP A 34 11.43 -11.90 8.78
CA ASP A 34 10.95 -12.49 7.54
C ASP A 34 10.54 -11.42 6.54
N CYS A 35 10.14 -11.84 5.35
CA CYS A 35 9.72 -10.91 4.30
C CYS A 35 8.48 -11.44 3.59
N GLU A 36 7.43 -10.62 3.55
CA GLU A 36 6.18 -10.99 2.89
C GLU A 36 5.56 -9.80 2.18
N TRP A 37 4.61 -10.08 1.28
CA TRP A 37 3.93 -9.04 0.54
C TRP A 37 2.62 -8.62 1.21
N VAL A 38 2.28 -7.35 1.08
CA VAL A 38 1.04 -6.84 1.65
C VAL A 38 -0.08 -6.96 0.62
N LYS A 39 -1.32 -6.90 1.11
CA LYS A 39 -2.46 -7.04 0.23
C LYS A 39 -2.61 -5.88 -0.73
N GLY A 40 -2.37 -6.16 -2.01
CA GLY A 40 -2.50 -5.16 -3.04
C GLY A 40 -3.83 -5.25 -3.76
N VAL A 41 -4.88 -5.49 -2.99
CA VAL A 41 -6.22 -5.58 -3.53
C VAL A 41 -7.11 -4.48 -2.94
N HIS A 42 -6.53 -3.61 -2.13
CA HIS A 42 -7.29 -2.54 -1.50
C HIS A 42 -7.65 -1.47 -2.49
N VAL A 43 -8.65 -1.82 -3.29
CA VAL A 43 -9.17 -0.96 -4.35
C VAL A 43 -9.70 0.36 -3.83
N ALA A 44 -8.77 1.21 -3.43
CA ALA A 44 -9.10 2.55 -2.99
C ALA A 44 -9.02 3.50 -4.17
N GLU A 45 -9.68 3.10 -5.27
CA GLU A 45 -9.69 3.86 -6.51
C GLU A 45 -9.87 5.34 -6.23
N ASP A 46 -10.57 5.65 -5.15
CA ASP A 46 -10.81 7.03 -4.77
C ASP A 46 -9.50 7.68 -4.33
N VAL A 47 -8.76 6.97 -3.50
CA VAL A 47 -7.49 7.48 -3.01
C VAL A 47 -6.56 7.76 -4.19
N ALA A 48 -6.54 6.82 -5.13
CA ALA A 48 -5.74 6.86 -6.35
C ALA A 48 -6.26 7.93 -7.31
N LYS A 49 -7.52 7.82 -7.70
CA LYS A 49 -8.11 8.79 -8.61
C LYS A 49 -8.00 10.19 -8.02
N ASP A 50 -8.05 10.26 -6.71
CA ASP A 50 -7.93 11.53 -6.01
C ASP A 50 -6.47 11.80 -5.65
N TYR A 51 -5.65 10.75 -5.65
CA TYR A 51 -4.24 10.89 -5.33
C TYR A 51 -3.52 11.54 -6.48
N GLU A 52 -3.53 10.84 -7.60
CA GLU A 52 -2.86 11.28 -8.81
C GLU A 52 -3.79 12.12 -9.69
N ASP A 53 -4.97 11.58 -9.96
CA ASP A 53 -5.96 12.25 -10.79
C ASP A 53 -6.62 13.41 -10.04
N GLY A 54 -6.55 13.37 -8.72
CA GLY A 54 -7.14 14.43 -7.91
C GLY A 54 -6.42 15.74 -8.10
N LEU A 55 -5.08 15.69 -8.11
CA LEU A 55 -4.27 16.88 -8.29
C LEU A 55 -4.15 17.23 -9.77
N GLU A 56 -3.55 16.32 -10.53
CA GLU A 56 -3.38 16.52 -11.97
C GLU A 56 -4.60 16.04 -12.73
N TYR A 57 -5.75 16.65 -12.45
CA TYR A 57 -6.99 16.27 -13.11
C TYR A 57 -7.10 16.91 -14.49
N ALA B 1 -1.16 -16.42 9.36
CA ALA B 1 -0.40 -15.28 9.95
C ALA B 1 0.83 -14.96 9.11
N PRO B 2 0.71 -14.02 8.15
CA PRO B 2 1.81 -13.62 7.28
C PRO B 2 2.86 -12.77 8.01
N PRO B 3 4.07 -13.32 8.25
CA PRO B 3 5.14 -12.60 8.94
C PRO B 3 5.79 -11.55 8.05
N GLY B 4 4.99 -10.55 7.64
CA GLY B 4 5.51 -9.50 6.79
C GLY B 4 4.42 -8.65 6.17
N THR B 5 3.85 -7.77 6.99
CA THR B 5 2.78 -6.89 6.53
C THR B 5 2.74 -5.58 7.30
N ALA B 6 1.99 -4.62 6.77
CA ALA B 6 1.85 -3.32 7.41
C ALA B 6 0.63 -2.58 6.86
N ARG B 7 0.53 -1.29 7.12
CA ARG B 7 -0.61 -0.50 6.64
C ARG B 7 -0.26 0.97 6.50
N ARG B 8 -0.24 1.44 5.26
CA ARG B 8 0.06 2.84 4.97
C ARG B 8 -0.90 3.79 5.67
N LYS B 9 -2.20 3.51 5.58
CA LYS B 9 -3.20 4.36 6.21
C LYS B 9 -4.44 3.56 6.59
N ARG B 10 -5.47 4.27 7.05
CA ARG B 10 -6.72 3.63 7.44
C ARG B 10 -7.26 2.78 6.31
N LYS B 11 -6.96 3.19 5.08
CA LYS B 11 -7.40 2.50 3.88
C LYS B 11 -8.81 2.92 3.51
N ALA B 12 -8.91 3.83 2.54
CA ALA B 12 -10.19 4.34 2.08
C ALA B 12 -11.17 3.20 1.79
N ASP B 13 -10.64 2.03 1.50
CA ASP B 13 -11.47 0.87 1.21
C ASP B 13 -11.39 -0.16 2.34
N SER B 14 -11.56 0.31 3.57
CA SER B 14 -11.51 -0.56 4.74
C SER B 14 -12.79 -1.37 4.88
N GLY A 1 -0.93 11.39 -2.14
CA GLY A 1 -1.65 12.48 -2.87
C GLY A 1 -1.01 12.80 -4.21
N SER A 2 -0.51 11.78 -4.90
CA SER A 2 0.13 11.97 -6.20
C SER A 2 0.66 10.66 -6.74
N GLN A 3 1.11 9.78 -5.85
CA GLN A 3 1.62 8.49 -6.25
C GLN A 3 0.48 7.49 -6.31
N VAL A 4 0.52 6.62 -7.31
CA VAL A 4 -0.51 5.61 -7.49
C VAL A 4 -0.17 4.35 -6.73
N PHE A 5 0.20 4.51 -5.46
CA PHE A 5 0.55 3.37 -4.62
C PHE A 5 1.04 3.82 -3.24
N GLU A 6 0.75 3.02 -2.23
CA GLU A 6 1.19 3.32 -0.86
C GLU A 6 1.94 2.14 -0.26
N TYR A 7 2.96 2.45 0.53
CA TYR A 7 3.75 1.41 1.15
C TYR A 7 3.18 1.01 2.50
N ALA A 8 2.69 -0.21 2.55
CA ALA A 8 2.12 -0.75 3.77
C ALA A 8 3.12 -1.69 4.43
N GLU A 9 4.31 -1.17 4.71
CA GLU A 9 5.36 -1.96 5.32
C GLU A 9 5.76 -1.46 6.67
N VAL A 10 6.48 -2.32 7.36
CA VAL A 10 6.92 -2.02 8.68
C VAL A 10 8.29 -1.35 8.68
N ASP A 11 9.12 -1.68 7.69
CA ASP A 11 10.45 -1.08 7.57
C ASP A 11 10.92 -0.98 6.12
N GLU A 12 10.58 -1.97 5.29
CA GLU A 12 11.02 -1.96 3.89
C GLU A 12 10.06 -2.71 2.98
N ILE A 13 10.19 -2.52 1.68
CA ILE A 13 9.33 -3.19 0.71
C ILE A 13 10.14 -3.62 -0.52
N VAL A 14 9.44 -4.06 -1.56
CA VAL A 14 10.09 -4.48 -2.80
C VAL A 14 9.16 -4.21 -3.99
N GLU A 15 7.94 -4.71 -3.89
CA GLU A 15 6.95 -4.51 -4.94
C GLU A 15 6.11 -3.28 -4.63
N LYS A 16 5.83 -2.47 -5.65
CA LYS A 16 5.04 -1.26 -5.44
C LYS A 16 4.29 -0.88 -6.72
N ARG A 17 3.07 -1.39 -6.88
CA ARG A 17 2.30 -1.09 -8.10
C ARG A 17 0.81 -1.23 -7.83
N GLY A 18 0.14 -0.16 -7.42
CA GLY A 18 -1.27 -0.27 -7.14
C GLY A 18 -2.05 1.02 -7.33
N LYS A 19 -2.84 1.33 -6.31
CA LYS A 19 -3.68 2.51 -6.29
C LYS A 19 -3.28 3.40 -5.11
N GLY A 20 -4.23 3.71 -4.22
CA GLY A 20 -3.91 4.49 -3.06
C GLY A 20 -3.60 3.56 -1.94
N LYS A 21 -4.39 2.50 -1.90
CA LYS A 21 -4.23 1.44 -0.93
C LYS A 21 -4.39 0.05 -1.59
N ASP A 22 -4.62 0.02 -2.90
CA ASP A 22 -4.78 -1.24 -3.63
C ASP A 22 -3.46 -1.79 -4.08
N VAL A 23 -2.39 -1.21 -3.60
CA VAL A 23 -1.07 -1.65 -3.97
C VAL A 23 -0.56 -2.74 -3.04
N GLU A 24 0.29 -3.58 -3.58
CA GLU A 24 0.86 -4.68 -2.82
C GLU A 24 2.34 -4.42 -2.54
N TYR A 25 2.64 -3.98 -1.34
CA TYR A 25 4.00 -3.69 -0.94
C TYR A 25 4.54 -4.80 -0.05
N LEU A 26 5.85 -5.00 -0.07
CA LEU A 26 6.46 -6.02 0.76
C LEU A 26 6.84 -5.40 2.09
N VAL A 27 6.91 -6.20 3.13
CA VAL A 27 7.27 -5.64 4.42
C VAL A 27 8.28 -6.46 5.20
N ARG A 28 9.47 -5.90 5.30
CA ARG A 28 10.50 -6.49 6.10
C ARG A 28 10.24 -6.06 7.51
N TRP A 29 9.26 -6.72 8.11
CA TRP A 29 8.80 -6.44 9.46
C TRP A 29 9.88 -5.82 10.32
N LYS A 30 9.91 -4.48 10.30
CA LYS A 30 10.87 -3.68 11.08
C LYS A 30 11.35 -4.42 12.34
N ASP A 31 10.43 -5.15 12.97
CA ASP A 31 10.76 -5.92 14.16
C ASP A 31 10.46 -7.40 13.92
N GLY A 32 11.09 -7.97 12.89
CA GLY A 32 10.88 -9.35 12.54
C GLY A 32 12.10 -10.00 11.94
N GLY A 33 11.89 -11.11 11.23
CA GLY A 33 12.99 -11.82 10.60
C GLY A 33 12.59 -12.39 9.25
N ASP A 34 11.48 -11.90 8.69
CA ASP A 34 11.00 -12.37 7.40
C ASP A 34 10.52 -11.20 6.54
N CYS A 35 10.10 -11.51 5.33
CA CYS A 35 9.61 -10.49 4.41
C CYS A 35 8.48 -11.02 3.53
N GLU A 36 7.26 -10.55 3.78
CA GLU A 36 6.11 -10.99 3.01
C GLU A 36 5.47 -9.82 2.27
N TRP A 37 4.58 -10.15 1.34
CA TRP A 37 3.90 -9.14 0.54
C TRP A 37 2.61 -8.67 1.20
N VAL A 38 2.30 -7.40 1.01
CA VAL A 38 1.09 -6.81 1.56
C VAL A 38 -0.06 -6.98 0.57
N LYS A 39 -1.28 -6.84 1.05
CA LYS A 39 -2.44 -7.00 0.20
C LYS A 39 -2.67 -5.81 -0.72
N GLY A 40 -2.31 -6.00 -1.98
CA GLY A 40 -2.50 -4.97 -2.98
C GLY A 40 -3.80 -5.13 -3.73
N VAL A 41 -4.87 -5.36 -2.99
CA VAL A 41 -6.20 -5.49 -3.56
C VAL A 41 -7.12 -4.42 -2.98
N HIS A 42 -6.58 -3.57 -2.11
CA HIS A 42 -7.36 -2.52 -1.50
C HIS A 42 -7.67 -1.45 -2.52
N VAL A 43 -8.66 -1.78 -3.33
CA VAL A 43 -9.13 -0.94 -4.42
C VAL A 43 -9.59 0.44 -3.97
N ALA A 44 -8.63 1.25 -3.55
CA ALA A 44 -8.92 2.61 -3.13
C ALA A 44 -8.80 3.54 -4.33
N GLU A 45 -9.49 3.17 -5.41
CA GLU A 45 -9.47 3.95 -6.64
C GLU A 45 -9.68 5.42 -6.34
N ASP A 46 -10.37 5.69 -5.24
CA ASP A 46 -10.63 7.06 -4.82
C ASP A 46 -9.35 7.71 -4.33
N VAL A 47 -8.58 6.98 -3.54
CA VAL A 47 -7.32 7.50 -3.02
C VAL A 47 -6.36 7.75 -4.17
N ALA A 48 -6.36 6.82 -5.11
CA ALA A 48 -5.53 6.84 -6.31
C ALA A 48 -6.01 7.90 -7.29
N LYS A 49 -7.27 7.78 -7.69
CA LYS A 49 -7.86 8.76 -8.61
C LYS A 49 -7.74 10.15 -8.02
N ASP A 50 -7.77 10.20 -6.70
CA ASP A 50 -7.66 11.46 -5.98
C ASP A 50 -6.19 11.74 -5.63
N TYR A 51 -5.37 10.68 -5.63
CA TYR A 51 -3.96 10.83 -5.30
C TYR A 51 -3.20 11.45 -6.46
N GLU A 52 -3.13 10.69 -7.55
CA GLU A 52 -2.41 11.11 -8.75
C GLU A 52 -3.31 11.94 -9.65
N ASP A 53 -4.50 11.42 -9.91
CA ASP A 53 -5.47 12.09 -10.78
C ASP A 53 -6.17 13.23 -10.05
N GLY A 54 -6.14 13.18 -8.71
CA GLY A 54 -6.76 14.23 -7.93
C GLY A 54 -5.87 15.43 -7.76
N LEU A 55 -4.56 15.19 -7.71
CA LEU A 55 -3.58 16.25 -7.56
C LEU A 55 -3.39 16.99 -8.88
N GLU A 56 -2.78 16.32 -9.85
CA GLU A 56 -2.54 16.91 -11.17
C GLU A 56 -3.70 16.63 -12.11
N TYR A 57 -4.89 17.03 -11.67
CA TYR A 57 -6.10 16.83 -12.46
C TYR A 57 -6.18 17.83 -13.60
N ALA B 1 -2.50 -12.29 11.48
CA ALA B 1 -1.51 -11.25 11.10
C ALA B 1 -0.22 -11.88 10.56
N PRO B 2 -0.14 -12.06 9.23
CA PRO B 2 1.03 -12.67 8.59
C PRO B 2 2.33 -11.97 9.00
N PRO B 3 3.45 -12.71 9.00
CA PRO B 3 4.76 -12.17 9.37
C PRO B 3 5.45 -11.44 8.22
N GLY B 4 4.80 -10.39 7.73
CA GLY B 4 5.36 -9.63 6.62
C GLY B 4 4.32 -8.78 5.92
N THR B 5 3.52 -8.08 6.72
CA THR B 5 2.46 -7.23 6.18
C THR B 5 2.17 -6.04 7.11
N ALA B 6 1.54 -5.02 6.57
CA ALA B 6 1.19 -3.83 7.33
C ALA B 6 0.28 -2.91 6.51
N ARG B 7 -0.72 -3.51 5.85
CA ARG B 7 -1.68 -2.75 5.03
C ARG B 7 -2.05 -1.42 5.67
N ARG B 8 -2.07 -0.34 4.87
CA ARG B 8 -2.42 0.98 5.41
C ARG B 8 -3.63 0.88 6.34
N LYS B 9 -4.64 0.13 5.89
CA LYS B 9 -5.87 -0.11 6.68
C LYS B 9 -6.91 1.00 6.49
N ARG B 10 -6.48 2.16 6.02
CA ARG B 10 -7.40 3.27 5.80
C ARG B 10 -8.61 2.80 4.98
N LYS B 11 -8.37 1.83 4.11
CA LYS B 11 -9.41 1.26 3.26
C LYS B 11 -10.40 2.31 2.77
N ALA B 12 -9.87 3.36 2.16
CA ALA B 12 -10.70 4.45 1.64
C ALA B 12 -11.86 3.90 0.82
N ASP B 13 -11.64 2.74 0.23
CA ASP B 13 -12.66 2.08 -0.58
C ASP B 13 -13.15 0.81 0.10
N SER B 14 -13.57 0.95 1.35
CA SER B 14 -14.08 -0.18 2.12
C SER B 14 -15.22 -0.88 1.39
N GLY A 1 -1.92 11.79 -1.64
CA GLY A 1 -2.73 12.76 -2.43
C GLY A 1 -2.08 13.13 -3.75
N SER A 2 -1.47 12.14 -4.42
CA SER A 2 -0.81 12.37 -5.70
C SER A 2 -0.14 11.11 -6.22
N GLN A 3 0.28 10.24 -5.30
CA GLN A 3 0.93 9.00 -5.69
C GLN A 3 -0.09 7.91 -5.91
N VAL A 4 0.16 7.06 -6.90
CA VAL A 4 -0.73 5.97 -7.23
C VAL A 4 -0.32 4.70 -6.49
N PHE A 5 0.07 4.85 -5.23
CA PHE A 5 0.49 3.72 -4.43
C PHE A 5 0.92 4.16 -3.02
N GLU A 6 0.94 3.21 -2.09
CA GLU A 6 1.31 3.46 -0.69
C GLU A 6 2.09 2.26 -0.15
N TYR A 7 3.10 2.52 0.66
CA TYR A 7 3.89 1.45 1.24
C TYR A 7 3.31 0.96 2.55
N ALA A 8 2.82 -0.27 2.50
CA ALA A 8 2.22 -0.91 3.67
C ALA A 8 3.27 -1.78 4.36
N GLU A 9 4.47 -1.22 4.54
CA GLU A 9 5.56 -1.95 5.15
C GLU A 9 6.02 -1.34 6.46
N VAL A 10 6.77 -2.13 7.21
CA VAL A 10 7.25 -1.69 8.49
C VAL A 10 8.72 -1.29 8.44
N ASP A 11 9.44 -1.77 7.44
CA ASP A 11 10.84 -1.44 7.30
C ASP A 11 11.26 -1.30 5.84
N GLU A 12 10.82 -2.23 5.01
CA GLU A 12 11.21 -2.23 3.59
C GLU A 12 10.19 -2.95 2.71
N ILE A 13 10.24 -2.71 1.41
CA ILE A 13 9.31 -3.36 0.48
C ILE A 13 10.07 -3.89 -0.74
N VAL A 14 9.33 -4.28 -1.78
CA VAL A 14 9.93 -4.78 -3.01
C VAL A 14 9.03 -4.45 -4.19
N GLU A 15 7.78 -4.85 -4.08
CA GLU A 15 6.79 -4.57 -5.13
C GLU A 15 6.00 -3.33 -4.73
N LYS A 16 5.79 -2.41 -5.66
CA LYS A 16 5.05 -1.19 -5.35
C LYS A 16 4.34 -0.60 -6.58
N ARG A 17 3.13 -1.07 -6.89
CA ARG A 17 2.40 -0.56 -8.05
C ARG A 17 0.89 -0.73 -7.88
N GLY A 18 0.19 0.31 -7.41
CA GLY A 18 -1.24 0.16 -7.23
C GLY A 18 -2.02 1.44 -7.32
N LYS A 19 -2.85 1.66 -6.29
CA LYS A 19 -3.71 2.82 -6.19
C LYS A 19 -3.36 3.62 -4.92
N GLY A 20 -4.32 3.82 -4.03
CA GLY A 20 -4.05 4.53 -2.81
C GLY A 20 -3.64 3.55 -1.76
N LYS A 21 -4.32 2.43 -1.78
CA LYS A 21 -4.04 1.32 -0.89
C LYS A 21 -4.25 -0.03 -1.58
N ASP A 22 -4.58 -0.01 -2.89
CA ASP A 22 -4.79 -1.24 -3.65
C ASP A 22 -3.49 -1.74 -4.24
N VAL A 23 -2.40 -1.16 -3.79
CA VAL A 23 -1.09 -1.52 -4.24
C VAL A 23 -0.48 -2.63 -3.42
N GLU A 24 0.44 -3.35 -4.05
CA GLU A 24 1.13 -4.42 -3.37
C GLU A 24 2.46 -3.91 -2.86
N TYR A 25 2.74 -4.13 -1.58
CA TYR A 25 3.98 -3.70 -0.98
C TYR A 25 4.50 -4.77 -0.04
N LEU A 26 5.80 -4.98 -0.07
CA LEU A 26 6.44 -5.98 0.76
C LEU A 26 6.84 -5.35 2.07
N VAL A 27 7.00 -6.16 3.09
CA VAL A 27 7.38 -5.60 4.36
C VAL A 27 8.33 -6.48 5.16
N ARG A 28 9.54 -5.97 5.32
CA ARG A 28 10.53 -6.60 6.14
C ARG A 28 10.25 -6.09 7.52
N TRP A 29 9.08 -6.50 8.02
CA TRP A 29 8.55 -6.09 9.30
C TRP A 29 9.66 -5.70 10.27
N LYS A 30 9.99 -4.41 10.22
CA LYS A 30 11.03 -3.82 11.08
C LYS A 30 11.17 -4.55 12.42
N ASP A 31 10.04 -5.00 12.97
CA ASP A 31 10.05 -5.73 14.23
C ASP A 31 9.74 -7.21 13.98
N GLY A 32 10.50 -7.83 13.08
CA GLY A 32 10.30 -9.22 12.75
C GLY A 32 11.58 -9.93 12.34
N GLY A 33 11.47 -10.77 11.31
CA GLY A 33 12.62 -11.50 10.83
C GLY A 33 12.53 -11.77 9.34
N ASP A 34 11.36 -12.23 8.90
CA ASP A 34 11.13 -12.53 7.49
C ASP A 34 10.25 -11.44 6.87
N CYS A 35 10.22 -11.39 5.54
CA CYS A 35 9.42 -10.39 4.84
C CYS A 35 8.40 -11.05 3.92
N GLU A 36 7.20 -10.49 3.90
CA GLU A 36 6.13 -11.01 3.05
C GLU A 36 5.49 -9.86 2.28
N TRP A 37 4.65 -10.19 1.30
CA TRP A 37 3.99 -9.19 0.49
C TRP A 37 2.67 -8.76 1.12
N VAL A 38 2.34 -7.48 0.99
CA VAL A 38 1.10 -6.95 1.54
C VAL A 38 -0.02 -7.10 0.52
N LYS A 39 -1.24 -7.17 1.02
CA LYS A 39 -2.40 -7.33 0.16
C LYS A 39 -2.62 -6.11 -0.72
N GLY A 40 -2.25 -6.25 -1.99
CA GLY A 40 -2.42 -5.17 -2.93
C GLY A 40 -3.74 -5.25 -3.66
N VAL A 41 -4.78 -5.65 -2.95
CA VAL A 41 -6.11 -5.73 -3.52
C VAL A 41 -7.01 -4.69 -2.86
N HIS A 42 -6.41 -3.80 -2.05
CA HIS A 42 -7.17 -2.78 -1.37
C HIS A 42 -7.58 -1.70 -2.34
N VAL A 43 -8.62 -2.05 -3.10
CA VAL A 43 -9.17 -1.20 -4.14
C VAL A 43 -9.63 0.16 -3.63
N ALA A 44 -8.66 1.01 -3.34
CA ALA A 44 -8.95 2.36 -2.91
C ALA A 44 -8.96 3.29 -4.11
N GLU A 45 -9.69 2.87 -5.13
CA GLU A 45 -9.80 3.64 -6.37
C GLU A 45 -10.10 5.10 -6.07
N ASP A 46 -10.72 5.33 -4.93
CA ASP A 46 -11.05 6.68 -4.51
C ASP A 46 -9.80 7.40 -4.03
N VAL A 47 -9.00 6.72 -3.20
CA VAL A 47 -7.78 7.31 -2.68
C VAL A 47 -6.87 7.71 -3.84
N ALA A 48 -6.71 6.79 -4.78
CA ALA A 48 -5.90 6.94 -5.98
C ALA A 48 -6.52 7.95 -6.94
N LYS A 49 -7.76 7.69 -7.35
CA LYS A 49 -8.45 8.58 -8.26
C LYS A 49 -8.47 9.99 -7.69
N ASP A 50 -8.55 10.07 -6.37
CA ASP A 50 -8.54 11.36 -5.70
C ASP A 50 -7.12 11.78 -5.32
N TYR A 51 -6.22 10.80 -5.25
CA TYR A 51 -4.84 11.09 -4.90
C TYR A 51 -4.13 11.82 -6.01
N GLU A 52 -4.05 11.12 -7.14
CA GLU A 52 -3.39 11.66 -8.32
C GLU A 52 -4.37 12.39 -9.24
N ASP A 53 -5.47 11.73 -9.53
CA ASP A 53 -6.49 12.30 -10.40
C ASP A 53 -7.29 13.39 -9.69
N GLY A 54 -7.34 13.32 -8.36
CA GLY A 54 -8.07 14.31 -7.59
C GLY A 54 -7.47 15.69 -7.74
N LEU A 55 -6.15 15.78 -7.61
CA LEU A 55 -5.45 17.06 -7.71
C LEU A 55 -5.34 17.48 -9.18
N GLU A 56 -4.47 16.80 -9.92
CA GLU A 56 -4.28 17.10 -11.33
C GLU A 56 -5.42 16.52 -12.17
N TYR A 57 -6.63 16.99 -11.89
CA TYR A 57 -7.81 16.51 -12.61
C TYR A 57 -7.97 17.25 -13.93
N ALA B 1 4.65 -18.76 9.51
CA ALA B 1 3.90 -18.16 8.37
C ALA B 1 4.12 -16.65 8.31
N PRO B 2 5.25 -16.21 7.72
CA PRO B 2 5.57 -14.78 7.59
C PRO B 2 4.43 -13.99 6.96
N PRO B 3 3.78 -13.09 7.73
CA PRO B 3 2.68 -12.27 7.23
C PRO B 3 3.17 -11.05 6.47
N GLY B 4 4.24 -10.43 6.97
CA GLY B 4 4.80 -9.25 6.34
C GLY B 4 3.74 -8.22 6.00
N THR B 5 3.39 -7.39 6.97
CA THR B 5 2.38 -6.35 6.78
C THR B 5 2.62 -5.16 7.68
N ALA B 6 2.07 -4.01 7.29
CA ALA B 6 2.20 -2.78 8.07
C ALA B 6 0.99 -1.86 7.91
N ARG B 7 0.50 -1.74 6.68
CA ARG B 7 -0.66 -0.90 6.38
C ARG B 7 -0.27 0.57 6.40
N ARG B 8 -0.42 1.24 5.25
CA ARG B 8 -0.06 2.66 5.14
C ARG B 8 -1.08 3.55 5.85
N LYS B 9 -2.36 3.40 5.52
CA LYS B 9 -3.39 4.22 6.14
C LYS B 9 -4.61 3.38 6.54
N ARG B 10 -5.71 4.05 6.89
CA ARG B 10 -6.93 3.38 7.29
C ARG B 10 -7.28 2.25 6.33
N LYS B 11 -6.86 2.39 5.08
CA LYS B 11 -7.13 1.41 4.05
C LYS B 11 -8.58 1.51 3.58
N ALA B 12 -8.79 2.26 2.50
CA ALA B 12 -10.11 2.45 1.95
C ALA B 12 -10.35 1.58 0.74
N ASP B 13 -11.03 0.45 0.93
CA ASP B 13 -11.30 -0.46 -0.18
C ASP B 13 -12.80 -0.69 -0.34
N SER B 14 -13.56 0.40 -0.33
CA SER B 14 -15.01 0.33 -0.46
C SER B 14 -15.63 -0.41 0.72
N GLY A 1 0.88 13.12 -7.35
CA GLY A 1 -0.06 13.92 -8.20
C GLY A 1 -1.02 13.05 -8.99
N SER A 2 -0.70 11.77 -9.12
CA SER A 2 -1.54 10.85 -9.86
C SER A 2 -1.12 9.40 -9.58
N GLN A 3 0.16 9.13 -9.78
CA GLN A 3 0.70 7.81 -9.55
C GLN A 3 1.53 7.80 -8.27
N VAL A 4 1.01 7.16 -7.23
CA VAL A 4 1.71 7.13 -5.95
C VAL A 4 1.57 5.79 -5.23
N PHE A 5 0.33 5.39 -4.98
CA PHE A 5 0.06 4.15 -4.25
C PHE A 5 0.50 4.34 -2.80
N GLU A 6 0.76 3.25 -2.09
CA GLU A 6 1.17 3.34 -0.69
C GLU A 6 2.03 2.16 -0.26
N TYR A 7 2.96 2.41 0.65
CA TYR A 7 3.82 1.37 1.16
C TYR A 7 3.35 0.88 2.51
N ALA A 8 2.70 -0.26 2.51
CA ALA A 8 2.18 -0.86 3.74
C ALA A 8 3.23 -1.75 4.37
N GLU A 9 4.41 -1.19 4.60
CA GLU A 9 5.50 -1.94 5.18
C GLU A 9 5.91 -1.36 6.52
N VAL A 10 6.72 -2.13 7.24
CA VAL A 10 7.17 -1.70 8.52
C VAL A 10 8.63 -1.27 8.51
N ASP A 11 9.36 -1.66 7.48
CA ASP A 11 10.76 -1.29 7.37
C ASP A 11 11.19 -1.11 5.92
N GLU A 12 10.77 -2.03 5.06
CA GLU A 12 11.16 -1.99 3.65
C GLU A 12 10.14 -2.69 2.77
N ILE A 13 10.25 -2.52 1.46
CA ILE A 13 9.34 -3.17 0.52
C ILE A 13 10.13 -3.68 -0.69
N VAL A 14 9.40 -4.11 -1.73
CA VAL A 14 10.03 -4.60 -2.95
C VAL A 14 9.13 -4.31 -4.15
N GLU A 15 7.92 -4.85 -4.10
CA GLU A 15 6.96 -4.63 -5.16
C GLU A 15 6.08 -3.43 -4.82
N LYS A 16 5.86 -2.54 -5.77
CA LYS A 16 5.05 -1.36 -5.51
C LYS A 16 4.34 -0.89 -6.80
N ARG A 17 3.11 -1.37 -7.02
CA ARG A 17 2.38 -0.99 -8.23
C ARG A 17 0.87 -1.10 -8.04
N GLY A 18 0.23 -0.02 -7.60
CA GLY A 18 -1.20 -0.10 -7.41
C GLY A 18 -1.94 1.22 -7.60
N LYS A 19 -2.84 1.49 -6.67
CA LYS A 19 -3.66 2.69 -6.70
C LYS A 19 -3.21 3.69 -5.64
N GLY A 20 -3.78 3.57 -4.46
CA GLY A 20 -3.45 4.40 -3.34
C GLY A 20 -3.21 3.51 -2.17
N LYS A 21 -4.11 2.55 -2.04
CA LYS A 21 -4.03 1.52 -1.01
C LYS A 21 -4.27 0.14 -1.61
N ASP A 22 -4.60 0.07 -2.91
CA ASP A 22 -4.84 -1.18 -3.59
C ASP A 22 -3.57 -1.76 -4.17
N VAL A 23 -2.46 -1.16 -3.80
CA VAL A 23 -1.16 -1.58 -4.26
C VAL A 23 -0.56 -2.64 -3.34
N GLU A 24 0.36 -3.40 -3.88
CA GLU A 24 1.02 -4.44 -3.12
C GLU A 24 2.45 -4.03 -2.77
N TYR A 25 2.75 -4.01 -1.49
CA TYR A 25 4.07 -3.64 -1.01
C TYR A 25 4.60 -4.71 -0.06
N LEU A 26 5.91 -4.91 -0.10
CA LEU A 26 6.55 -5.90 0.75
C LEU A 26 6.90 -5.27 2.07
N VAL A 27 7.07 -6.09 3.08
CA VAL A 27 7.43 -5.55 4.37
C VAL A 27 8.40 -6.41 5.15
N ARG A 28 9.58 -5.87 5.33
CA ARG A 28 10.58 -6.50 6.15
C ARG A 28 10.27 -6.02 7.53
N TRP A 29 9.11 -6.48 7.99
CA TRP A 29 8.55 -6.11 9.27
C TRP A 29 9.61 -5.71 10.27
N LYS A 30 9.91 -4.41 10.26
CA LYS A 30 10.92 -3.81 11.17
C LYS A 30 11.05 -4.58 12.49
N ASP A 31 9.93 -5.09 12.99
CA ASP A 31 9.92 -5.86 14.22
C ASP A 31 9.59 -7.32 13.92
N GLY A 32 10.38 -7.93 13.04
CA GLY A 32 10.16 -9.31 12.66
C GLY A 32 11.44 -10.03 12.30
N GLY A 33 11.31 -11.11 11.54
CA GLY A 33 12.46 -11.87 11.11
C GLY A 33 12.28 -12.52 9.75
N ASP A 34 11.34 -11.97 8.98
CA ASP A 34 11.05 -12.49 7.65
C ASP A 34 10.60 -11.37 6.71
N CYS A 35 10.18 -11.75 5.51
CA CYS A 35 9.72 -10.78 4.52
C CYS A 35 8.59 -11.36 3.67
N GLU A 36 7.56 -10.56 3.44
CA GLU A 36 6.42 -10.99 2.64
C GLU A 36 5.78 -9.80 1.92
N TRP A 37 4.76 -10.07 1.11
CA TRP A 37 4.08 -9.04 0.37
C TRP A 37 2.79 -8.61 1.08
N VAL A 38 2.43 -7.34 0.92
CA VAL A 38 1.20 -6.83 1.52
C VAL A 38 0.04 -7.01 0.55
N LYS A 39 -1.17 -6.98 1.08
CA LYS A 39 -2.36 -7.17 0.28
C LYS A 39 -2.59 -5.99 -0.67
N GLY A 40 -2.27 -6.22 -1.94
CA GLY A 40 -2.47 -5.20 -2.95
C GLY A 40 -3.84 -5.29 -3.60
N VAL A 41 -4.85 -5.60 -2.80
CA VAL A 41 -6.22 -5.68 -3.30
C VAL A 41 -7.08 -4.61 -2.63
N HIS A 42 -6.45 -3.77 -1.81
CA HIS A 42 -7.17 -2.71 -1.12
C HIS A 42 -7.61 -1.66 -2.11
N VAL A 43 -8.68 -2.01 -2.80
CA VAL A 43 -9.26 -1.16 -3.84
C VAL A 43 -9.66 0.22 -3.33
N ALA A 44 -8.65 1.05 -3.13
CA ALA A 44 -8.88 2.41 -2.72
C ALA A 44 -8.98 3.29 -3.95
N GLU A 45 -9.87 2.89 -4.84
CA GLU A 45 -10.09 3.61 -6.09
C GLU A 45 -10.28 5.09 -5.82
N ASP A 46 -10.68 5.42 -4.60
CA ASP A 46 -10.86 6.81 -4.23
C ASP A 46 -9.51 7.52 -4.16
N VAL A 47 -8.56 6.91 -3.45
CA VAL A 47 -7.22 7.48 -3.30
C VAL A 47 -6.56 7.69 -4.65
N ALA A 48 -6.93 6.83 -5.60
CA ALA A 48 -6.43 6.84 -6.98
C ALA A 48 -7.26 7.77 -7.84
N LYS A 49 -8.55 7.50 -7.88
CA LYS A 49 -9.48 8.31 -8.64
C LYS A 49 -9.37 9.75 -8.21
N ASP A 50 -9.03 9.94 -6.93
CA ASP A 50 -8.85 11.27 -6.39
C ASP A 50 -7.40 11.69 -6.54
N TYR A 51 -6.50 10.71 -6.59
CA TYR A 51 -5.08 11.01 -6.73
C TYR A 51 -4.81 11.62 -8.09
N GLU A 52 -5.04 10.80 -9.10
CA GLU A 52 -4.78 11.19 -10.48
C GLU A 52 -6.01 11.83 -11.11
N ASP A 53 -7.14 11.15 -11.00
CA ASP A 53 -8.38 11.64 -11.58
C ASP A 53 -9.01 12.74 -10.71
N GLY A 54 -8.46 12.94 -9.51
CA GLY A 54 -8.98 13.99 -8.64
C GLY A 54 -8.29 15.31 -8.86
N LEU A 55 -6.99 15.27 -9.12
CA LEU A 55 -6.21 16.47 -9.38
C LEU A 55 -6.31 16.88 -10.84
N GLU A 56 -5.79 16.03 -11.72
CA GLU A 56 -5.84 16.29 -13.15
C GLU A 56 -7.10 15.71 -13.77
N TYR A 57 -8.24 16.16 -13.27
CA TYR A 57 -9.53 15.69 -13.76
C TYR A 57 -9.90 16.37 -15.07
N ALA B 1 0.40 -10.36 14.98
CA ALA B 1 0.18 -11.46 14.01
C ALA B 1 0.80 -11.14 12.64
N PRO B 2 0.60 -9.91 12.12
CA PRO B 2 1.15 -9.51 10.83
C PRO B 2 2.65 -9.80 10.73
N PRO B 3 3.03 -10.88 10.02
CA PRO B 3 4.42 -11.27 9.84
C PRO B 3 5.15 -10.37 8.84
N GLY B 4 4.56 -10.20 7.66
CA GLY B 4 5.15 -9.38 6.64
C GLY B 4 4.15 -8.44 5.99
N THR B 5 3.58 -7.56 6.78
CA THR B 5 2.60 -6.60 6.28
C THR B 5 2.58 -5.31 7.11
N ALA B 6 1.80 -4.33 6.65
CA ALA B 6 1.68 -3.05 7.34
C ALA B 6 0.57 -2.20 6.73
N ARG B 7 0.63 -0.89 6.94
CA ARG B 7 -0.38 0.03 6.41
C ARG B 7 0.13 1.47 6.41
N ARG B 8 0.12 2.11 5.25
CA ARG B 8 0.58 3.48 5.13
C ARG B 8 -0.45 4.47 5.65
N LYS B 9 -1.73 4.16 5.44
CA LYS B 9 -2.80 5.04 5.90
C LYS B 9 -3.96 4.22 6.47
N ARG B 10 -5.07 4.89 6.75
CA ARG B 10 -6.24 4.21 7.29
C ARG B 10 -6.63 3.03 6.41
N LYS B 11 -6.25 3.12 5.14
CA LYS B 11 -6.56 2.08 4.15
C LYS B 11 -8.02 2.18 3.73
N ALA B 12 -8.27 2.96 2.69
CA ALA B 12 -9.61 3.15 2.19
C ALA B 12 -9.95 2.11 1.12
N ASP B 13 -10.38 0.93 1.55
CA ASP B 13 -10.72 -0.13 0.61
C ASP B 13 -12.23 -0.36 0.60
N SER B 14 -12.89 0.17 -0.43
CA SER B 14 -14.33 0.04 -0.58
C SER B 14 -14.80 -1.39 -0.33
N GLY A 1 -0.36 13.14 -2.27
CA GLY A 1 -1.50 13.72 -3.04
C GLY A 1 -1.28 13.64 -4.55
N SER A 2 -0.94 12.45 -5.06
CA SER A 2 -0.69 12.27 -6.50
C SER A 2 -0.06 10.92 -6.84
N GLN A 3 0.38 10.16 -5.83
CA GLN A 3 0.97 8.86 -6.08
C GLN A 3 -0.12 7.80 -6.12
N VAL A 4 0.00 6.88 -7.06
CA VAL A 4 -0.99 5.84 -7.24
C VAL A 4 -0.55 4.57 -6.53
N PHE A 5 -0.04 4.73 -5.31
CA PHE A 5 0.42 3.59 -4.52
C PHE A 5 0.90 4.03 -3.14
N GLU A 6 0.82 3.12 -2.17
CA GLU A 6 1.26 3.40 -0.80
C GLU A 6 2.08 2.25 -0.26
N TYR A 7 3.10 2.56 0.54
CA TYR A 7 3.94 1.53 1.10
C TYR A 7 3.41 1.02 2.43
N ALA A 8 2.84 -0.18 2.40
CA ALA A 8 2.31 -0.81 3.60
C ALA A 8 3.41 -1.64 4.25
N GLU A 9 4.55 -1.00 4.50
CA GLU A 9 5.70 -1.66 5.06
C GLU A 9 6.04 -1.17 6.45
N VAL A 10 6.76 -2.02 7.15
CA VAL A 10 7.21 -1.72 8.49
C VAL A 10 8.63 -1.19 8.48
N ASP A 11 9.44 -1.73 7.56
CA ASP A 11 10.81 -1.28 7.40
C ASP A 11 11.23 -1.18 5.93
N GLU A 12 10.78 -2.13 5.11
CA GLU A 12 11.18 -2.14 3.70
C GLU A 12 10.19 -2.88 2.81
N ILE A 13 10.19 -2.57 1.51
CA ILE A 13 9.29 -3.21 0.56
C ILE A 13 10.09 -3.69 -0.65
N VAL A 14 9.37 -4.10 -1.70
CA VAL A 14 10.01 -4.58 -2.92
C VAL A 14 9.11 -4.28 -4.11
N GLU A 15 7.85 -4.67 -4.00
CA GLU A 15 6.88 -4.43 -5.05
C GLU A 15 6.06 -3.19 -4.73
N LYS A 16 5.78 -2.37 -5.73
CA LYS A 16 5.00 -1.15 -5.49
C LYS A 16 4.22 -0.72 -6.73
N ARG A 17 3.00 -1.24 -6.91
CA ARG A 17 2.18 -0.88 -8.07
C ARG A 17 0.69 -1.03 -7.77
N GLY A 18 0.04 0.04 -7.31
CA GLY A 18 -1.37 -0.08 -6.99
C GLY A 18 -2.17 1.20 -7.13
N LYS A 19 -2.93 1.50 -6.07
CA LYS A 19 -3.79 2.67 -6.00
C LYS A 19 -3.43 3.50 -4.75
N GLY A 20 -4.39 3.72 -3.86
CA GLY A 20 -4.11 4.46 -2.66
C GLY A 20 -3.68 3.49 -1.61
N LYS A 21 -4.37 2.37 -1.62
CA LYS A 21 -4.08 1.26 -0.73
C LYS A 21 -4.30 -0.09 -1.43
N ASP A 22 -4.57 -0.08 -2.75
CA ASP A 22 -4.78 -1.30 -3.51
C ASP A 22 -3.47 -1.85 -4.02
N VAL A 23 -2.39 -1.26 -3.56
CA VAL A 23 -1.07 -1.67 -3.97
C VAL A 23 -0.54 -2.78 -3.09
N GLU A 24 0.34 -3.59 -3.65
CA GLU A 24 0.93 -4.68 -2.92
C GLU A 24 2.38 -4.40 -2.63
N TYR A 25 2.64 -3.95 -1.41
CA TYR A 25 4.00 -3.62 -0.99
C TYR A 25 4.54 -4.71 -0.08
N LEU A 26 5.84 -4.90 -0.11
CA LEU A 26 6.48 -5.90 0.72
C LEU A 26 6.83 -5.27 2.05
N VAL A 27 6.99 -6.07 3.08
CA VAL A 27 7.33 -5.50 4.36
C VAL A 27 8.28 -6.35 5.17
N ARG A 28 9.50 -5.85 5.31
CA ARG A 28 10.48 -6.49 6.15
C ARG A 28 10.23 -6.01 7.54
N TRP A 29 9.17 -6.57 8.11
CA TRP A 29 8.69 -6.23 9.44
C TRP A 29 9.79 -5.72 10.33
N LYS A 30 9.97 -4.39 10.28
CA LYS A 30 10.98 -3.69 11.11
C LYS A 30 11.26 -4.42 12.42
N ASP A 31 10.22 -5.00 13.00
CA ASP A 31 10.35 -5.76 14.24
C ASP A 31 9.94 -7.21 14.02
N GLY A 32 10.58 -7.86 13.05
CA GLY A 32 10.27 -9.23 12.72
C GLY A 32 11.49 -10.04 12.36
N GLY A 33 11.35 -10.91 11.36
CA GLY A 33 12.47 -11.73 10.93
C GLY A 33 12.38 -12.07 9.45
N ASP A 34 11.20 -12.47 8.99
CA ASP A 34 11.00 -12.81 7.59
C ASP A 34 10.48 -11.62 6.79
N CYS A 35 10.15 -11.86 5.53
CA CYS A 35 9.64 -10.79 4.66
C CYS A 35 8.57 -11.34 3.71
N GLU A 36 7.41 -10.70 3.71
CA GLU A 36 6.31 -11.12 2.84
C GLU A 36 5.72 -9.91 2.10
N TRP A 37 4.71 -10.17 1.27
CA TRP A 37 4.07 -9.13 0.50
C TRP A 37 2.75 -8.68 1.13
N VAL A 38 2.40 -7.41 0.90
CA VAL A 38 1.15 -6.85 1.42
C VAL A 38 0.03 -7.06 0.41
N LYS A 39 -1.21 -6.94 0.87
CA LYS A 39 -2.35 -7.15 -0.01
C LYS A 39 -2.62 -5.96 -0.90
N GLY A 40 -2.26 -6.12 -2.17
CA GLY A 40 -2.48 -5.08 -3.15
C GLY A 40 -3.81 -5.23 -3.86
N VAL A 41 -4.85 -5.50 -3.09
CA VAL A 41 -6.19 -5.64 -3.62
C VAL A 41 -7.10 -4.58 -3.02
N HIS A 42 -6.54 -3.74 -2.14
CA HIS A 42 -7.32 -2.70 -1.50
C HIS A 42 -7.65 -1.60 -2.47
N VAL A 43 -8.62 -1.92 -3.31
CA VAL A 43 -9.10 -1.03 -4.36
C VAL A 43 -9.56 0.32 -3.85
N ALA A 44 -8.59 1.16 -3.55
CA ALA A 44 -8.86 2.51 -3.09
C ALA A 44 -8.87 3.43 -4.30
N GLU A 45 -9.63 3.02 -5.31
CA GLU A 45 -9.73 3.78 -6.55
C GLU A 45 -10.00 5.25 -6.25
N ASP A 46 -10.63 5.50 -5.12
CA ASP A 46 -10.93 6.87 -4.71
C ASP A 46 -9.67 7.50 -4.15
N VAL A 47 -8.96 6.76 -3.32
CA VAL A 47 -7.74 7.25 -2.73
C VAL A 47 -6.69 7.49 -3.80
N ALA A 48 -6.79 6.72 -4.89
CA ALA A 48 -5.88 6.78 -6.03
C ALA A 48 -6.39 7.71 -7.14
N LYS A 49 -7.58 7.42 -7.67
CA LYS A 49 -8.16 8.23 -8.75
C LYS A 49 -8.13 9.71 -8.39
N ASP A 50 -8.53 10.01 -7.17
CA ASP A 50 -8.54 11.38 -6.70
C ASP A 50 -7.12 11.77 -6.28
N TYR A 51 -6.29 10.75 -6.02
CA TYR A 51 -4.92 10.94 -5.66
C TYR A 51 -4.15 11.57 -6.79
N GLU A 52 -4.01 10.79 -7.86
CA GLU A 52 -3.26 11.21 -9.02
C GLU A 52 -4.12 12.02 -9.99
N ASP A 53 -5.30 11.49 -10.30
CA ASP A 53 -6.21 12.15 -11.22
C ASP A 53 -6.94 13.31 -10.55
N GLY A 54 -7.39 13.09 -9.31
CA GLY A 54 -8.10 14.14 -8.60
C GLY A 54 -7.36 15.46 -8.61
N LEU A 55 -6.08 15.42 -8.23
CA LEU A 55 -5.26 16.62 -8.20
C LEU A 55 -4.95 17.10 -9.61
N GLU A 56 -4.14 16.33 -10.33
CA GLU A 56 -3.76 16.67 -11.69
C GLU A 56 -4.84 16.24 -12.68
N TYR A 57 -6.03 16.83 -12.54
CA TYR A 57 -7.15 16.50 -13.41
C TYR A 57 -7.10 17.34 -14.69
N ALA B 1 -1.09 -14.29 12.95
CA ALA B 1 0.23 -13.64 12.71
C ALA B 1 0.24 -12.87 11.39
N PRO B 2 0.55 -11.56 11.43
CA PRO B 2 0.58 -10.72 10.23
C PRO B 2 1.73 -11.09 9.30
N PRO B 3 1.42 -11.68 8.12
CA PRO B 3 2.44 -12.08 7.16
C PRO B 3 3.01 -10.89 6.38
N GLY B 4 4.09 -10.32 6.90
CA GLY B 4 4.72 -9.18 6.25
C GLY B 4 3.71 -8.11 5.84
N THR B 5 3.32 -7.28 6.81
CA THR B 5 2.36 -6.22 6.56
C THR B 5 2.57 -5.04 7.50
N ALA B 6 2.05 -3.89 7.11
CA ALA B 6 2.16 -2.67 7.91
C ALA B 6 0.92 -1.80 7.73
N ARG B 7 0.52 -1.60 6.47
CA ARG B 7 -0.66 -0.81 6.15
C ARG B 7 -0.45 0.67 6.47
N ARG B 8 -0.52 1.51 5.43
CA ARG B 8 -0.35 2.95 5.61
C ARG B 8 -1.53 3.54 6.36
N LYS B 9 -2.74 3.11 6.02
CA LYS B 9 -3.95 3.61 6.67
C LYS B 9 -5.01 2.52 6.72
N ARG B 10 -6.23 2.90 7.07
CA ARG B 10 -7.33 1.95 7.14
C ARG B 10 -7.46 1.19 5.82
N LYS B 11 -6.99 1.80 4.74
CA LYS B 11 -7.06 1.20 3.42
C LYS B 11 -8.50 1.15 2.93
N ALA B 12 -8.90 2.18 2.19
CA ALA B 12 -10.25 2.25 1.65
C ALA B 12 -10.36 1.45 0.37
N ASP B 13 -11.25 0.47 0.33
CA ASP B 13 -11.44 -0.34 -0.86
C ASP B 13 -12.90 -0.35 -1.30
N SER B 14 -13.46 0.84 -1.46
CA SER B 14 -14.86 0.98 -1.89
C SER B 14 -15.26 2.44 -1.96
N GLY A 1 -0.42 12.74 -2.66
CA GLY A 1 -1.31 13.50 -3.57
C GLY A 1 -0.82 13.49 -5.01
N SER A 2 -0.38 12.32 -5.49
CA SER A 2 0.13 12.22 -6.86
C SER A 2 0.59 10.79 -7.19
N GLN A 3 1.06 10.07 -6.18
CA GLN A 3 1.52 8.70 -6.39
C GLN A 3 0.35 7.73 -6.27
N VAL A 4 0.22 6.84 -7.24
CA VAL A 4 -0.88 5.88 -7.25
C VAL A 4 -0.50 4.59 -6.53
N PHE A 5 -0.29 4.70 -5.21
CA PHE A 5 0.07 3.55 -4.38
C PHE A 5 0.59 4.00 -3.02
N GLU A 6 0.63 3.06 -2.08
CA GLU A 6 1.11 3.34 -0.73
C GLU A 6 1.90 2.14 -0.20
N TYR A 7 2.94 2.42 0.58
CA TYR A 7 3.76 1.36 1.13
C TYR A 7 3.24 0.89 2.48
N ALA A 8 2.62 -0.29 2.48
CA ALA A 8 2.11 -0.88 3.71
C ALA A 8 3.19 -1.73 4.35
N GLU A 9 4.34 -1.11 4.59
CA GLU A 9 5.48 -1.80 5.16
C GLU A 9 5.81 -1.32 6.54
N VAL A 10 6.60 -2.13 7.21
CA VAL A 10 7.03 -1.85 8.55
C VAL A 10 8.41 -1.22 8.55
N ASP A 11 9.27 -1.69 7.65
CA ASP A 11 10.61 -1.12 7.50
C ASP A 11 11.06 -1.07 6.04
N GLU A 12 10.67 -2.04 5.22
CA GLU A 12 11.11 -2.07 3.82
C GLU A 12 10.18 -2.85 2.90
N ILE A 13 10.13 -2.44 1.63
CA ILE A 13 9.28 -3.11 0.65
C ILE A 13 10.10 -3.57 -0.57
N VAL A 14 9.41 -4.02 -1.60
CA VAL A 14 10.07 -4.48 -2.82
C VAL A 14 9.18 -4.18 -4.03
N GLU A 15 7.91 -4.56 -3.92
CA GLU A 15 6.95 -4.32 -4.99
C GLU A 15 6.15 -3.06 -4.68
N LYS A 16 5.85 -2.28 -5.70
CA LYS A 16 5.08 -1.04 -5.50
C LYS A 16 4.27 -0.66 -6.75
N ARG A 17 3.08 -1.21 -6.90
CA ARG A 17 2.25 -0.92 -8.07
C ARG A 17 0.77 -1.10 -7.75
N GLY A 18 0.07 -0.03 -7.42
CA GLY A 18 -1.34 -0.18 -7.09
C GLY A 18 -2.19 1.03 -7.39
N LYS A 19 -2.97 1.41 -6.38
CA LYS A 19 -3.90 2.52 -6.46
C LYS A 19 -3.52 3.62 -5.48
N GLY A 20 -3.77 3.31 -4.24
CA GLY A 20 -3.47 4.15 -3.12
C GLY A 20 -3.22 3.25 -1.95
N LYS A 21 -4.14 2.32 -1.80
CA LYS A 21 -4.08 1.28 -0.80
C LYS A 21 -4.26 -0.11 -1.45
N ASP A 22 -4.57 -0.12 -2.77
CA ASP A 22 -4.75 -1.35 -3.52
C ASP A 22 -3.44 -1.88 -4.05
N VAL A 23 -2.36 -1.27 -3.61
CA VAL A 23 -1.04 -1.68 -4.03
C VAL A 23 -0.51 -2.80 -3.16
N GLU A 24 0.35 -3.60 -3.74
CA GLU A 24 0.93 -4.72 -3.01
C GLU A 24 2.40 -4.45 -2.70
N TYR A 25 2.65 -3.93 -1.50
CA TYR A 25 4.00 -3.61 -1.08
C TYR A 25 4.55 -4.70 -0.17
N LEU A 26 5.86 -4.90 -0.18
CA LEU A 26 6.47 -5.90 0.66
C LEU A 26 6.81 -5.26 1.99
N VAL A 27 6.96 -6.05 3.03
CA VAL A 27 7.29 -5.47 4.31
C VAL A 27 8.26 -6.30 5.12
N ARG A 28 9.47 -5.78 5.26
CA ARG A 28 10.46 -6.41 6.08
C ARG A 28 10.21 -5.96 7.48
N TRP A 29 9.22 -6.59 8.11
CA TRP A 29 8.77 -6.28 9.45
C TRP A 29 9.89 -5.68 10.29
N LYS A 30 9.94 -4.35 10.26
CA LYS A 30 10.93 -3.56 11.03
C LYS A 30 11.40 -4.29 12.30
N ASP A 31 10.46 -5.00 12.94
CA ASP A 31 10.76 -5.77 14.13
C ASP A 31 10.36 -7.23 13.94
N GLY A 32 10.91 -7.84 12.90
CA GLY A 32 10.60 -9.23 12.60
C GLY A 32 11.80 -10.03 12.14
N GLY A 33 11.54 -11.15 11.46
CA GLY A 33 12.60 -11.99 10.96
C GLY A 33 12.23 -12.68 9.66
N ASP A 34 11.25 -12.12 8.97
CA ASP A 34 10.79 -12.68 7.69
C ASP A 34 10.49 -11.57 6.70
N CYS A 35 10.00 -11.94 5.52
CA CYS A 35 9.68 -10.97 4.49
C CYS A 35 8.53 -11.47 3.60
N GLU A 36 7.37 -10.82 3.72
CA GLU A 36 6.21 -11.17 2.92
C GLU A 36 5.69 -9.98 2.13
N TRP A 37 4.59 -10.18 1.42
CA TRP A 37 3.99 -9.13 0.61
C TRP A 37 2.69 -8.61 1.21
N VAL A 38 2.37 -7.36 0.91
CA VAL A 38 1.15 -6.73 1.40
C VAL A 38 0.02 -7.00 0.42
N LYS A 39 -1.21 -6.83 0.88
CA LYS A 39 -2.36 -7.07 0.04
C LYS A 39 -2.65 -5.91 -0.88
N GLY A 40 -2.29 -6.09 -2.14
CA GLY A 40 -2.52 -5.08 -3.15
C GLY A 40 -3.87 -5.21 -3.81
N VAL A 41 -4.90 -5.43 -3.00
CA VAL A 41 -6.25 -5.54 -3.49
C VAL A 41 -7.13 -4.47 -2.85
N HIS A 42 -6.53 -3.63 -2.00
CA HIS A 42 -7.28 -2.57 -1.35
C HIS A 42 -7.62 -1.50 -2.34
N VAL A 43 -8.64 -1.81 -3.13
CA VAL A 43 -9.12 -0.94 -4.20
C VAL A 43 -9.50 0.45 -3.74
N ALA A 44 -8.48 1.25 -3.41
CA ALA A 44 -8.69 2.62 -3.02
C ALA A 44 -8.61 3.52 -4.24
N GLU A 45 -9.35 3.14 -5.27
CA GLU A 45 -9.38 3.87 -6.53
C GLU A 45 -9.52 5.36 -6.28
N ASP A 46 -10.15 5.69 -5.16
CA ASP A 46 -10.33 7.09 -4.77
C ASP A 46 -9.00 7.72 -4.45
N VAL A 47 -8.22 7.05 -3.61
CA VAL A 47 -6.91 7.55 -3.22
C VAL A 47 -6.03 7.75 -4.44
N ALA A 48 -6.26 6.93 -5.45
CA ALA A 48 -5.54 6.94 -6.73
C ALA A 48 -6.09 8.05 -7.62
N LYS A 49 -7.37 7.97 -7.93
CA LYS A 49 -8.00 9.00 -8.73
C LYS A 49 -7.82 10.35 -8.05
N ASP A 50 -7.68 10.30 -6.72
CA ASP A 50 -7.48 11.49 -5.92
C ASP A 50 -5.99 11.74 -5.75
N TYR A 51 -5.18 10.69 -5.89
CA TYR A 51 -3.74 10.83 -5.75
C TYR A 51 -3.17 11.54 -6.96
N GLU A 52 -3.18 10.80 -8.07
CA GLU A 52 -2.63 11.29 -9.32
C GLU A 52 -3.61 12.20 -10.06
N ASP A 53 -4.85 11.74 -10.17
CA ASP A 53 -5.89 12.48 -10.86
C ASP A 53 -6.48 13.58 -9.99
N GLY A 54 -6.29 13.47 -8.68
CA GLY A 54 -6.82 14.47 -7.77
C GLY A 54 -6.01 15.75 -7.79
N LEU A 55 -4.68 15.62 -7.81
CA LEU A 55 -3.81 16.78 -7.84
C LEU A 55 -3.77 17.39 -9.24
N GLU A 56 -3.27 16.61 -10.20
CA GLU A 56 -3.19 17.07 -11.58
C GLU A 56 -4.48 16.75 -12.31
N TYR A 57 -5.58 17.30 -11.82
CA TYR A 57 -6.89 17.08 -12.43
C TYR A 57 -7.11 18.00 -13.61
N ALA B 1 -2.09 -13.23 9.64
CA ALA B 1 -1.36 -14.50 9.34
C ALA B 1 -0.10 -14.24 8.51
N PRO B 2 -0.19 -13.40 7.45
CA PRO B 2 0.97 -13.09 6.61
C PRO B 2 2.21 -12.74 7.42
N PRO B 3 3.20 -13.64 7.47
CA PRO B 3 4.45 -13.42 8.22
C PRO B 3 5.36 -12.40 7.54
N GLY B 4 4.91 -11.14 7.50
CA GLY B 4 5.70 -10.11 6.87
C GLY B 4 4.86 -9.16 6.03
N THR B 5 3.91 -8.48 6.67
CA THR B 5 3.04 -7.55 5.98
C THR B 5 2.54 -6.43 6.90
N ALA B 6 1.83 -5.47 6.32
CA ALA B 6 1.28 -4.36 7.07
C ALA B 6 0.32 -3.53 6.20
N ARG B 7 -0.51 -4.25 5.43
CA ARG B 7 -1.47 -3.62 4.53
C ARG B 7 -2.16 -2.42 5.18
N ARG B 8 -2.27 -1.32 4.44
CA ARG B 8 -2.92 -0.13 4.95
C ARG B 8 -4.33 -0.49 5.42
N LYS B 9 -4.70 -0.01 6.60
CA LYS B 9 -6.02 -0.31 7.16
C LYS B 9 -6.91 0.92 7.22
N ARG B 10 -6.77 1.81 6.24
CA ARG B 10 -7.58 3.02 6.20
C ARG B 10 -8.77 2.82 5.25
N LYS B 11 -8.63 1.85 4.34
CA LYS B 11 -9.67 1.52 3.36
C LYS B 11 -10.41 2.77 2.87
N ALA B 12 -9.69 3.65 2.20
CA ALA B 12 -10.27 4.87 1.66
C ALA B 12 -11.49 4.52 0.80
N ASP B 13 -11.46 3.33 0.22
CA ASP B 13 -12.55 2.86 -0.62
C ASP B 13 -13.32 1.74 0.07
N SER B 14 -13.49 1.89 1.39
CA SER B 14 -14.21 0.89 2.17
C SER B 14 -15.62 0.70 1.65
N GLY A 1 0.01 12.42 -2.46
CA GLY A 1 -0.90 13.25 -3.30
C GLY A 1 -0.45 13.33 -4.75
N SER A 2 0.01 12.21 -5.31
CA SER A 2 0.48 12.17 -6.69
C SER A 2 0.95 10.78 -7.11
N GLN A 3 1.43 10.00 -6.15
CA GLN A 3 1.89 8.65 -6.45
C GLN A 3 0.74 7.67 -6.33
N VAL A 4 0.65 6.74 -7.26
CA VAL A 4 -0.44 5.77 -7.27
C VAL A 4 -0.10 4.52 -6.47
N PHE A 5 -0.08 4.67 -5.13
CA PHE A 5 0.23 3.54 -4.24
C PHE A 5 0.59 4.02 -2.83
N GLU A 6 0.83 3.07 -1.94
CA GLU A 6 1.20 3.36 -0.55
C GLU A 6 2.04 2.22 0.01
N TYR A 7 2.97 2.53 0.89
CA TYR A 7 3.82 1.51 1.48
C TYR A 7 3.20 0.96 2.75
N ALA A 8 2.73 -0.27 2.66
CA ALA A 8 2.11 -0.94 3.80
C ALA A 8 3.14 -1.78 4.55
N GLU A 9 4.39 -1.31 4.57
CA GLU A 9 5.44 -2.05 5.25
C GLU A 9 5.79 -1.46 6.58
N VAL A 10 6.68 -2.17 7.25
CA VAL A 10 7.11 -1.77 8.55
C VAL A 10 8.55 -1.28 8.56
N ASP A 11 9.29 -1.61 7.52
CA ASP A 11 10.69 -1.20 7.41
C ASP A 11 11.11 -1.02 5.96
N GLU A 12 10.71 -1.97 5.12
CA GLU A 12 11.09 -1.93 3.70
C GLU A 12 10.07 -2.66 2.84
N ILE A 13 10.18 -2.50 1.52
CA ILE A 13 9.27 -3.17 0.58
C ILE A 13 10.05 -3.62 -0.65
N VAL A 14 9.33 -4.04 -1.69
CA VAL A 14 9.97 -4.48 -2.92
C VAL A 14 9.05 -4.19 -4.11
N GLU A 15 7.85 -4.76 -4.06
CA GLU A 15 6.86 -4.54 -5.11
C GLU A 15 6.00 -3.34 -4.76
N LYS A 16 5.77 -2.46 -5.72
CA LYS A 16 4.96 -1.27 -5.47
C LYS A 16 4.25 -0.80 -6.73
N ARG A 17 3.07 -1.34 -7.01
CA ARG A 17 2.32 -0.97 -8.21
C ARG A 17 0.82 -1.17 -8.02
N GLY A 18 0.10 -0.10 -7.64
CA GLY A 18 -1.33 -0.24 -7.45
C GLY A 18 -2.10 1.04 -7.69
N LYS A 19 -2.93 1.38 -6.71
CA LYS A 19 -3.77 2.57 -6.74
C LYS A 19 -3.27 3.62 -5.76
N GLY A 20 -3.53 3.32 -4.51
CA GLY A 20 -3.13 4.14 -3.40
C GLY A 20 -2.97 3.23 -2.22
N LYS A 21 -3.98 2.41 -2.06
CA LYS A 21 -4.02 1.40 -1.02
C LYS A 21 -4.28 0.03 -1.66
N ASP A 22 -4.62 0.01 -2.96
CA ASP A 22 -4.87 -1.23 -3.68
C ASP A 22 -3.59 -1.81 -4.25
N VAL A 23 -2.48 -1.22 -3.87
CA VAL A 23 -1.19 -1.65 -4.30
C VAL A 23 -0.63 -2.69 -3.34
N GLU A 24 0.30 -3.48 -3.84
CA GLU A 24 0.90 -4.53 -3.03
C GLU A 24 2.35 -4.19 -2.71
N TYR A 25 2.63 -3.99 -1.43
CA TYR A 25 3.96 -3.66 -0.97
C TYR A 25 4.50 -4.78 -0.09
N LEU A 26 5.80 -4.98 -0.12
CA LEU A 26 6.43 -6.00 0.69
C LEU A 26 6.81 -5.37 2.00
N VAL A 27 7.01 -6.18 3.03
CA VAL A 27 7.33 -5.59 4.31
C VAL A 27 8.32 -6.41 5.13
N ARG A 28 9.51 -5.86 5.27
CA ARG A 28 10.52 -6.46 6.11
C ARG A 28 10.22 -6.02 7.52
N TRP A 29 9.11 -6.56 8.02
CA TRP A 29 8.59 -6.26 9.34
C TRP A 29 9.68 -5.81 10.29
N LYS A 30 9.89 -4.50 10.30
CA LYS A 30 10.91 -3.86 11.17
C LYS A 30 11.14 -4.65 12.46
N ASP A 31 10.08 -5.22 13.01
CA ASP A 31 10.17 -6.02 14.23
C ASP A 31 9.90 -7.49 13.92
N GLY A 32 10.66 -8.03 12.96
CA GLY A 32 10.49 -9.41 12.57
C GLY A 32 11.78 -10.04 12.08
N GLY A 33 11.65 -11.15 11.35
CA GLY A 33 12.82 -11.83 10.81
C GLY A 33 12.77 -11.95 9.30
N ASP A 34 11.58 -12.20 8.77
CA ASP A 34 11.40 -12.34 7.33
C ASP A 34 10.52 -11.21 6.79
N CYS A 35 10.35 -11.17 5.48
CA CYS A 35 9.54 -10.14 4.84
C CYS A 35 8.46 -10.75 3.94
N GLU A 36 7.22 -10.31 4.11
CA GLU A 36 6.11 -10.82 3.33
C GLU A 36 5.49 -9.74 2.46
N TRP A 37 4.68 -10.15 1.50
CA TRP A 37 4.01 -9.24 0.58
C TRP A 37 2.67 -8.77 1.15
N VAL A 38 2.37 -7.50 0.96
CA VAL A 38 1.11 -6.93 1.43
C VAL A 38 0.01 -7.13 0.39
N LYS A 39 -1.23 -7.05 0.83
CA LYS A 39 -2.36 -7.24 -0.07
C LYS A 39 -2.65 -6.04 -0.94
N GLY A 40 -2.33 -6.19 -2.23
CA GLY A 40 -2.57 -5.14 -3.21
C GLY A 40 -3.95 -5.24 -3.83
N VAL A 41 -4.95 -5.48 -3.00
CA VAL A 41 -6.33 -5.57 -3.46
C VAL A 41 -7.17 -4.48 -2.82
N HIS A 42 -6.56 -3.72 -1.90
CA HIS A 42 -7.24 -2.66 -1.19
C HIS A 42 -7.60 -1.55 -2.16
N VAL A 43 -8.68 -1.82 -2.88
CA VAL A 43 -9.20 -0.92 -3.91
C VAL A 43 -9.50 0.47 -3.41
N ALA A 44 -8.44 1.22 -3.15
CA ALA A 44 -8.54 2.60 -2.73
C ALA A 44 -8.47 3.51 -3.95
N GLU A 45 -9.27 3.18 -4.95
CA GLU A 45 -9.32 3.94 -6.20
C GLU A 45 -9.36 5.44 -5.94
N ASP A 46 -9.87 5.81 -4.78
CA ASP A 46 -9.97 7.21 -4.40
C ASP A 46 -8.58 7.77 -4.11
N VAL A 47 -7.81 7.02 -3.33
CA VAL A 47 -6.46 7.43 -2.99
C VAL A 47 -5.66 7.67 -4.26
N ALA A 48 -5.94 6.85 -5.27
CA ALA A 48 -5.31 6.91 -6.60
C ALA A 48 -5.91 8.03 -7.42
N LYS A 49 -7.22 7.96 -7.66
CA LYS A 49 -7.91 8.98 -8.41
C LYS A 49 -7.65 10.33 -7.79
N ASP A 50 -7.45 10.32 -6.47
CA ASP A 50 -7.16 11.55 -5.76
C ASP A 50 -5.66 11.76 -5.62
N TYR A 51 -4.89 10.68 -5.72
CA TYR A 51 -3.45 10.79 -5.63
C TYR A 51 -2.94 11.55 -6.83
N GLU A 52 -3.11 10.89 -7.97
CA GLU A 52 -2.67 11.43 -9.24
C GLU A 52 -3.65 12.44 -9.78
N ASP A 53 -4.83 11.94 -10.16
CA ASP A 53 -5.89 12.76 -10.70
C ASP A 53 -6.27 13.88 -9.74
N GLY A 54 -6.38 13.55 -8.46
CA GLY A 54 -6.74 14.54 -7.47
C GLY A 54 -5.85 15.75 -7.53
N LEU A 55 -4.55 15.53 -7.76
CA LEU A 55 -3.59 16.62 -7.86
C LEU A 55 -3.57 17.20 -9.27
N GLU A 56 -3.27 16.34 -10.23
CA GLU A 56 -3.23 16.76 -11.63
C GLU A 56 -4.60 16.58 -12.29
N TYR A 57 -5.60 17.26 -11.73
CA TYR A 57 -6.96 17.18 -12.25
C TYR A 57 -7.15 18.11 -13.44
N ALA B 1 -1.24 -12.11 3.18
CA ALA B 1 -0.42 -12.66 4.29
C ALA B 1 -0.41 -11.71 5.49
N PRO B 2 -1.55 -11.58 6.20
CA PRO B 2 -1.67 -10.71 7.35
C PRO B 2 -0.45 -10.80 8.28
N PRO B 3 -0.15 -12.01 8.79
CA PRO B 3 0.99 -12.21 9.69
C PRO B 3 2.32 -11.88 9.03
N GLY B 4 2.78 -10.65 9.18
CA GLY B 4 4.02 -10.23 8.58
C GLY B 4 3.90 -8.90 7.84
N THR B 5 2.80 -8.75 7.10
CA THR B 5 2.55 -7.54 6.33
C THR B 5 1.81 -6.49 7.16
N ALA B 6 1.68 -5.29 6.61
CA ALA B 6 1.00 -4.19 7.30
C ALA B 6 0.16 -3.35 6.34
N ARG B 7 -0.78 -4.00 5.65
CA ARG B 7 -1.66 -3.31 4.71
C ARG B 7 -2.27 -2.07 5.36
N ARG B 8 -2.18 -0.91 4.70
CA ARG B 8 -2.74 0.31 5.25
C ARG B 8 -4.19 0.07 5.67
N LYS B 9 -4.73 0.98 6.46
CA LYS B 9 -6.11 0.83 6.94
C LYS B 9 -6.91 2.13 6.87
N ARG B 10 -6.83 2.82 5.73
CA ARG B 10 -7.57 4.06 5.54
C ARG B 10 -8.83 3.79 4.73
N LYS B 11 -8.72 2.89 3.76
CA LYS B 11 -9.83 2.53 2.90
C LYS B 11 -10.52 3.77 2.34
N ALA B 12 -10.00 4.29 1.23
CA ALA B 12 -10.58 5.46 0.60
C ALA B 12 -11.66 5.05 -0.39
N ASP B 13 -11.53 3.85 -0.94
CA ASP B 13 -12.49 3.33 -1.91
C ASP B 13 -12.84 1.88 -1.61
N SER B 14 -13.97 1.43 -2.12
CA SER B 14 -14.42 0.06 -1.91
C SER B 14 -15.62 -0.26 -2.79
N GLY A 1 0.80 13.38 -7.94
CA GLY A 1 -0.33 14.07 -8.64
C GLY A 1 -1.29 13.11 -9.30
N SER A 2 -0.85 11.88 -9.50
CA SER A 2 -1.68 10.87 -10.14
C SER A 2 -1.27 9.47 -9.68
N GLN A 3 0.00 9.14 -9.91
CA GLN A 3 0.53 7.84 -9.52
C GLN A 3 1.31 7.97 -8.21
N VAL A 4 0.86 7.25 -7.19
CA VAL A 4 1.51 7.31 -5.89
C VAL A 4 1.45 5.98 -5.15
N PHE A 5 0.24 5.45 -4.99
CA PHE A 5 0.06 4.19 -4.28
C PHE A 5 0.50 4.36 -2.83
N GLU A 6 0.73 3.27 -2.11
CA GLU A 6 1.13 3.36 -0.72
C GLU A 6 1.99 2.18 -0.29
N TYR A 7 3.03 2.45 0.50
CA TYR A 7 3.90 1.40 0.98
C TYR A 7 3.42 0.87 2.32
N ALA A 8 2.85 -0.34 2.30
CA ALA A 8 2.37 -0.98 3.50
C ALA A 8 3.48 -1.77 4.14
N GLU A 9 4.54 -1.06 4.50
CA GLU A 9 5.73 -1.65 5.06
C GLU A 9 5.98 -1.24 6.49
N VAL A 10 6.60 -2.16 7.20
CA VAL A 10 6.94 -1.95 8.56
C VAL A 10 8.33 -1.31 8.64
N ASP A 11 9.19 -1.75 7.73
CA ASP A 11 10.55 -1.21 7.62
C ASP A 11 11.03 -1.15 6.17
N GLU A 12 10.59 -2.10 5.34
CA GLU A 12 11.00 -2.14 3.93
C GLU A 12 9.97 -2.83 3.04
N ILE A 13 10.02 -2.53 1.74
CA ILE A 13 9.12 -3.14 0.76
C ILE A 13 9.94 -3.72 -0.39
N VAL A 14 9.27 -4.09 -1.47
CA VAL A 14 9.93 -4.66 -2.65
C VAL A 14 9.13 -4.33 -3.89
N GLU A 15 7.90 -4.80 -3.91
CA GLU A 15 7.00 -4.55 -5.03
C GLU A 15 6.17 -3.30 -4.75
N LYS A 16 5.90 -2.53 -5.78
CA LYS A 16 5.10 -1.31 -5.62
C LYS A 16 4.36 -0.95 -6.91
N ARG A 17 3.12 -1.41 -7.06
CA ARG A 17 2.37 -1.12 -8.28
C ARG A 17 0.87 -1.16 -8.02
N GLY A 18 0.27 -0.04 -7.63
CA GLY A 18 -1.15 -0.06 -7.37
C GLY A 18 -1.86 1.26 -7.61
N LYS A 19 -2.76 1.57 -6.68
CA LYS A 19 -3.58 2.77 -6.72
C LYS A 19 -3.13 3.77 -5.66
N GLY A 20 -3.71 3.63 -4.48
CA GLY A 20 -3.38 4.46 -3.35
C GLY A 20 -3.17 3.55 -2.18
N LYS A 21 -4.09 2.62 -2.06
CA LYS A 21 -4.05 1.60 -1.03
C LYS A 21 -4.28 0.20 -1.65
N ASP A 22 -4.60 0.15 -2.95
CA ASP A 22 -4.84 -1.11 -3.64
C ASP A 22 -3.56 -1.69 -4.21
N VAL A 23 -2.45 -1.11 -3.79
CA VAL A 23 -1.15 -1.54 -4.24
C VAL A 23 -0.59 -2.65 -3.37
N GLU A 24 0.32 -3.41 -3.95
CA GLU A 24 0.94 -4.52 -3.24
C GLU A 24 2.39 -4.18 -2.91
N TYR A 25 2.66 -3.97 -1.63
CA TYR A 25 3.99 -3.65 -1.16
C TYR A 25 4.50 -4.69 -0.20
N LEU A 26 5.81 -4.84 -0.13
CA LEU A 26 6.39 -5.80 0.78
C LEU A 26 6.60 -5.14 2.12
N VAL A 27 6.67 -5.94 3.17
CA VAL A 27 6.86 -5.37 4.49
C VAL A 27 7.83 -6.20 5.33
N ARG A 28 9.07 -5.76 5.36
CA ARG A 28 10.08 -6.43 6.17
C ARG A 28 9.90 -5.98 7.59
N TRP A 29 8.96 -6.64 8.27
CA TRP A 29 8.60 -6.34 9.64
C TRP A 29 9.76 -5.77 10.43
N LYS A 30 9.85 -4.44 10.42
CA LYS A 30 10.90 -3.69 11.15
C LYS A 30 11.43 -4.45 12.38
N ASP A 31 10.52 -5.15 13.07
CA ASP A 31 10.90 -5.93 14.24
C ASP A 31 10.54 -7.40 14.02
N GLY A 32 11.08 -7.98 12.95
CA GLY A 32 10.80 -9.36 12.63
C GLY A 32 12.02 -10.10 12.15
N GLY A 33 11.84 -11.01 11.18
CA GLY A 33 12.94 -11.77 10.65
C GLY A 33 12.77 -12.08 9.18
N ASP A 34 11.60 -12.58 8.81
CA ASP A 34 11.30 -12.91 7.43
C ASP A 34 10.64 -11.74 6.72
N CYS A 35 10.32 -11.92 5.44
CA CYS A 35 9.68 -10.88 4.65
C CYS A 35 8.40 -11.38 4.00
N GLU A 36 7.36 -10.55 4.02
CA GLU A 36 6.07 -10.91 3.43
C GLU A 36 5.54 -9.77 2.57
N TRP A 37 4.63 -10.10 1.66
CA TRP A 37 4.04 -9.10 0.77
C TRP A 37 2.69 -8.62 1.29
N VAL A 38 2.37 -7.36 1.01
CA VAL A 38 1.09 -6.80 1.42
C VAL A 38 0.02 -7.06 0.37
N LYS A 39 -1.23 -6.99 0.78
CA LYS A 39 -2.33 -7.24 -0.14
C LYS A 39 -2.63 -6.05 -1.03
N GLY A 40 -2.33 -6.20 -2.30
CA GLY A 40 -2.57 -5.16 -3.27
C GLY A 40 -3.98 -5.22 -3.87
N VAL A 41 -4.95 -5.59 -3.04
CA VAL A 41 -6.33 -5.66 -3.48
C VAL A 41 -7.17 -4.58 -2.78
N HIS A 42 -6.51 -3.79 -1.92
CA HIS A 42 -7.19 -2.73 -1.20
C HIS A 42 -7.64 -1.66 -2.18
N VAL A 43 -8.71 -1.99 -2.87
CA VAL A 43 -9.29 -1.15 -3.89
C VAL A 43 -9.67 0.24 -3.41
N ALA A 44 -8.67 1.07 -3.22
CA ALA A 44 -8.88 2.45 -2.82
C ALA A 44 -8.98 3.30 -4.08
N GLU A 45 -9.84 2.85 -4.98
CA GLU A 45 -10.06 3.53 -6.26
C GLU A 45 -10.29 5.02 -6.05
N ASP A 46 -10.76 5.37 -4.85
CA ASP A 46 -10.99 6.76 -4.51
C ASP A 46 -9.67 7.51 -4.48
N VAL A 47 -8.69 6.97 -3.77
CA VAL A 47 -7.38 7.59 -3.65
C VAL A 47 -6.79 7.84 -5.04
N ALA A 48 -7.03 6.88 -5.92
CA ALA A 48 -6.58 6.89 -7.33
C ALA A 48 -7.43 7.83 -8.16
N LYS A 49 -8.73 7.53 -8.21
CA LYS A 49 -9.66 8.36 -8.96
C LYS A 49 -9.58 9.79 -8.46
N ASP A 50 -9.22 9.93 -7.18
CA ASP A 50 -9.06 11.24 -6.58
C ASP A 50 -7.62 11.70 -6.73
N TYR A 51 -6.70 10.74 -6.87
CA TYR A 51 -5.30 11.07 -7.03
C TYR A 51 -5.06 11.71 -8.38
N GLU A 52 -5.16 10.88 -9.41
CA GLU A 52 -4.94 11.31 -10.78
C GLU A 52 -6.16 11.98 -11.37
N ASP A 53 -7.31 11.35 -11.21
CA ASP A 53 -8.57 11.87 -11.74
C ASP A 53 -9.12 12.99 -10.87
N GLY A 54 -8.76 12.99 -9.59
CA GLY A 54 -9.23 14.01 -8.68
C GLY A 54 -8.50 15.33 -8.87
N LEU A 55 -7.17 15.28 -8.76
CA LEU A 55 -6.35 16.48 -8.91
C LEU A 55 -6.46 17.00 -10.34
N GLU A 56 -5.96 16.24 -11.30
CA GLU A 56 -6.01 16.63 -12.70
C GLU A 56 -7.31 16.18 -13.34
N TYR A 57 -8.41 16.64 -12.78
CA TYR A 57 -9.74 16.29 -13.29
C TYR A 57 -10.04 17.03 -14.58
N ALA B 1 -2.38 -15.05 10.46
CA ALA B 1 -1.87 -13.66 10.45
C ALA B 1 -0.79 -13.47 9.38
N PRO B 2 -0.80 -12.32 8.68
CA PRO B 2 0.18 -12.02 7.64
C PRO B 2 1.52 -11.57 8.20
N PRO B 3 2.57 -12.39 8.06
CA PRO B 3 3.91 -12.06 8.56
C PRO B 3 4.54 -10.89 7.80
N GLY B 4 3.91 -9.73 7.88
CA GLY B 4 4.43 -8.56 7.20
C GLY B 4 3.32 -7.61 6.76
N THR B 5 3.05 -6.61 7.59
CA THR B 5 2.01 -5.63 7.29
C THR B 5 2.25 -4.30 8.00
N ALA B 6 1.78 -3.22 7.39
CA ALA B 6 1.95 -1.89 7.97
C ALA B 6 0.81 -0.95 7.60
N ARG B 7 0.64 -0.69 6.30
CA ARG B 7 -0.41 0.20 5.82
C ARG B 7 -0.19 1.61 6.37
N ARG B 8 -0.21 2.61 5.49
CA ARG B 8 0.01 3.98 5.94
C ARG B 8 -1.01 4.97 5.37
N LYS B 9 -2.29 4.60 5.42
CA LYS B 9 -3.34 5.48 4.92
C LYS B 9 -4.67 5.18 5.62
N ARG B 10 -5.70 5.96 5.28
CA ARG B 10 -7.01 5.77 5.88
C ARG B 10 -7.63 4.46 5.41
N LYS B 11 -7.22 4.03 4.22
CA LYS B 11 -7.72 2.80 3.62
C LYS B 11 -9.11 3.04 3.04
N ALA B 12 -9.15 3.86 1.98
CA ALA B 12 -10.40 4.20 1.30
C ALA B 12 -11.34 3.00 1.19
N ASP B 13 -10.78 1.80 1.11
CA ASP B 13 -11.58 0.58 1.01
C ASP B 13 -11.53 -0.22 2.29
N SER B 14 -10.44 -0.10 3.03
CA SER B 14 -10.28 -0.82 4.30
C SER B 14 -10.62 -2.30 4.13
#